data_3B44
# 
_entry.id   3B44 
# 
_audit_conform.dict_name       mmcif_pdbx.dic 
_audit_conform.dict_version    5.377 
_audit_conform.dict_location   http://mmcif.pdb.org/dictionaries/ascii/mmcif_pdbx.dic 
# 
loop_
_database_2.database_id 
_database_2.database_code 
_database_2.pdbx_database_accession 
_database_2.pdbx_DOI 
PDB   3B44         pdb_00003b44 10.2210/pdb3b44/pdb 
RCSB  RCSB045054   ?            ?                   
WWPDB D_1000045054 ?            ?                   
# 
_pdbx_database_related.db_name        PDB 
_pdbx_database_related.db_id          3B45 
_pdbx_database_related.details        'wild type' 
_pdbx_database_related.content_type   unspecified 
# 
_pdbx_database_status.entry_id                        3B44 
_pdbx_database_status.deposit_site                    RCSB 
_pdbx_database_status.process_site                    RCSB 
_pdbx_database_status.recvd_initial_deposition_date   2007-10-23 
_pdbx_database_status.status_code                     REL 
_pdbx_database_status.status_code_sf                  REL 
_pdbx_database_status.status_code_mr                  ? 
_pdbx_database_status.SG_entry                        ? 
_pdbx_database_status.pdb_format_compatible           Y 
_pdbx_database_status.status_code_cs                  ? 
_pdbx_database_status.status_code_nmr_data            ? 
_pdbx_database_status.methods_development_category    ? 
# 
loop_
_audit_author.name 
_audit_author.pdbx_ordinal 
'Wang, Y.'    1 
'Maegawa, S.' 2 
'Akiyama, Y.' 3 
'Ha, Y.'      4 
# 
_citation.id                        primary 
_citation.title                     'The role of L1 loop in the mechanism of rhomboid intramembrane protease GlpG.' 
_citation.journal_abbrev            J.Mol.Biol. 
_citation.journal_volume            374 
_citation.page_first                1104 
_citation.page_last                 1113 
_citation.year                      2007 
_citation.journal_id_ASTM           JMOBAK 
_citation.country                   UK 
_citation.journal_id_ISSN           0022-2836 
_citation.journal_id_CSD            0070 
_citation.book_publisher            ? 
_citation.pdbx_database_id_PubMed   17976648 
_citation.pdbx_database_id_DOI      10.1016/j.jmb.2007.10.014 
# 
loop_
_citation_author.citation_id 
_citation_author.name 
_citation_author.ordinal 
_citation_author.identifier_ORCID 
primary 'Wang, Y.'    1 ? 
primary 'Maegawa, S.' 2 ? 
primary 'Akiyama, Y.' 3 ? 
primary 'Ha, Y.'      4 ? 
# 
_cell.length_a           110.7 
_cell.length_b           110.7 
_cell.length_c           127.5 
_cell.angle_alpha        90 
_cell.angle_beta         90 
_cell.angle_gamma        120 
_cell.entry_id           3B44 
_cell.pdbx_unique_axis   ? 
_cell.Z_PDB              18 
_cell.length_a_esd       ? 
_cell.length_b_esd       ? 
_cell.length_c_esd       ? 
_cell.angle_alpha_esd    ? 
_cell.angle_beta_esd     ? 
_cell.angle_gamma_esd    ? 
# 
_symmetry.space_group_name_H-M             'H 3 2' 
_symmetry.entry_id                         3B44 
_symmetry.pdbx_full_space_group_name_H-M   ? 
_symmetry.Int_Tables_number                155 
_symmetry.cell_setting                     ? 
_symmetry.space_group_name_Hall            ? 
# 
loop_
_entity.id 
_entity.type 
_entity.src_method 
_entity.pdbx_description 
_entity.formula_weight 
_entity.pdbx_number_of_molecules 
_entity.pdbx_ec 
_entity.pdbx_mutation 
_entity.pdbx_fragment 
_entity.details 
1 polymer     man glpG                           20228.002 1   ? W136A 'core TM fragment, residues 91-270' ? 
2 non-polymer man 'nonyl beta-D-glucopyranoside' 306.395   17  ? ?     ?                                   ? 
3 water       nat water                          18.015    127 ? ?     ?                                   ? 
# 
_entity_poly.entity_id                      1 
_entity_poly.type                           'polypeptide(L)' 
_entity_poly.nstd_linkage                   no 
_entity_poly.nstd_monomer                   no 
_entity_poly.pdbx_seq_one_letter_code       
;ERAGPVTWVMMIACVVVFIAMQILGDQEVMLWLAWPFDPTLKFEFARYFTHALMHFSLMHILFNLLWWWYLGGAVEKRLG
SGKLIVITLISALLSGYVQQKFSGPWFGGLSGVVYALMGYVWLRGERDPQSGIYLQRGLIIFALIWIVAGWFDLFGMSMA
NGAHIAGLAVGLAMAFVDSL
;
_entity_poly.pdbx_seq_one_letter_code_can   
;ERAGPVTWVMMIACVVVFIAMQILGDQEVMLWLAWPFDPTLKFEFARYFTHALMHFSLMHILFNLLWWWYLGGAVEKRLG
SGKLIVITLISALLSGYVQQKFSGPWFGGLSGVVYALMGYVWLRGERDPQSGIYLQRGLIIFALIWIVAGWFDLFGMSMA
NGAHIAGLAVGLAMAFVDSL
;
_entity_poly.pdbx_strand_id                 A 
_entity_poly.pdbx_target_identifier         ? 
# 
loop_
_entity_poly_seq.entity_id 
_entity_poly_seq.num 
_entity_poly_seq.mon_id 
_entity_poly_seq.hetero 
1 1   GLU n 
1 2   ARG n 
1 3   ALA n 
1 4   GLY n 
1 5   PRO n 
1 6   VAL n 
1 7   THR n 
1 8   TRP n 
1 9   VAL n 
1 10  MET n 
1 11  MET n 
1 12  ILE n 
1 13  ALA n 
1 14  CYS n 
1 15  VAL n 
1 16  VAL n 
1 17  VAL n 
1 18  PHE n 
1 19  ILE n 
1 20  ALA n 
1 21  MET n 
1 22  GLN n 
1 23  ILE n 
1 24  LEU n 
1 25  GLY n 
1 26  ASP n 
1 27  GLN n 
1 28  GLU n 
1 29  VAL n 
1 30  MET n 
1 31  LEU n 
1 32  TRP n 
1 33  LEU n 
1 34  ALA n 
1 35  TRP n 
1 36  PRO n 
1 37  PHE n 
1 38  ASP n 
1 39  PRO n 
1 40  THR n 
1 41  LEU n 
1 42  LYS n 
1 43  PHE n 
1 44  GLU n 
1 45  PHE n 
1 46  ALA n 
1 47  ARG n 
1 48  TYR n 
1 49  PHE n 
1 50  THR n 
1 51  HIS n 
1 52  ALA n 
1 53  LEU n 
1 54  MET n 
1 55  HIS n 
1 56  PHE n 
1 57  SER n 
1 58  LEU n 
1 59  MET n 
1 60  HIS n 
1 61  ILE n 
1 62  LEU n 
1 63  PHE n 
1 64  ASN n 
1 65  LEU n 
1 66  LEU n 
1 67  TRP n 
1 68  TRP n 
1 69  TRP n 
1 70  TYR n 
1 71  LEU n 
1 72  GLY n 
1 73  GLY n 
1 74  ALA n 
1 75  VAL n 
1 76  GLU n 
1 77  LYS n 
1 78  ARG n 
1 79  LEU n 
1 80  GLY n 
1 81  SER n 
1 82  GLY n 
1 83  LYS n 
1 84  LEU n 
1 85  ILE n 
1 86  VAL n 
1 87  ILE n 
1 88  THR n 
1 89  LEU n 
1 90  ILE n 
1 91  SER n 
1 92  ALA n 
1 93  LEU n 
1 94  LEU n 
1 95  SER n 
1 96  GLY n 
1 97  TYR n 
1 98  VAL n 
1 99  GLN n 
1 100 GLN n 
1 101 LYS n 
1 102 PHE n 
1 103 SER n 
1 104 GLY n 
1 105 PRO n 
1 106 TRP n 
1 107 PHE n 
1 108 GLY n 
1 109 GLY n 
1 110 LEU n 
1 111 SER n 
1 112 GLY n 
1 113 VAL n 
1 114 VAL n 
1 115 TYR n 
1 116 ALA n 
1 117 LEU n 
1 118 MET n 
1 119 GLY n 
1 120 TYR n 
1 121 VAL n 
1 122 TRP n 
1 123 LEU n 
1 124 ARG n 
1 125 GLY n 
1 126 GLU n 
1 127 ARG n 
1 128 ASP n 
1 129 PRO n 
1 130 GLN n 
1 131 SER n 
1 132 GLY n 
1 133 ILE n 
1 134 TYR n 
1 135 LEU n 
1 136 GLN n 
1 137 ARG n 
1 138 GLY n 
1 139 LEU n 
1 140 ILE n 
1 141 ILE n 
1 142 PHE n 
1 143 ALA n 
1 144 LEU n 
1 145 ILE n 
1 146 TRP n 
1 147 ILE n 
1 148 VAL n 
1 149 ALA n 
1 150 GLY n 
1 151 TRP n 
1 152 PHE n 
1 153 ASP n 
1 154 LEU n 
1 155 PHE n 
1 156 GLY n 
1 157 MET n 
1 158 SER n 
1 159 MET n 
1 160 ALA n 
1 161 ASN n 
1 162 GLY n 
1 163 ALA n 
1 164 HIS n 
1 165 ILE n 
1 166 ALA n 
1 167 GLY n 
1 168 LEU n 
1 169 ALA n 
1 170 VAL n 
1 171 GLY n 
1 172 LEU n 
1 173 ALA n 
1 174 MET n 
1 175 ALA n 
1 176 PHE n 
1 177 VAL n 
1 178 ASP n 
1 179 SER n 
1 180 LEU n 
# 
_entity_src_gen.entity_id                          1 
_entity_src_gen.pdbx_src_id                        1 
_entity_src_gen.pdbx_alt_source_flag               sample 
_entity_src_gen.pdbx_seq_type                      ? 
_entity_src_gen.pdbx_beg_seq_num                   ? 
_entity_src_gen.pdbx_end_seq_num                   ? 
_entity_src_gen.gene_src_common_name               ? 
_entity_src_gen.gene_src_genus                     Escherichia 
_entity_src_gen.pdbx_gene_src_gene                 glpG 
_entity_src_gen.gene_src_species                   ? 
_entity_src_gen.gene_src_strain                    ? 
_entity_src_gen.gene_src_tissue                    ? 
_entity_src_gen.gene_src_tissue_fraction           ? 
_entity_src_gen.gene_src_details                   ? 
_entity_src_gen.pdbx_gene_src_fragment             ? 
_entity_src_gen.pdbx_gene_src_scientific_name      'Escherichia coli' 
_entity_src_gen.pdbx_gene_src_ncbi_taxonomy_id     562 
_entity_src_gen.pdbx_gene_src_variant              ? 
_entity_src_gen.pdbx_gene_src_cell_line            ? 
_entity_src_gen.pdbx_gene_src_atcc                 ? 
_entity_src_gen.pdbx_gene_src_organ                ? 
_entity_src_gen.pdbx_gene_src_organelle            ? 
_entity_src_gen.pdbx_gene_src_cell                 ? 
_entity_src_gen.pdbx_gene_src_cellular_location    ? 
_entity_src_gen.host_org_common_name               ? 
_entity_src_gen.pdbx_host_org_scientific_name      'Escherichia coli BL21(DE3)' 
_entity_src_gen.pdbx_host_org_ncbi_taxonomy_id     469008 
_entity_src_gen.host_org_genus                     Escherichia 
_entity_src_gen.pdbx_host_org_gene                 ? 
_entity_src_gen.pdbx_host_org_organ                ? 
_entity_src_gen.host_org_species                   'Escherichia coli' 
_entity_src_gen.pdbx_host_org_tissue               ? 
_entity_src_gen.pdbx_host_org_tissue_fraction      ? 
_entity_src_gen.pdbx_host_org_strain               'BL21(DE3)' 
_entity_src_gen.pdbx_host_org_variant              ? 
_entity_src_gen.pdbx_host_org_cell_line            ? 
_entity_src_gen.pdbx_host_org_atcc                 ? 
_entity_src_gen.pdbx_host_org_culture_collection   ? 
_entity_src_gen.pdbx_host_org_cell                 ? 
_entity_src_gen.pdbx_host_org_organelle            ? 
_entity_src_gen.pdbx_host_org_cellular_location    ? 
_entity_src_gen.pdbx_host_org_vector_type          plasmid 
_entity_src_gen.pdbx_host_org_vector               ? 
_entity_src_gen.host_org_details                   ? 
_entity_src_gen.expression_system_id               ? 
_entity_src_gen.plasmid_name                       pET 
_entity_src_gen.plasmid_details                    ? 
_entity_src_gen.pdbx_description                   ? 
# 
_struct_ref.id                         1 
_struct_ref.db_name                    UNP 
_struct_ref.db_code                    GLPG_ECOLI 
_struct_ref.pdbx_db_accession          P09391 
_struct_ref.entity_id                  1 
_struct_ref.pdbx_seq_one_letter_code   
;ERAGPVTWVMMIACVVVFIAMQILGDQEVMLWLAWPFDPTLKFEFWRYFTHALMHFSLMHILFNLLWWWYLGGAVEKRLG
SGKLIVITLISALLSGYVQQKFSGPWFGGLSGVVYALMGYVWLRGERDPQSGIYLQRGLIIFALIWIVAGWFDLFGMSMA
NGAHIAGLAVGLAMAFVDSL
;
_struct_ref.pdbx_align_begin           91 
_struct_ref.pdbx_db_isoform            ? 
# 
_struct_ref_seq.align_id                      1 
_struct_ref_seq.ref_id                        1 
_struct_ref_seq.pdbx_PDB_id_code              3B44 
_struct_ref_seq.pdbx_strand_id                A 
_struct_ref_seq.seq_align_beg                 1 
_struct_ref_seq.pdbx_seq_align_beg_ins_code   ? 
_struct_ref_seq.seq_align_end                 180 
_struct_ref_seq.pdbx_seq_align_end_ins_code   ? 
_struct_ref_seq.pdbx_db_accession             P09391 
_struct_ref_seq.db_align_beg                  91 
_struct_ref_seq.pdbx_db_align_beg_ins_code    ? 
_struct_ref_seq.db_align_end                  270 
_struct_ref_seq.pdbx_db_align_end_ins_code    ? 
_struct_ref_seq.pdbx_auth_seq_align_beg       91 
_struct_ref_seq.pdbx_auth_seq_align_end       270 
# 
_struct_ref_seq_dif.align_id                     1 
_struct_ref_seq_dif.pdbx_pdb_id_code             3B44 
_struct_ref_seq_dif.mon_id                       ALA 
_struct_ref_seq_dif.pdbx_pdb_strand_id           A 
_struct_ref_seq_dif.seq_num                      46 
_struct_ref_seq_dif.pdbx_pdb_ins_code            ? 
_struct_ref_seq_dif.pdbx_seq_db_name             UNP 
_struct_ref_seq_dif.pdbx_seq_db_accession_code   P09391 
_struct_ref_seq_dif.db_mon_id                    TRP 
_struct_ref_seq_dif.pdbx_seq_db_seq_num          136 
_struct_ref_seq_dif.details                      'engineered mutation' 
_struct_ref_seq_dif.pdbx_auth_seq_num            136 
_struct_ref_seq_dif.pdbx_ordinal                 1 
# 
loop_
_chem_comp.id 
_chem_comp.type 
_chem_comp.mon_nstd_flag 
_chem_comp.name 
_chem_comp.pdbx_synonyms 
_chem_comp.formula 
_chem_comp.formula_weight 
ALA 'L-peptide linking' y ALANINE                        ? 'C3 H7 N O2'     89.093  
ARG 'L-peptide linking' y ARGININE                       ? 'C6 H15 N4 O2 1' 175.209 
ASN 'L-peptide linking' y ASPARAGINE                     ? 'C4 H8 N2 O3'    132.118 
ASP 'L-peptide linking' y 'ASPARTIC ACID'                ? 'C4 H7 N O4'     133.103 
BNG D-saccharide        n 'nonyl beta-D-glucopyranoside' 
'Beta-NONYLGLUCOSIDE; nonyl beta-D-glucoside; nonyl D-glucoside; nonyl glucoside' 'C15 H30 O6'     306.395 
CYS 'L-peptide linking' y CYSTEINE                       ? 'C3 H7 N O2 S'   121.158 
GLN 'L-peptide linking' y GLUTAMINE                      ? 'C5 H10 N2 O3'   146.144 
GLU 'L-peptide linking' y 'GLUTAMIC ACID'                ? 'C5 H9 N O4'     147.129 
GLY 'peptide linking'   y GLYCINE                        ? 'C2 H5 N O2'     75.067  
HIS 'L-peptide linking' y HISTIDINE                      ? 'C6 H10 N3 O2 1' 156.162 
HOH non-polymer         . WATER                          ? 'H2 O'           18.015  
ILE 'L-peptide linking' y ISOLEUCINE                     ? 'C6 H13 N O2'    131.173 
LEU 'L-peptide linking' y LEUCINE                        ? 'C6 H13 N O2'    131.173 
LYS 'L-peptide linking' y LYSINE                         ? 'C6 H15 N2 O2 1' 147.195 
MET 'L-peptide linking' y METHIONINE                     ? 'C5 H11 N O2 S'  149.211 
PHE 'L-peptide linking' y PHENYLALANINE                  ? 'C9 H11 N O2'    165.189 
PRO 'L-peptide linking' y PROLINE                        ? 'C5 H9 N O2'     115.130 
SER 'L-peptide linking' y SERINE                         ? 'C3 H7 N O3'     105.093 
THR 'L-peptide linking' y THREONINE                      ? 'C4 H9 N O3'     119.119 
TRP 'L-peptide linking' y TRYPTOPHAN                     ? 'C11 H12 N2 O2'  204.225 
TYR 'L-peptide linking' y TYROSINE                       ? 'C9 H11 N O3'    181.189 
VAL 'L-peptide linking' y VALINE                         ? 'C5 H11 N O2'    117.146 
# 
_exptl.crystals_number   1 
_exptl.entry_id          3B44 
_exptl.method            'X-RAY DIFFRACTION' 
# 
_exptl_crystal.id                    1 
_exptl_crystal.density_Matthews      3.72 
_exptl_crystal.density_meas          ? 
_exptl_crystal.density_percent_sol   66.90 
_exptl_crystal.description           ? 
_exptl_crystal.F_000                 ? 
_exptl_crystal.preparation           ? 
# 
_exptl_crystal_grow.crystal_id      1 
_exptl_crystal_grow.method          'VAPOR DIFFUSION, HANGING DROP' 
_exptl_crystal_grow.pH              8.5 
_exptl_crystal_grow.temp            300 
_exptl_crystal_grow.temp_details    ? 
_exptl_crystal_grow.pdbx_details    '3.5M NH4Cl, 100mM Tris-HCl pH 8.5, VAPOR DIFFUSION, HANGING DROP, temperature 300K' 
_exptl_crystal_grow.pdbx_pH_range   . 
# 
_diffrn.id                     1 
_diffrn.ambient_temp           100 
_diffrn.ambient_temp_details   ? 
_diffrn.crystal_id             1 
# 
_diffrn_detector.diffrn_id              1 
_diffrn_detector.detector               CCD 
_diffrn_detector.type                   ? 
_diffrn_detector.pdbx_collection_date   ? 
_diffrn_detector.details                ? 
# 
_diffrn_radiation.diffrn_id                        1 
_diffrn_radiation.wavelength_id                    1 
_diffrn_radiation.pdbx_diffrn_protocol             'SINGLE WAVELENGTH' 
_diffrn_radiation.monochromator                    ? 
_diffrn_radiation.pdbx_monochromatic_or_laue_m_l   M 
_diffrn_radiation.pdbx_scattering_type             x-ray 
# 
_diffrn_radiation_wavelength.id           1 
_diffrn_radiation_wavelength.wavelength   1.0809 
_diffrn_radiation_wavelength.wt           1.0 
# 
_diffrn_source.diffrn_id                   1 
_diffrn_source.source                      SYNCHROTRON 
_diffrn_source.type                        'NSLS BEAMLINE X29A' 
_diffrn_source.pdbx_wavelength             ? 
_diffrn_source.pdbx_wavelength_list        1.0809 
_diffrn_source.pdbx_synchrotron_site       NSLS 
_diffrn_source.pdbx_synchrotron_beamline   X29A 
# 
_reflns.entry_id                     3B44 
_reflns.observed_criterion_sigma_F   0 
_reflns.observed_criterion_sigma_I   0 
_reflns.d_resolution_high            1.7 
_reflns.d_resolution_low             40 
_reflns.number_all                   33222 
_reflns.number_obs                   33056 
_reflns.percent_possible_obs         99.5 
_reflns.pdbx_Rmerge_I_obs            0.064 
_reflns.pdbx_Rsym_value              ? 
_reflns.pdbx_netI_over_sigmaI        17.2 
_reflns.B_iso_Wilson_estimate        23.2 
_reflns.pdbx_redundancy              10.6 
_reflns.R_free_details               ? 
_reflns.limit_h_max                  ? 
_reflns.limit_h_min                  ? 
_reflns.limit_k_max                  ? 
_reflns.limit_k_min                  ? 
_reflns.limit_l_max                  ? 
_reflns.limit_l_min                  ? 
_reflns.observed_criterion_F_max     ? 
_reflns.observed_criterion_F_min     ? 
_reflns.pdbx_chi_squared             ? 
_reflns.pdbx_scaling_rejects         ? 
_reflns.pdbx_diffrn_id               1 
_reflns.pdbx_ordinal                 1 
# 
_reflns_shell.d_res_high             1.7 
_reflns_shell.d_res_low              1.76 
_reflns_shell.percent_possible_obs   ? 
_reflns_shell.percent_possible_all   99.5 
_reflns_shell.Rmerge_I_obs           0.284 
_reflns_shell.meanI_over_sigI_obs    4.1 
_reflns_shell.pdbx_Rsym_value        ? 
_reflns_shell.pdbx_redundancy        ? 
_reflns_shell.number_unique_all      ? 
_reflns_shell.number_measured_all    ? 
_reflns_shell.number_measured_obs    ? 
_reflns_shell.number_unique_obs      ? 
_reflns_shell.pdbx_chi_squared       ? 
_reflns_shell.pdbx_diffrn_id         ? 
_reflns_shell.pdbx_ordinal           1 
# 
_refine.entry_id                                 3B44 
_refine.B_iso_mean                               28.050 
_refine.pdbx_method_to_determine_struct          . 
_refine.ls_d_res_high                            1.7 
_refine.ls_d_res_low                             40 
_refine.pdbx_ls_sigma_F                          0 
_refine.pdbx_ls_sigma_I                          0 
_refine.ls_number_reflns_all                     33188 
_refine.ls_number_reflns_obs                     33056 
_refine.ls_number_reflns_R_free                  3300 
_refine.ls_percent_reflns_obs                    99.6 
_refine.ls_R_factor_all                          ? 
_refine.ls_R_factor_obs                          ? 
_refine.ls_R_factor_R_work                       0.200 
_refine.ls_R_factor_R_free                       0.217 
_refine.ls_redundancy_reflns_obs                 ? 
_refine.pdbx_data_cutoff_high_absF               ? 
_refine.pdbx_data_cutoff_low_absF                ? 
_refine.ls_number_parameters                     ? 
_refine.ls_number_restraints                     ? 
_refine.ls_percent_reflns_R_free                 ? 
_refine.ls_R_factor_R_free_error                 ? 
_refine.ls_R_factor_R_free_error_details         ? 
_refine.pdbx_starting_model                      2IC8 
_refine.pdbx_ls_cross_valid_method               THROUGHOUT 
_refine.pdbx_R_Free_selection_details            random 
_refine.pdbx_stereochem_target_val_spec_case     ? 
_refine.pdbx_stereochemistry_target_values       ? 
_refine.solvent_model_details                    ? 
_refine.solvent_model_param_bsol                 ? 
_refine.solvent_model_param_ksol                 ? 
_refine.occupancy_max                            ? 
_refine.occupancy_min                            ? 
_refine.pdbx_isotropic_thermal_model             isotropic 
_refine.aniso_B[1][1]                            ? 
_refine.aniso_B[1][2]                            ? 
_refine.aniso_B[1][3]                            ? 
_refine.aniso_B[2][2]                            ? 
_refine.aniso_B[2][3]                            ? 
_refine.aniso_B[3][3]                            ? 
_refine.details                                  ? 
_refine.B_iso_min                                ? 
_refine.B_iso_max                                ? 
_refine.correlation_coeff_Fo_to_Fc               ? 
_refine.correlation_coeff_Fo_to_Fc_free          ? 
_refine.pdbx_solvent_vdw_probe_radii             ? 
_refine.pdbx_solvent_ion_probe_radii             ? 
_refine.pdbx_solvent_shrinkage_radii             ? 
_refine.overall_SU_R_Cruickshank_DPI             ? 
_refine.overall_SU_R_free                        ? 
_refine.overall_SU_ML                            ? 
_refine.overall_SU_B                             ? 
_refine.pdbx_overall_ESU_R_Free                  ? 
_refine.pdbx_data_cutoff_high_rms_absF           ? 
_refine.pdbx_overall_ESU_R                       ? 
_refine.ls_wR_factor_R_free                      ? 
_refine.ls_wR_factor_R_work                      ? 
_refine.overall_FOM_free_R_set                   ? 
_refine.overall_FOM_work_R_set                   ? 
_refine.pdbx_refine_id                           'X-RAY DIFFRACTION' 
_refine.pdbx_diffrn_id                           1 
_refine.pdbx_TLS_residual_ADP_flag               ? 
_refine.pdbx_overall_phase_error                 ? 
_refine.pdbx_overall_SU_R_free_Cruickshank_DPI   ? 
_refine.pdbx_overall_SU_R_Blow_DPI               ? 
_refine.pdbx_overall_SU_R_free_Blow_DPI          ? 
# 
_refine_hist.pdbx_refine_id                   'X-RAY DIFFRACTION' 
_refine_hist.cycle_id                         LAST 
_refine_hist.pdbx_number_atoms_protein        1422 
_refine_hist.pdbx_number_atoms_nucleic_acid   0 
_refine_hist.pdbx_number_atoms_ligand         175 
_refine_hist.number_atoms_solvent             127 
_refine_hist.number_atoms_total               1724 
_refine_hist.d_res_high                       1.7 
_refine_hist.d_res_low                        40 
# 
loop_
_refine_ls_restr.type 
_refine_ls_restr.dev_ideal 
_refine_ls_restr.dev_ideal_target 
_refine_ls_restr.number 
_refine_ls_restr.weight 
_refine_ls_restr.pdbx_refine_id 
_refine_ls_restr.pdbx_restraint_function 
c_bond_d    0.006 ? ? ? 'X-RAY DIFFRACTION' ? 
c_angle_deg 1.19  ? ? ? 'X-RAY DIFFRACTION' ? 
# 
_struct.entry_id                  3B44 
_struct.title                     'Crystal structure of GlpG W136A mutant' 
_struct.pdbx_model_details        ? 
_struct.pdbx_CASP_flag            ? 
_struct.pdbx_model_type_details   ? 
# 
_struct_keywords.entry_id        3B44 
_struct_keywords.pdbx_keywords   'MEMBRANE PROTEIN' 
_struct_keywords.text            
;intramembrane protease, integral membrane protein, serine protease, DNA-binding, Glycerol metabolism, Inner membrane, Transmembrane, MEMBRANE PROTEIN
;
# 
loop_
_struct_asym.id 
_struct_asym.pdbx_blank_PDB_chainid_flag 
_struct_asym.pdbx_modified 
_struct_asym.entity_id 
_struct_asym.details 
A N N 1 ? 
B N N 2 ? 
C N N 2 ? 
D N N 2 ? 
E N N 2 ? 
F N N 2 ? 
G N N 2 ? 
H N N 2 ? 
I N N 2 ? 
J N N 2 ? 
K N N 2 ? 
L N N 2 ? 
M N N 2 ? 
N N N 2 ? 
O N N 2 ? 
P N N 2 ? 
Q N N 2 ? 
R N N 2 ? 
S N N 3 ? 
# 
_struct_biol.id        1 
_struct_biol.details   ? 
# 
loop_
_struct_conf.conf_type_id 
_struct_conf.id 
_struct_conf.pdbx_PDB_helix_id 
_struct_conf.beg_label_comp_id 
_struct_conf.beg_label_asym_id 
_struct_conf.beg_label_seq_id 
_struct_conf.pdbx_beg_PDB_ins_code 
_struct_conf.end_label_comp_id 
_struct_conf.end_label_asym_id 
_struct_conf.end_label_seq_id 
_struct_conf.pdbx_end_PDB_ins_code 
_struct_conf.beg_auth_comp_id 
_struct_conf.beg_auth_asym_id 
_struct_conf.beg_auth_seq_id 
_struct_conf.end_auth_comp_id 
_struct_conf.end_auth_asym_id 
_struct_conf.end_auth_seq_id 
_struct_conf.pdbx_PDB_helix_class 
_struct_conf.details 
_struct_conf.pdbx_PDB_helix_length 
HELX_P HELX_P1  1  GLY A 4   ? GLY A 25  ? GLY A 94  GLY A 115 1 ? 22 
HELX_P HELX_P2  2  GLY A 25  ? ALA A 34  ? GLY A 115 ALA A 124 1 ? 10 
HELX_P HELX_P3  3  ASP A 38  ? LYS A 42  ? ASP A 128 LYS A 132 5 ? 5  
HELX_P HELX_P4  4  ALA A 46  ? HIS A 51  ? ALA A 136 HIS A 141 1 ? 6  
HELX_P HELX_P5  5  ALA A 52  ? MET A 54  ? ALA A 142 MET A 144 5 ? 3  
HELX_P HELX_P6  6  SER A 57  ? GLY A 80  ? SER A 147 GLY A 170 1 ? 24 
HELX_P HELX_P7  7  GLY A 80  ? GLY A 104 ? GLY A 170 GLY A 194 1 ? 25 
HELX_P HELX_P8  8  LEU A 110 ? ASP A 128 ? LEU A 200 ASP A 218 1 ? 19 
HELX_P HELX_P9  9  PRO A 129 ? GLY A 132 ? PRO A 219 GLY A 222 5 ? 4  
HELX_P HELX_P10 10 GLN A 136 ? PHE A 152 ? GLN A 226 PHE A 242 1 ? 17 
HELX_P HELX_P11 11 ALA A 160 ? SER A 179 ? ALA A 250 SER A 269 1 ? 20 
# 
_struct_conf_type.id          HELX_P 
_struct_conf_type.criteria    ? 
_struct_conf_type.reference   ? 
# 
_atom_sites.entry_id                    3B44 
_atom_sites.fract_transf_matrix[1][1]   -0.00160667 
_atom_sites.fract_transf_matrix[1][2]   0.00718654 
_atom_sites.fract_transf_matrix[1][3]   -0.00738671 
_atom_sites.fract_transf_matrix[2][1]   0.00518026 
_atom_sites.fract_transf_matrix[2][2]   0.00904838 
_atom_sites.fract_transf_matrix[2][3]   0.00031218 
_atom_sites.fract_transf_matrix[3][1]   0.00575022 
_atom_sites.fract_transf_matrix[3][2]   -0.00314338 
_atom_sites.fract_transf_matrix[3][3]   -0.00430892 
_atom_sites.fract_transf_vector[1]      0.252818 
_atom_sites.fract_transf_vector[2]      0.465363 
_atom_sites.fract_transf_vector[3]      0.317668 
# 
loop_
_atom_type.symbol 
C 
N 
O 
S 
# 
loop_
_atom_site.group_PDB 
_atom_site.id 
_atom_site.type_symbol 
_atom_site.label_atom_id 
_atom_site.label_alt_id 
_atom_site.label_comp_id 
_atom_site.label_asym_id 
_atom_site.label_entity_id 
_atom_site.label_seq_id 
_atom_site.pdbx_PDB_ins_code 
_atom_site.Cartn_x 
_atom_site.Cartn_y 
_atom_site.Cartn_z 
_atom_site.occupancy 
_atom_site.B_iso_or_equiv 
_atom_site.pdbx_formal_charge 
_atom_site.auth_seq_id 
_atom_site.auth_comp_id 
_atom_site.auth_asym_id 
_atom_site.auth_atom_id 
_atom_site.pdbx_PDB_model_num 
ATOM   1    N N     . GLU A 1 1   ? 17.688  5.292   -15.656 1.00 43.51 ? 91  GLU A N     1 
ATOM   2    C CA    . GLU A 1 1   ? 16.806  4.305   -14.971 1.00 42.39 ? 91  GLU A CA    1 
ATOM   3    C C     . GLU A 1 1   ? 15.522  4.973   -14.490 1.00 41.64 ? 91  GLU A C     1 
ATOM   4    O O     . GLU A 1 1   ? 15.563  5.939   -13.727 1.00 42.03 ? 91  GLU A O     1 
ATOM   5    C CB    . GLU A 1 1   ? 17.544  3.678   -13.785 1.00 43.08 ? 91  GLU A CB    1 
ATOM   6    N N     . ARG A 1 2   ? 14.384  4.455   -14.948 1.00 39.77 ? 92  ARG A N     1 
ATOM   7    C CA    . ARG A 1 2   ? 13.082  4.995   -14.578 1.00 37.74 ? 92  ARG A CA    1 
ATOM   8    C C     . ARG A 1 2   ? 12.185  3.915   -13.989 1.00 35.88 ? 92  ARG A C     1 
ATOM   9    O O     . ARG A 1 2   ? 12.415  2.723   -14.188 1.00 34.76 ? 92  ARG A O     1 
ATOM   10   C CB    . ARG A 1 2   ? 12.382  5.588   -15.799 1.00 39.01 ? 92  ARG A CB    1 
ATOM   11   C CG    . ARG A 1 2   ? 11.879  4.545   -16.788 1.00 42.40 ? 92  ARG A CG    1 
ATOM   12   C CD    . ARG A 1 2   ? 11.007  5.180   -17.856 1.00 45.14 ? 92  ARG A CD    1 
ATOM   13   N NE    . ARG A 1 2   ? 11.360  4.717   -19.193 1.00 48.76 ? 92  ARG A NE    1 
ATOM   14   C CZ    . ARG A 1 2   ? 10.838  5.206   -20.313 1.00 50.23 ? 92  ARG A CZ    1 
ATOM   15   N NH1   . ARG A 1 2   ? 9.934   6.175   -20.256 1.00 51.13 ? 92  ARG A NH1   1 
ATOM   16   N NH2   . ARG A 1 2   ? 11.225  4.731   -21.489 1.00 51.01 ? 92  ARG A NH2   1 
ATOM   17   N N     . ALA A 1 3   ? 11.154  4.349   -13.274 1.00 33.93 ? 93  ALA A N     1 
ATOM   18   C CA    . ALA A 1 3   ? 10.199  3.438   -12.656 1.00 31.23 ? 93  ALA A CA    1 
ATOM   19   C C     . ALA A 1 3   ? 9.517   2.563   -13.705 1.00 29.57 ? 93  ALA A C     1 
ATOM   20   O O     . ALA A 1 3   ? 9.162   3.038   -14.785 1.00 28.73 ? 93  ALA A O     1 
ATOM   21   C CB    . ALA A 1 3   ? 9.156   4.236   -11.890 1.00 31.50 ? 93  ALA A CB    1 
ATOM   22   N N     . GLY A 1 4   ? 9.330   1.288   -13.370 1.00 27.77 ? 94  GLY A N     1 
ATOM   23   C CA    . GLY A 1 4   ? 8.685   0.350   -14.275 1.00 25.80 ? 94  GLY A CA    1 
ATOM   24   C C     . GLY A 1 4   ? 7.210   0.636   -14.508 1.00 24.60 ? 94  GLY A C     1 
ATOM   25   O O     . GLY A 1 4   ? 6.643   1.519   -13.873 1.00 24.10 ? 94  GLY A O     1 
ATOM   26   N N     . PRO A 1 5   ? 6.550   -0.116  -15.402 1.00 23.39 ? 95  PRO A N     1 
ATOM   27   C CA    . PRO A 1 5   ? 5.128   0.097   -15.695 1.00 22.87 ? 95  PRO A CA    1 
ATOM   28   C C     . PRO A 1 5   ? 4.151   0.000   -14.517 1.00 21.43 ? 95  PRO A C     1 
ATOM   29   O O     . PRO A 1 5   ? 3.266   0.844   -14.373 1.00 20.68 ? 95  PRO A O     1 
ATOM   30   C CB    . PRO A 1 5   ? 4.846   -0.930  -16.795 1.00 23.44 ? 95  PRO A CB    1 
ATOM   31   C CG    . PRO A 1 5   ? 5.829   -2.030  -16.497 1.00 24.85 ? 95  PRO A CG    1 
ATOM   32   C CD    . PRO A 1 5   ? 7.081   -1.262  -16.164 1.00 24.92 ? 95  PRO A CD    1 
ATOM   33   N N     . VAL A 1 6   ? 4.294   -1.022  -13.678 1.00 18.67 ? 96  VAL A N     1 
ATOM   34   C CA    . VAL A 1 6   ? 3.389   -1.159  -12.539 1.00 18.43 ? 96  VAL A CA    1 
ATOM   35   C C     . VAL A 1 6   ? 3.582   -0.016  -11.541 1.00 18.34 ? 96  VAL A C     1 
ATOM   36   O O     . VAL A 1 6   ? 2.616   0.580   -11.063 1.00 18.27 ? 96  VAL A O     1 
ATOM   37   C CB    . VAL A 1 6   ? 3.602   -2.493  -11.807 1.00 18.45 ? 96  VAL A CB    1 
ATOM   38   C CG1   . VAL A 1 6   ? 2.663   -2.590  -10.605 1.00 18.50 ? 96  VAL A CG1   1 
ATOM   39   C CG2   . VAL A 1 6   ? 3.343   -3.646  -12.766 1.00 18.58 ? 96  VAL A CG2   1 
ATOM   40   N N     . THR A 1 7   ? 4.837   0.284   -11.233 1.00 17.84 ? 97  THR A N     1 
ATOM   41   C CA    . THR A 1 7   ? 5.149   1.355   -10.293 1.00 17.96 ? 97  THR A CA    1 
ATOM   42   C C     . THR A 1 7   ? 4.589   2.675   -10.821 1.00 18.13 ? 97  THR A C     1 
ATOM   43   O O     . THR A 1 7   ? 3.957   3.433   -10.090 1.00 17.43 ? 97  THR A O     1 
ATOM   44   C CB    . THR A 1 7   ? 6.673   1.502   -10.107 1.00 18.39 ? 97  THR A CB    1 
ATOM   45   O OG1   . THR A 1 7   ? 7.228   0.256   -9.664  1.00 19.70 ? 97  THR A OG1   1 
ATOM   46   C CG2   . THR A 1 7   ? 6.980   2.575   -9.072  1.00 18.58 ? 97  THR A CG2   1 
ATOM   47   N N     . TRP A 1 8   ? 4.823   2.931   -12.104 1.00 18.97 ? 98  TRP A N     1 
ATOM   48   C CA    . TRP A 1 8   ? 4.366   4.154   -12.760 1.00 20.49 ? 98  TRP A CA    1 
ATOM   49   C C     . TRP A 1 8   ? 2.847   4.286   -12.869 1.00 20.50 ? 98  TRP A C     1 
ATOM   50   O O     . TRP A 1 8   ? 2.277   5.303   -12.463 1.00 19.01 ? 98  TRP A O     1 
ATOM   51   C CB    . TRP A 1 8   ? 5.006   4.233   -14.150 1.00 23.75 ? 98  TRP A CB    1 
ATOM   52   C CG    . TRP A 1 8   ? 4.442   5.269   -15.073 1.00 28.58 ? 98  TRP A CG    1 
ATOM   53   C CD1   . TRP A 1 8   ? 3.851   5.044   -16.283 1.00 30.69 ? 98  TRP A CD1   1 
ATOM   54   C CD2   . TRP A 1 8   ? 4.475   6.693   -14.903 1.00 29.89 ? 98  TRP A CD2   1 
ATOM   55   N NE1   . TRP A 1 8   ? 3.519   6.235   -16.881 1.00 33.38 ? 98  TRP A NE1   1 
ATOM   56   C CE2   . TRP A 1 8   ? 3.889   7.265   -16.055 1.00 32.99 ? 98  TRP A CE2   1 
ATOM   57   C CE3   . TRP A 1 8   ? 4.943   7.542   -13.890 1.00 30.11 ? 98  TRP A CE3   1 
ATOM   58   C CZ2   . TRP A 1 8   ? 3.760   8.650   -16.226 1.00 34.14 ? 98  TRP A CZ2   1 
ATOM   59   C CZ3   . TRP A 1 8   ? 4.813   8.921   -14.060 1.00 31.00 ? 98  TRP A CZ3   1 
ATOM   60   C CH2   . TRP A 1 8   ? 4.226   9.459   -15.220 1.00 32.54 ? 98  TRP A CH2   1 
ATOM   61   N N     . VAL A 1 9   ? 2.186   3.270   -13.414 1.00 19.51 ? 99  VAL A N     1 
ATOM   62   C CA    . VAL A 1 9   ? 0.737   3.332   -13.561 1.00 19.77 ? 99  VAL A CA    1 
ATOM   63   C C     . VAL A 1 9   ? 0.020   3.506   -12.225 1.00 18.80 ? 99  VAL A C     1 
ATOM   64   O O     . VAL A 1 9   ? -0.973  4.230   -12.143 1.00 18.61 ? 99  VAL A O     1 
ATOM   65   C CB    . VAL A 1 9   ? 0.192   2.076   -14.291 1.00 20.51 ? 99  VAL A CB    1 
ATOM   66   C CG1   . VAL A 1 9   ? -1.323  2.150   -14.398 1.00 21.47 ? 99  VAL A CG1   1 
ATOM   67   C CG2   . VAL A 1 9   ? 0.808   1.988   -15.681 1.00 23.04 ? 99  VAL A CG2   1 
ATOM   68   N N     . MET A 1 10  ? 0.516   2.863   -11.171 1.00 17.36 ? 100 MET A N     1 
ATOM   69   C CA    . MET A 1 10  ? -0.117  3.008   -9.863  1.00 18.06 ? 100 MET A CA    1 
ATOM   70   C C     . MET A 1 10  ? -0.023  4.463   -9.400  1.00 17.86 ? 100 MET A C     1 
ATOM   71   O O     . MET A 1 10  ? -0.988  5.024   -8.887  1.00 17.93 ? 100 MET A O     1 
ATOM   72   C CB    . MET A 1 10  ? 0.560   2.114   -8.824  1.00 17.94 ? 100 MET A CB    1 
ATOM   73   C CG    . MET A 1 10  ? 0.028   2.292   -7.403  1.00 19.51 ? 100 MET A CG    1 
ATOM   74   S SD    . MET A 1 10  ? -1.722  1.844   -7.225  1.00 21.58 ? 100 MET A SD    1 
ATOM   75   C CE    . MET A 1 10  ? -1.589  0.092   -6.876  1.00 21.57 ? 100 MET A CE    1 
ATOM   76   N N     . MET A 1 11  ? 1.149   5.065   -9.572  1.00 17.22 ? 101 MET A N     1 
ATOM   77   C CA    . MET A 1 11  ? 1.342   6.449   -9.154  1.00 17.44 ? 101 MET A CA    1 
ATOM   78   C C     . MET A 1 11  ? 0.413   7.390   -9.918  1.00 18.41 ? 101 MET A C     1 
ATOM   79   O O     . MET A 1 11  ? -0.258  8.228   -9.324  1.00 18.83 ? 101 MET A O     1 
ATOM   80   C CB    . MET A 1 11  ? 2.804   6.865   -9.357  1.00 19.05 ? 101 MET A CB    1 
ATOM   81   C CG    . MET A 1 11  ? 3.753   6.216   -8.359  1.00 20.74 ? 101 MET A CG    1 
ATOM   82   S SD    . MET A 1 11  ? 5.494   6.468   -8.747  1.00 24.25 ? 101 MET A SD    1 
ATOM   83   C CE    . MET A 1 11  ? 5.805   7.980   -7.830  1.00 24.32 ? 101 MET A CE    1 
ATOM   84   N N     . ILE A 1 12  ? 0.353   7.239   -11.232 1.00 18.85 ? 102 ILE A N     1 
ATOM   85   C CA    . ILE A 1 12  ? -0.500  8.113   -12.020 1.00 22.91 ? 102 ILE A CA    1 
ATOM   86   C C     . ILE A 1 12  ? -1.973  7.899   -11.666 1.00 21.27 ? 102 ILE A C     1 
ATOM   87   O O     . ILE A 1 12  ? -2.753  8.851   -11.608 1.00 19.83 ? 102 ILE A O     1 
ATOM   88   C CB    . ILE A 1 12  ? -0.252  7.903   -13.534 1.00 27.54 ? 102 ILE A CB    1 
ATOM   89   C CG1   . ILE A 1 12  ? -0.784  9.108   -14.316 1.00 33.26 ? 102 ILE A CG1   1 
ATOM   90   C CG2   . ILE A 1 12  ? -0.917  6.629   -14.011 1.00 31.12 ? 102 ILE A CG2   1 
ATOM   91   C CD1   . ILE A 1 12  ? -0.368  9.118   -15.780 1.00 36.58 ? 102 ILE A CD1   1 
ATOM   92   N N     . ALA A 1 13  ? -2.351  6.653   -11.394 1.00 20.38 ? 103 ALA A N     1 
ATOM   93   C CA    . ALA A 1 13  ? -3.732  6.351   -11.034 1.00 18.89 ? 103 ALA A CA    1 
ATOM   94   C C     . ALA A 1 13  ? -4.101  7.031   -9.715  1.00 18.53 ? 103 ALA A C     1 
ATOM   95   O O     . ALA A 1 13  ? -5.186  7.591   -9.573  1.00 19.06 ? 103 ALA A O     1 
ATOM   96   C CB    . ALA A 1 13  ? -3.927  4.838   -10.921 1.00 19.10 ? 103 ALA A CB    1 
ATOM   97   N N     . CYS A 1 14  ? -3.194  6.990   -8.747  1.00 17.21 ? 104 CYS A N     1 
ATOM   98   C CA    . CYS A 1 14  ? -3.483  7.616   -7.466  1.00 16.68 ? 104 CYS A CA    1 
ATOM   99   C C     . CYS A 1 14  ? -3.583  9.129   -7.592  1.00 17.22 ? 104 CYS A C     1 
ATOM   100  O O     . CYS A 1 14  ? -4.397  9.751   -6.922  1.00 18.27 ? 104 CYS A O     1 
ATOM   101  C CB    . CYS A 1 14  ? -2.419  7.250   -6.429  1.00 17.55 ? 104 CYS A CB    1 
ATOM   102  S SG    . CYS A 1 14  ? -2.508  5.514   -5.885  1.00 18.16 ? 104 CYS A SG    1 
ATOM   103  N N     . VAL A 1 15  ? -2.758  9.721   -8.447  1.00 17.24 ? 105 VAL A N     1 
ATOM   104  C CA    . VAL A 1 15  ? -2.807  11.172  -8.621  1.00 17.96 ? 105 VAL A CA    1 
ATOM   105  C C     . VAL A 1 15  ? -4.127  11.550  -9.285  1.00 17.06 ? 105 VAL A C     1 
ATOM   106  O O     . VAL A 1 15  ? -4.789  12.499  -8.870  1.00 17.87 ? 105 VAL A O     1 
ATOM   107  C CB    . VAL A 1 15  ? -1.630  11.685  -9.487  1.00 17.88 ? 105 VAL A CB    1 
ATOM   108  C CG1   . VAL A 1 15  ? -1.843  13.156  -9.831  1.00 19.64 ? 105 VAL A CG1   1 
ATOM   109  C CG2   . VAL A 1 15  ? -0.317  11.520  -8.725  1.00 19.10 ? 105 VAL A CG2   1 
ATOM   110  N N     . VAL A 1 16  ? -4.506  10.799  -10.314 1.00 18.64 ? 106 VAL A N     1 
ATOM   111  C CA    . VAL A 1 16  ? -5.759  11.056  -11.022 1.00 19.54 ? 106 VAL A CA    1 
ATOM   112  C C     . VAL A 1 16  ? -6.953  10.967  -10.058 1.00 19.50 ? 106 VAL A C     1 
ATOM   113  O O     . VAL A 1 16  ? -7.828  11.839  -10.054 1.00 18.30 ? 106 VAL A O     1 
ATOM   114  C CB    . VAL A 1 16  ? -5.941  10.054  -12.200 1.00 19.78 ? 106 VAL A CB    1 
ATOM   115  C CG1   . VAL A 1 16  ? -7.369  10.097  -12.719 1.00 23.13 ? 106 VAL A CG1   1 
ATOM   116  C CG2   . VAL A 1 16  ? -4.975  10.399  -13.322 1.00 22.99 ? 106 VAL A CG2   1 
ATOM   117  N N     . VAL A 1 17  ? -6.993  9.920   -9.238  1.00 17.82 ? 107 VAL A N     1 
ATOM   118  C CA    . VAL A 1 17  ? -8.077  9.769   -8.273  1.00 17.44 ? 107 VAL A CA    1 
ATOM   119  C C     . VAL A 1 17  ? -8.034  10.892  -7.232  1.00 17.79 ? 107 VAL A C     1 
ATOM   120  O O     . VAL A 1 17  ? -9.075  11.408  -6.819  1.00 18.15 ? 107 VAL A O     1 
ATOM   121  C CB    . VAL A 1 17  ? -8.000  8.400   -7.563  1.00 16.88 ? 107 VAL A CB    1 
ATOM   122  C CG1   . VAL A 1 17  ? -8.992  8.332   -6.407  1.00 17.80 ? 107 VAL A CG1   1 
ATOM   123  C CG2   . VAL A 1 17  ? -8.297  7.300   -8.569  1.00 17.01 ? 107 VAL A CG2   1 
ATOM   124  N N     . PHE A 1 18  ? -6.832  11.279  -6.810  1.00 16.83 ? 108 PHE A N     1 
ATOM   125  C CA    . PHE A 1 18  ? -6.699  12.349  -5.822  1.00 17.01 ? 108 PHE A CA    1 
ATOM   126  C C     . PHE A 1 18  ? -7.269  13.649  -6.391  1.00 18.04 ? 108 PHE A C     1 
ATOM   127  O O     . PHE A 1 18  ? -7.915  14.410  -5.678  1.00 18.26 ? 108 PHE A O     1 
ATOM   128  C CB    . PHE A 1 18  ? -5.224  12.548  -5.435  1.00 17.95 ? 108 PHE A CB    1 
ATOM   129  C CG    . PHE A 1 18  ? -5.021  13.458  -4.252  1.00 17.48 ? 108 PHE A CG    1 
ATOM   130  C CD1   . PHE A 1 18  ? -4.445  14.715  -4.416  1.00 20.04 ? 108 PHE A CD1   1 
ATOM   131  C CD2   . PHE A 1 18  ? -5.402  13.060  -2.973  1.00 15.92 ? 108 PHE A CD2   1 
ATOM   132  C CE1   . PHE A 1 18  ? -4.249  15.558  -3.328  1.00 18.83 ? 108 PHE A CE1   1 
ATOM   133  C CE2   . PHE A 1 18  ? -5.210  13.899  -1.875  1.00 18.16 ? 108 PHE A CE2   1 
ATOM   134  C CZ    . PHE A 1 18  ? -4.631  15.154  -2.057  1.00 18.84 ? 108 PHE A CZ    1 
ATOM   135  N N     . ILE A 1 19  ? -7.022  13.900  -7.673  1.00 18.46 ? 109 ILE A N     1 
ATOM   136  C CA    . ILE A 1 19  ? -7.537  15.105  -8.314  1.00 19.94 ? 109 ILE A CA    1 
ATOM   137  C C     . ILE A 1 19  ? -9.062  15.037  -8.342  1.00 21.52 ? 109 ILE A C     1 
ATOM   138  O O     . ILE A 1 19  ? -9.744  16.010  -8.034  1.00 22.32 ? 109 ILE A O     1 
ATOM   139  C CB    . ILE A 1 19  ? -6.989  15.256  -9.747  1.00 20.18 ? 109 ILE A CB    1 
ATOM   140  C CG1   . ILE A 1 19  ? -5.489  15.567  -9.693  1.00 20.11 ? 109 ILE A CG1   1 
ATOM   141  C CG2   . ILE A 1 19  ? -7.736  16.377  -10.478 1.00 21.00 ? 109 ILE A CG2   1 
ATOM   142  C CD1   . ILE A 1 19  ? -4.806  15.556  -11.041 1.00 21.51 ? 109 ILE A CD1   1 
ATOM   143  N N     . ALA A 1 20  ? -9.595  13.874  -8.700  1.00 21.93 ? 110 ALA A N     1 
ATOM   144  C CA    . ALA A 1 20  ? -11.040 13.687  -8.743  1.00 22.12 ? 110 ALA A CA    1 
ATOM   145  C C     . ALA A 1 20  ? -11.656 13.975  -7.372  1.00 22.38 ? 110 ALA A C     1 
ATOM   146  O O     . ALA A 1 20  ? -12.735 14.560  -7.274  1.00 24.09 ? 110 ALA A O     1 
ATOM   147  C CB    . ALA A 1 20  ? -11.369 12.258  -9.191  1.00 22.41 ? 110 ALA A CB    1 
ATOM   148  N N     . MET A 1 21  ? -10.964 13.574  -6.309  1.00 19.66 ? 111 MET A N     1 
ATOM   149  C CA    . MET A 1 21  ? -11.456 13.806  -4.960  1.00 19.43 ? 111 MET A CA    1 
ATOM   150  C C     . MET A 1 21  ? -11.450 15.291  -4.591  1.00 20.76 ? 111 MET A C     1 
ATOM   151  O O     . MET A 1 21  ? -12.283 15.737  -3.805  1.00 22.45 ? 111 MET A O     1 
ATOM   152  C CB    . MET A 1 21  ? -10.623 13.009  -3.952  1.00 19.85 ? 111 MET A CB    1 
ATOM   153  C CG    . MET A 1 21  ? -10.811 11.507  -4.099  1.00 18.80 ? 111 MET A CG    1 
ATOM   154  S SD    . MET A 1 21  ? -9.631  10.528  -3.131  1.00 20.38 ? 111 MET A SD    1 
ATOM   155  C CE    . MET A 1 21  ? -10.443 10.497  -1.535  1.00 19.07 ? 111 MET A CE    1 
ATOM   156  N N     . GLN A 1 22  ? -10.517 16.060  -5.145  1.00 20.67 ? 112 GLN A N     1 
ATOM   157  C CA    . GLN A 1 22  ? -10.479 17.485  -4.828  1.00 22.23 ? 112 GLN A CA    1 
ATOM   158  C C     . GLN A 1 22  ? -11.601 18.207  -5.570  1.00 24.47 ? 112 GLN A C     1 
ATOM   159  O O     . GLN A 1 22  ? -12.224 19.122  -5.029  1.00 25.44 ? 112 GLN A O     1 
ATOM   160  C CB    . GLN A 1 22  ? -9.124  18.103  -5.207  1.00 22.04 ? 112 GLN A CB    1 
ATOM   161  C CG    . GLN A 1 22  ? -7.907  17.388  -4.621  1.00 22.99 ? 112 GLN A CG    1 
ATOM   162  C CD    . GLN A 1 22  ? -8.134  16.877  -3.205  1.00 23.68 ? 112 GLN A CD    1 
ATOM   163  O OE1   . GLN A 1 22  ? -8.441  17.643  -2.296  1.00 23.88 ? 112 GLN A OE1   1 
ATOM   164  N NE2   . GLN A 1 22  ? -7.982  15.571  -3.018  1.00 22.92 ? 112 GLN A NE2   1 
ATOM   165  N N     . ILE A 1 23  ? -11.854 17.779  -6.805  1.00 25.58 ? 113 ILE A N     1 
ATOM   166  C CA    . ILE A 1 23  ? -12.894 18.365  -7.651  1.00 27.70 ? 113 ILE A CA    1 
ATOM   167  C C     . ILE A 1 23  ? -14.308 18.021  -7.186  1.00 29.84 ? 113 ILE A C     1 
ATOM   168  O O     . ILE A 1 23  ? -15.145 18.910  -7.018  1.00 29.44 ? 113 ILE A O     1 
ATOM   169  C CB    . ILE A 1 23  ? -12.748 17.891  -9.117  1.00 27.12 ? 113 ILE A CB    1 
ATOM   170  C CG1   . ILE A 1 23  ? -11.427 18.389  -9.702  1.00 26.14 ? 113 ILE A CG1   1 
ATOM   171  C CG2   . ILE A 1 23  ? -13.921 18.398  -9.958  1.00 28.08 ? 113 ILE A CG2   1 
ATOM   172  C CD1   . ILE A 1 23  ? -11.127 17.850  -11.084 1.00 26.80 ? 113 ILE A CD1   1 
ATOM   173  N N     . LEU A 1 24  ? -14.563 16.731  -6.973  1.00 30.09 ? 114 LEU A N     1 
ATOM   174  C CA    . LEU A 1 24  ? -15.884 16.241  -6.567  1.00 31.29 ? 114 LEU A CA    1 
ATOM   175  C C     . LEU A 1 24  ? -16.068 16.092  -5.059  1.00 30.69 ? 114 LEU A C     1 
ATOM   176  O O     . LEU A 1 24  ? -17.196 16.042  -4.561  1.00 32.37 ? 114 LEU A O     1 
ATOM   177  C CB    . LEU A 1 24  ? -16.145 14.878  -7.220  1.00 32.80 ? 114 LEU A CB    1 
ATOM   178  C CG    . LEU A 1 24  ? -15.752 14.685  -8.688  1.00 33.48 ? 114 LEU A CG    1 
ATOM   179  C CD1   . LEU A 1 24  ? -15.694 13.199  -9.003  1.00 34.82 ? 114 LEU A CD1   1 
ATOM   180  C CD2   . LEU A 1 24  ? -16.737 15.395  -9.612  1.00 35.95 ? 114 LEU A CD2   1 
ATOM   181  N N     . GLY A 1 25  ? -14.963 16.015  -4.331  1.00 28.03 ? 115 GLY A N     1 
ATOM   182  C CA    . GLY A 1 25  ? -15.046 15.829  -2.897  1.00 26.31 ? 115 GLY A CA    1 
ATOM   183  C C     . GLY A 1 25  ? -14.759 14.365  -2.603  1.00 25.47 ? 115 GLY A C     1 
ATOM   184  O O     . GLY A 1 25  ? -15.005 13.505  -3.450  1.00 24.85 ? 115 GLY A O     1 
ATOM   185  N N     . ASP A 1 26  ? -14.241 14.082  -1.415  1.00 24.94 ? 116 ASP A N     1 
ATOM   186  C CA    . ASP A 1 26  ? -13.907 12.711  -1.034  1.00 25.05 ? 116 ASP A CA    1 
ATOM   187  C C     . ASP A 1 26  ? -15.105 11.761  -1.098  1.00 25.83 ? 116 ASP A C     1 
ATOM   188  O O     . ASP A 1 26  ? -15.011 10.667  -1.655  1.00 24.34 ? 116 ASP A O     1 
ATOM   189  C CB    . ASP A 1 26  ? -13.327 12.675  0.381   1.00 25.18 ? 116 ASP A CB    1 
ATOM   190  C CG    . ASP A 1 26  ? -11.989 13.386  0.492   1.00 24.42 ? 116 ASP A CG    1 
ATOM   191  O OD1   . ASP A 1 26  ? -11.426 13.780  -0.549  1.00 25.04 ? 116 ASP A OD1   1 
ATOM   192  O OD2   . ASP A 1 26  ? -11.506 13.542  1.631   1.00 27.11 ? 116 ASP A OD2   1 
ATOM   193  N N     . GLN A 1 27  ? -16.230 12.189  -0.533  1.00 24.23 ? 117 GLN A N     1 
ATOM   194  C CA    . GLN A 1 27  ? -17.434 11.362  -0.495  1.00 26.74 ? 117 GLN A CA    1 
ATOM   195  C C     . GLN A 1 27  ? -17.929 10.840  -1.842  1.00 26.26 ? 117 GLN A C     1 
ATOM   196  O O     . GLN A 1 27  ? -18.259 9.657   -1.962  1.00 26.27 ? 117 GLN A O     1 
ATOM   197  C CB    . GLN A 1 27  ? -18.567 12.120  0.203   1.00 29.05 ? 117 GLN A CB    1 
ATOM   198  C CG    . GLN A 1 27  ? -18.217 12.598  1.601   1.00 34.86 ? 117 GLN A CG    1 
ATOM   199  C CD    . GLN A 1 27  ? -17.786 14.060  1.642   1.00 38.19 ? 117 GLN A CD    1 
ATOM   200  O OE1   . GLN A 1 27  ? -17.041 14.530  0.782   1.00 38.62 ? 117 GLN A OE1   1 
ATOM   201  N NE2   . GLN A 1 27  ? -18.249 14.781  2.659   1.00 40.62 ? 117 GLN A NE2   1 
ATOM   202  N N     . GLU A 1 28  ? -17.997 11.704  -2.852  1.00 25.35 ? 118 GLU A N     1 
ATOM   203  C CA    . GLU A 1 28  ? -18.471 11.279  -4.169  1.00 25.42 ? 118 GLU A CA    1 
ATOM   204  C C     . GLU A 1 28  ? -17.585 10.202  -4.785  1.00 24.32 ? 118 GLU A C     1 
ATOM   205  O O     . GLU A 1 28  ? -18.075 9.284   -5.443  1.00 24.09 ? 118 GLU A O     1 
ATOM   206  C CB    . GLU A 1 28  ? -18.564 12.470  -5.130  1.00 27.78 ? 118 GLU A CB    1 
ATOM   207  C CG    . GLU A 1 28  ? -19.978 13.012  -5.304  1.00 33.45 ? 118 GLU A CG    1 
ATOM   208  C CD    . GLU A 1 28  ? -20.992 11.915  -5.613  1.00 33.34 ? 118 GLU A CD    1 
ATOM   209  O OE1   . GLU A 1 28  ? -20.845 11.230  -6.650  1.00 36.94 ? 118 GLU A OE1   1 
ATOM   210  O OE2   . GLU A 1 28  ? -21.935 11.733  -4.816  1.00 30.67 ? 118 GLU A OE2   1 
ATOM   211  N N     . VAL A 1 29  ? -16.279 10.317  -4.574  1.00 21.94 ? 119 VAL A N     1 
ATOM   212  C CA    . VAL A 1 29  ? -15.354 9.338   -5.122  1.00 20.28 ? 119 VAL A CA    1 
ATOM   213  C C     . VAL A 1 29  ? -15.431 8.034   -4.341  1.00 20.03 ? 119 VAL A C     1 
ATOM   214  O O     . VAL A 1 29  ? -15.374 6.951   -4.933  1.00 20.45 ? 119 VAL A O     1 
ATOM   215  C CB    . VAL A 1 29  ? -13.900 9.877   -5.113  1.00 19.65 ? 119 VAL A CB    1 
ATOM   216  C CG1   . VAL A 1 29  ? -12.915 8.773   -5.513  1.00 18.90 ? 119 VAL A CG1   1 
ATOM   217  C CG2   . VAL A 1 29  ? -13.793 11.045  -6.083  1.00 18.82 ? 119 VAL A CG2   1 
ATOM   218  N N     . MET A 1 30  ? -15.571 8.130   -3.022  1.00 20.18 ? 120 MET A N     1 
ATOM   219  C CA    . MET A 1 30  ? -15.669 6.928   -2.197  1.00 21.70 ? 120 MET A CA    1 
ATOM   220  C C     . MET A 1 30  ? -16.916 6.148   -2.586  1.00 22.64 ? 120 MET A C     1 
ATOM   221  O O     . MET A 1 30  ? -16.927 4.917   -2.583  1.00 20.34 ? 120 MET A O     1 
ATOM   222  C CB    . MET A 1 30  ? -15.725 7.287   -0.706  1.00 24.03 ? 120 MET A CB    1 
ATOM   223  C CG    . MET A 1 30  ? -14.400 7.776   -0.120  1.00 25.97 ? 120 MET A CG    1 
ATOM   224  S SD    . MET A 1 30  ? -14.388 7.764   1.691   1.00 31.53 ? 120 MET A SD    1 
ATOM   225  C CE    . MET A 1 30  ? -15.218 9.285   2.029   1.00 31.77 ? 120 MET A CE    1 
ATOM   226  N N     . LEU A 1 31  ? -17.971 6.874   -2.933  1.00 22.56 ? 121 LEU A N     1 
ATOM   227  C CA    . LEU A 1 31  ? -19.217 6.237   -3.330  1.00 24.07 ? 121 LEU A CA    1 
ATOM   228  C C     . LEU A 1 31  ? -18.935 5.210   -4.425  1.00 24.39 ? 121 LEU A C     1 
ATOM   229  O O     . LEU A 1 31  ? -19.526 4.130   -4.443  1.00 25.03 ? 121 LEU A O     1 
ATOM   230  C CB    . LEU A 1 31  ? -20.196 7.302   -3.842  1.00 25.80 ? 121 LEU A CB    1 
ATOM   231  C CG    . LEU A 1 31  ? -21.689 7.063   -3.630  1.00 28.34 ? 121 LEU A CG    1 
ATOM   232  C CD1   . LEU A 1 31  ? -21.986 6.944   -2.139  1.00 28.34 ? 121 LEU A CD1   1 
ATOM   233  C CD2   . LEU A 1 31  ? -22.477 8.214   -4.254  1.00 28.22 ? 121 LEU A CD2   1 
ATOM   234  N N     . TRP A 1 32  ? -18.011 5.548   -5.321  1.00 24.23 ? 122 TRP A N     1 
ATOM   235  C CA    . TRP A 1 32  ? -17.649 4.677   -6.436  1.00 24.29 ? 122 TRP A CA    1 
ATOM   236  C C     . TRP A 1 32  ? -16.483 3.719   -6.214  1.00 22.05 ? 122 TRP A C     1 
ATOM   237  O O     . TRP A 1 32  ? -16.464 2.631   -6.791  1.00 21.62 ? 122 TRP A O     1 
ATOM   238  C CB    . TRP A 1 32  ? -17.312 5.511   -7.673  1.00 28.90 ? 122 TRP A CB    1 
ATOM   239  C CG    . TRP A 1 32  ? -18.490 6.051   -8.416  1.00 35.40 ? 122 TRP A CG    1 
ATOM   240  C CD1   . TRP A 1 32  ? -19.233 7.147   -8.095  1.00 37.88 ? 122 TRP A CD1   1 
ATOM   241  C CD2   . TRP A 1 32  ? -19.051 5.522   -9.624  1.00 38.11 ? 122 TRP A CD2   1 
ATOM   242  N NE1   . TRP A 1 32  ? -20.225 7.339   -9.032  1.00 38.86 ? 122 TRP A NE1   1 
ATOM   243  C CE2   . TRP A 1 32  ? -20.135 6.353   -9.981  1.00 39.84 ? 122 TRP A CE2   1 
ATOM   244  C CE3   . TRP A 1 32  ? -18.744 4.422   -10.440 1.00 40.35 ? 122 TRP A CE3   1 
ATOM   245  C CZ2   . TRP A 1 32  ? -20.916 6.124   -11.123 1.00 41.36 ? 122 TRP A CZ2   1 
ATOM   246  C CZ3   . TRP A 1 32  ? -19.521 4.192   -11.576 1.00 42.24 ? 122 TRP A CZ3   1 
ATOM   247  C CH2   . TRP A 1 32  ? -20.594 5.041   -11.906 1.00 42.36 ? 122 TRP A CH2   1 
ATOM   248  N N     . LEU A 1 33  ? -15.513 4.119   -5.396  1.00 19.43 ? 123 LEU A N     1 
ATOM   249  C CA    . LEU A 1 33  ? -14.318 3.298   -5.187  1.00 18.50 ? 123 LEU A CA    1 
ATOM   250  C C     . LEU A 1 33  ? -14.153 2.583   -3.854  1.00 17.91 ? 123 LEU A C     1 
ATOM   251  O O     . LEU A 1 33  ? -13.279 1.722   -3.718  1.00 17.97 ? 123 LEU A O     1 
ATOM   252  C CB    . LEU A 1 33  ? -13.065 4.155   -5.425  1.00 18.20 ? 123 LEU A CB    1 
ATOM   253  C CG    . LEU A 1 33  ? -12.955 4.881   -6.769  1.00 19.65 ? 123 LEU A CG    1 
ATOM   254  C CD1   . LEU A 1 33  ? -11.622 5.621   -6.839  1.00 20.19 ? 123 LEU A CD1   1 
ATOM   255  C CD2   . LEU A 1 33  ? -13.066 3.884   -7.905  1.00 21.78 ? 123 LEU A CD2   1 
ATOM   256  N N     . ALA A 1 34  ? -14.971 2.919   -2.869  1.00 17.36 ? 124 ALA A N     1 
ATOM   257  C CA    . ALA A 1 34  ? -14.835 2.290   -1.560  1.00 16.38 ? 124 ALA A CA    1 
ATOM   258  C C     . ALA A 1 34  ? -15.219 0.817   -1.526  1.00 16.62 ? 124 ALA A C     1 
ATOM   259  O O     . ALA A 1 34  ? -15.965 0.329   -2.379  1.00 17.34 ? 124 ALA A O     1 
ATOM   260  C CB    . ALA A 1 34  ? -15.664 3.042   -0.538  1.00 18.33 ? 124 ALA A CB    1 
ATOM   261  N N     . TRP A 1 35  ? -14.672 0.133   -0.523  1.00 15.95 ? 125 TRP A N     1 
ATOM   262  C CA    . TRP A 1 35  ? -14.947 -1.274  -0.234  1.00 17.13 ? 125 TRP A CA    1 
ATOM   263  C C     . TRP A 1 35  ? -16.474 -1.340  -0.120  1.00 18.47 ? 125 TRP A C     1 
ATOM   264  O O     . TRP A 1 35  ? -17.091 -0.403  0.385   1.00 17.98 ? 125 TRP A O     1 
ATOM   265  C CB    . TRP A 1 35  ? -14.294 -1.623  1.104   1.00 16.54 ? 125 TRP A CB    1 
ATOM   266  C CG    . TRP A 1 35  ? -14.443 -3.030  1.539   1.00 15.59 ? 125 TRP A CG    1 
ATOM   267  C CD1   . TRP A 1 35  ? -15.539 -3.608  2.108   1.00 16.22 ? 125 TRP A CD1   1 
ATOM   268  C CD2   . TRP A 1 35  ? -13.450 -4.047  1.449   1.00 16.36 ? 125 TRP A CD2   1 
ATOM   269  N NE1   . TRP A 1 35  ? -15.287 -4.934  2.382   1.00 16.37 ? 125 TRP A NE1   1 
ATOM   270  C CE2   . TRP A 1 35  ? -14.009 -5.228  1.985   1.00 16.83 ? 125 TRP A CE2   1 
ATOM   271  C CE3   . TRP A 1 35  ? -12.136 -4.077  0.965   1.00 16.57 ? 125 TRP A CE3   1 
ATOM   272  C CZ2   . TRP A 1 35  ? -13.297 -6.427  2.051   1.00 16.29 ? 125 TRP A CZ2   1 
ATOM   273  C CZ3   . TRP A 1 35  ? -11.429 -5.267  1.030   1.00 17.41 ? 125 TRP A CZ3   1 
ATOM   274  C CH2   . TRP A 1 35  ? -12.014 -6.426  1.571   1.00 16.33 ? 125 TRP A CH2   1 
ATOM   275  N N     . PRO A 1 36  ? -17.106 -2.438  -0.581  1.00 18.01 ? 126 PRO A N     1 
ATOM   276  C CA    . PRO A 1 36  ? -18.571 -2.522  -0.494  1.00 18.78 ? 126 PRO A CA    1 
ATOM   277  C C     . PRO A 1 36  ? -19.129 -2.051  0.847   1.00 19.51 ? 126 PRO A C     1 
ATOM   278  O O     . PRO A 1 36  ? -18.798 -2.604  1.895   1.00 19.12 ? 126 PRO A O     1 
ATOM   279  C CB    . PRO A 1 36  ? -18.840 -4.003  -0.765  1.00 18.84 ? 126 PRO A CB    1 
ATOM   280  C CG    . PRO A 1 36  ? -17.776 -4.338  -1.758  1.00 17.62 ? 126 PRO A CG    1 
ATOM   281  C CD    . PRO A 1 36  ? -16.550 -3.697  -1.111  1.00 17.58 ? 126 PRO A CD    1 
ATOM   282  N N     . PHE A 1 37  ? -19.981 -1.027  0.811   1.00 20.53 ? 127 PHE A N     1 
ATOM   283  C CA    . PHE A 1 37  ? -20.561 -0.478  2.034   1.00 22.05 ? 127 PHE A CA    1 
ATOM   284  C C     . PHE A 1 37  ? -22.058 -0.737  2.176   1.00 23.61 ? 127 PHE A C     1 
ATOM   285  O O     . PHE A 1 37  ? -22.716 -0.181  3.058   1.00 24.56 ? 127 PHE A O     1 
ATOM   286  C CB    . PHE A 1 37  ? -20.285 1.032   2.130   1.00 21.85 ? 127 PHE A CB    1 
ATOM   287  C CG    . PHE A 1 37  ? -20.643 1.805   0.890   1.00 22.19 ? 127 PHE A CG    1 
ATOM   288  C CD1   . PHE A 1 37  ? -19.696 2.034   -0.104  1.00 21.46 ? 127 PHE A CD1   1 
ATOM   289  C CD2   . PHE A 1 37  ? -21.926 2.317   0.719   1.00 21.07 ? 127 PHE A CD2   1 
ATOM   290  C CE1   . PHE A 1 37  ? -20.017 2.763   -1.247  1.00 22.15 ? 127 PHE A CE1   1 
ATOM   291  C CE2   . PHE A 1 37  ? -22.256 3.047   -0.423  1.00 21.41 ? 127 PHE A CE2   1 
ATOM   292  C CZ    . PHE A 1 37  ? -21.301 3.271   -1.410  1.00 21.42 ? 127 PHE A CZ    1 
ATOM   293  N N     . ASP A 1 38  ? -22.585 -1.579  1.297   1.00 25.14 ? 128 ASP A N     1 
ATOM   294  C CA    . ASP A 1 38  ? -23.994 -1.959  1.325   1.00 27.97 ? 128 ASP A CA    1 
ATOM   295  C C     . ASP A 1 38  ? -24.113 -3.273  0.556   1.00 28.53 ? 128 ASP A C     1 
ATOM   296  O O     . ASP A 1 38  ? -23.382 -3.503  -0.409  1.00 26.93 ? 128 ASP A O     1 
ATOM   297  C CB    . ASP A 1 38  ? -24.858 -0.875  0.673   1.00 28.98 ? 128 ASP A CB    1 
ATOM   298  C CG    . ASP A 1 38  ? -26.339 -1.041  0.985   1.00 33.17 ? 128 ASP A CG    1 
ATOM   299  O OD1   . ASP A 1 38  ? -27.049 -1.694  0.191   1.00 34.51 ? 128 ASP A OD1   1 
ATOM   300  O OD2   . ASP A 1 38  ? -26.787 -0.526  2.033   1.00 34.63 ? 128 ASP A OD2   1 
ATOM   301  N N     . PRO A 1 39  ? -25.024 -4.161  0.984   1.00 30.32 ? 129 PRO A N     1 
ATOM   302  C CA    . PRO A 1 39  ? -25.226 -5.458  0.326   1.00 29.58 ? 129 PRO A CA    1 
ATOM   303  C C     . PRO A 1 39  ? -25.401 -5.370  -1.184  1.00 29.29 ? 129 PRO A C     1 
ATOM   304  O O     . PRO A 1 39  ? -25.008 -6.280  -1.913  1.00 27.78 ? 129 PRO A O     1 
ATOM   305  C CB    . PRO A 1 39  ? -26.469 -6.001  1.021   1.00 31.39 ? 129 PRO A CB    1 
ATOM   306  C CG    . PRO A 1 39  ? -26.307 -5.485  2.412   1.00 32.14 ? 129 PRO A CG    1 
ATOM   307  C CD    . PRO A 1 39  ? -25.883 -4.044  2.178   1.00 30.54 ? 129 PRO A CD    1 
ATOM   308  N N     . THR A 1 40  ? -25.998 -4.277  -1.648  1.00 27.32 ? 130 THR A N     1 
ATOM   309  C CA    . THR A 1 40  ? -26.224 -4.064  -3.072  1.00 27.54 ? 130 THR A CA    1 
ATOM   310  C C     . THR A 1 40  ? -24.934 -3.961  -3.869  1.00 25.81 ? 130 THR A C     1 
ATOM   311  O O     . THR A 1 40  ? -24.946 -4.072  -5.095  1.00 25.14 ? 130 THR A O     1 
ATOM   312  C CB    . THR A 1 40  ? -27.019 -2.764  -3.324  1.00 30.58 ? 130 THR A CB    1 
ATOM   313  O OG1   . THR A 1 40  ? -26.676 -1.795  -2.323  1.00 32.43 ? 130 THR A OG1   1 
ATOM   314  C CG2   . THR A 1 40  ? -28.514 -3.035  -3.310  1.00 31.49 ? 130 THR A CG2   1 
ATOM   315  N N     . LEU A 1 41  ? -23.823 -3.763  -3.166  1.00 23.58 ? 131 LEU A N     1 
ATOM   316  C CA    . LEU A 1 41  ? -22.528 -3.583  -3.817  1.00 22.40 ? 131 LEU A CA    1 
ATOM   317  C C     . LEU A 1 41  ? -21.528 -4.722  -3.637  1.00 21.53 ? 131 LEU A C     1 
ATOM   318  O O     . LEU A 1 41  ? -20.405 -4.638  -4.135  1.00 20.57 ? 131 LEU A O     1 
ATOM   319  C CB    . LEU A 1 41  ? -21.889 -2.287  -3.302  1.00 22.20 ? 131 LEU A CB    1 
ATOM   320  C CG    . LEU A 1 41  ? -22.820 -1.070  -3.275  1.00 22.93 ? 131 LEU A CG    1 
ATOM   321  C CD1   . LEU A 1 41  ? -22.154 0.084   -2.525  1.00 22.31 ? 131 LEU A CD1   1 
ATOM   322  C CD2   . LEU A 1 41  ? -23.170 -0.666  -4.705  1.00 22.16 ? 131 LEU A CD2   1 
ATOM   323  N N     . LYS A 1 42  ? -21.936 -5.784  -2.947  1.00 22.36 ? 132 LYS A N     1 
ATOM   324  C CA    . LYS A 1 42  ? -21.038 -6.904  -2.672  1.00 21.48 ? 132 LYS A CA    1 
ATOM   325  C C     . LYS A 1 42  ? -20.459 -7.584  -3.906  1.00 21.07 ? 132 LYS A C     1 
ATOM   326  O O     . LYS A 1 42  ? -19.393 -8.193  -3.828  1.00 20.28 ? 132 LYS A O     1 
ATOM   327  C CB    . LYS A 1 42  ? -21.743 -7.944  -1.789  1.00 23.89 ? 132 LYS A CB    1 
ATOM   328  C CG    . LYS A 1 42  ? -22.947 -8.608  -2.442  1.00 25.63 ? 132 LYS A CG    1 
ATOM   329  C CD    . LYS A 1 42  ? -23.627 -9.620  -1.517  1.00 30.46 ? 132 LYS A CD    1 
ATOM   330  C CE    . LYS A 1 42  ? -24.287 -8.950  -0.326  1.00 33.39 ? 132 LYS A CE    1 
ATOM   331  N NZ    . LYS A 1 42  ? -25.069 -9.927  0.483   1.00 37.06 ? 132 LYS A NZ    1 
ATOM   332  N N     . PHE A 1 43  ? -21.136 -7.482  -5.044  1.00 20.29 ? 133 PHE A N     1 
ATOM   333  C CA    . PHE A 1 43  ? -20.639 -8.123  -6.255  1.00 20.64 ? 133 PHE A CA    1 
ATOM   334  C C     . PHE A 1 43  ? -19.966 -7.172  -7.234  1.00 20.50 ? 133 PHE A C     1 
ATOM   335  O O     . PHE A 1 43  ? -19.773 -7.499  -8.402  1.00 21.76 ? 133 PHE A O     1 
ATOM   336  C CB    . PHE A 1 43  ? -21.775 -8.886  -6.940  1.00 22.32 ? 133 PHE A CB    1 
ATOM   337  C CG    . PHE A 1 43  ? -22.349 -9.985  -6.093  1.00 23.44 ? 133 PHE A CG    1 
ATOM   338  C CD1   . PHE A 1 43  ? -23.726 -10.157 -5.984  1.00 24.52 ? 133 PHE A CD1   1 
ATOM   339  C CD2   . PHE A 1 43  ? -21.511 -10.842 -5.389  1.00 24.04 ? 133 PHE A CD2   1 
ATOM   340  C CE1   . PHE A 1 43  ? -24.259 -11.168 -5.182  1.00 26.34 ? 133 PHE A CE1   1 
ATOM   341  C CE2   . PHE A 1 43  ? -22.034 -11.852 -4.587  1.00 25.84 ? 133 PHE A CE2   1 
ATOM   342  C CZ    . PHE A 1 43  ? -23.412 -12.015 -4.483  1.00 25.95 ? 133 PHE A CZ    1 
ATOM   343  N N     . GLU A 1 44  ? -19.626 -5.980  -6.760  1.00 20.28 ? 134 GLU A N     1 
ATOM   344  C CA    . GLU A 1 44  ? -18.913 -5.022  -7.594  1.00 21.03 ? 134 GLU A CA    1 
ATOM   345  C C     . GLU A 1 44  ? -17.481 -5.273  -7.144  1.00 21.54 ? 134 GLU A C     1 
ATOM   346  O O     . GLU A 1 44  ? -16.935 -4.560  -6.303  1.00 19.67 ? 134 GLU A O     1 
ATOM   347  C CB    . GLU A 1 44  ? -19.388 -3.598  -7.292  1.00 23.09 ? 134 GLU A CB    1 
ATOM   348  C CG    . GLU A 1 44  ? -20.849 -3.394  -7.706  1.00 26.19 ? 134 GLU A CG    1 
ATOM   349  C CD    . GLU A 1 44  ? -21.332 -1.953  -7.610  1.00 30.95 ? 134 GLU A CD    1 
ATOM   350  O OE1   . GLU A 1 44  ? -20.566 -1.080  -7.157  1.00 29.02 ? 134 GLU A OE1   1 
ATOM   351  O OE2   . GLU A 1 44  ? -22.497 -1.701  -7.995  1.00 30.37 ? 134 GLU A OE2   1 
ATOM   352  N N     . PHE A 1 45  ? -16.906 -6.330  -7.715  1.00 20.62 ? 135 PHE A N     1 
ATOM   353  C CA    . PHE A 1 45  ? -15.574 -6.821  -7.374  1.00 19.57 ? 135 PHE A CA    1 
ATOM   354  C C     . PHE A 1 45  ? -14.404 -5.864  -7.393  1.00 19.37 ? 135 PHE A C     1 
ATOM   355  O O     . PHE A 1 45  ? -13.445 -6.065  -6.650  1.00 18.67 ? 135 PHE A O     1 
ATOM   356  C CB    . PHE A 1 45  ? -15.256 -8.045  -8.234  1.00 21.62 ? 135 PHE A CB    1 
ATOM   357  C CG    . PHE A 1 45  ? -16.179 -9.196  -7.977  1.00 23.19 ? 135 PHE A CG    1 
ATOM   358  C CD1   . PHE A 1 45  ? -16.003 -10.005 -6.857  1.00 24.02 ? 135 PHE A CD1   1 
ATOM   359  C CD2   . PHE A 1 45  ? -17.261 -9.433  -8.817  1.00 23.84 ? 135 PHE A CD2   1 
ATOM   360  C CE1   . PHE A 1 45  ? -16.893 -11.031 -6.574  1.00 26.06 ? 135 PHE A CE1   1 
ATOM   361  C CE2   . PHE A 1 45  ? -18.164 -10.460 -8.543  1.00 24.15 ? 135 PHE A CE2   1 
ATOM   362  C CZ    . PHE A 1 45  ? -17.977 -11.258 -7.420  1.00 23.03 ? 135 PHE A CZ    1 
ATOM   363  N N     . ALA A 1 46  ? -14.462 -4.836  -8.229  1.00 19.09 ? 136 ALA A N     1 
ATOM   364  C CA    . ALA A 1 46  ? -13.356 -3.889  -8.264  1.00 18.71 ? 136 ALA A CA    1 
ATOM   365  C C     . ALA A 1 46  ? -13.195 -3.213  -6.903  1.00 17.27 ? 136 ALA A C     1 
ATOM   366  O O     . ALA A 1 46  ? -12.081 -2.855  -6.514  1.00 18.07 ? 136 ALA A O     1 
ATOM   367  C CB    . ALA A 1 46  ? -13.587 -2.844  -9.344  1.00 20.01 ? 136 ALA A CB    1 
ATOM   368  N N     . ARG A 1 47  ? -14.301 -3.055  -6.178  1.00 17.39 ? 137 ARG A N     1 
ATOM   369  C CA    . ARG A 1 47  ? -14.283 -2.398  -4.869  1.00 16.10 ? 137 ARG A CA    1 
ATOM   370  C C     . ARG A 1 47  ? -13.399 -3.062  -3.824  1.00 16.82 ? 137 ARG A C     1 
ATOM   371  O O     . ARG A 1 47  ? -13.013 -2.427  -2.846  1.00 16.47 ? 137 ARG A O     1 
ATOM   372  C CB    . ARG A 1 47  ? -15.700 -2.283  -4.298  1.00 17.05 ? 137 ARG A CB    1 
ATOM   373  C CG    . ARG A 1 47  ? -16.621 -1.336  -5.055  1.00 17.72 ? 137 ARG A CG    1 
ATOM   374  C CD    . ARG A 1 47  ? -17.997 -1.322  -4.404  1.00 18.82 ? 137 ARG A CD    1 
ATOM   375  N NE    . ARG A 1 47  ? -18.926 -0.436  -5.102  1.00 19.42 ? 137 ARG A NE    1 
ATOM   376  C CZ    . ARG A 1 47  ? -18.998 0.876   -4.906  1.00 22.31 ? 137 ARG A CZ    1 
ATOM   377  N NH1   . ARG A 1 47  ? -18.199 1.465   -4.027  1.00 18.79 ? 137 ARG A NH1   1 
ATOM   378  N NH2   . ARG A 1 47  ? -19.861 1.606   -5.602  1.00 20.60 ? 137 ARG A NH2   1 
ATOM   379  N N     . TYR A 1 48  ? -13.086 -4.338  -4.005  1.00 15.61 ? 138 TYR A N     1 
ATOM   380  C CA    . TYR A 1 48  ? -12.233 -5.014  -3.042  1.00 15.21 ? 138 TYR A CA    1 
ATOM   381  C C     . TYR A 1 48  ? -10.787 -4.588  -3.247  1.00 15.35 ? 138 TYR A C     1 
ATOM   382  O O     . TYR A 1 48  ? -9.907  -4.927  -2.448  1.00 17.36 ? 138 TYR A O     1 
ATOM   383  C CB    . TYR A 1 48  ? -12.378 -6.532  -3.182  1.00 15.00 ? 138 TYR A CB    1 
ATOM   384  C CG    . TYR A 1 48  ? -13.764 -7.010  -2.817  1.00 15.46 ? 138 TYR A CG    1 
ATOM   385  C CD1   . TYR A 1 48  ? -14.678 -7.394  -3.801  1.00 17.03 ? 138 TYR A CD1   1 
ATOM   386  C CD2   . TYR A 1 48  ? -14.178 -7.035  -1.485  1.00 16.43 ? 138 TYR A CD2   1 
ATOM   387  C CE1   . TYR A 1 48  ? -15.980 -7.793  -3.463  1.00 17.77 ? 138 TYR A CE1   1 
ATOM   388  C CE2   . TYR A 1 48  ? -15.476 -7.431  -1.135  1.00 17.50 ? 138 TYR A CE2   1 
ATOM   389  C CZ    . TYR A 1 48  ? -16.370 -7.805  -2.130  1.00 16.54 ? 138 TYR A CZ    1 
ATOM   390  O OH    . TYR A 1 48  ? -17.658 -8.164  -1.797  1.00 17.80 ? 138 TYR A OH    1 
ATOM   391  N N     . PHE A 1 49  ? -10.559 -3.819  -4.309  1.00 16.37 ? 139 PHE A N     1 
ATOM   392  C CA    . PHE A 1 49  ? -9.223  -3.337  -4.636  1.00 17.03 ? 139 PHE A CA    1 
ATOM   393  C C     . PHE A 1 49  ? -9.107  -1.826  -4.810  1.00 17.94 ? 139 PHE A C     1 
ATOM   394  O O     . PHE A 1 49  ? -8.095  -1.243  -4.427  1.00 16.74 ? 139 PHE A O     1 
ATOM   395  C CB    . PHE A 1 49  ? -8.713  -3.964  -5.937  1.00 17.70 ? 139 PHE A CB    1 
ATOM   396  C CG    . PHE A 1 49  ? -8.746  -5.460  -5.953  1.00 19.18 ? 139 PHE A CG    1 
ATOM   397  C CD1   . PHE A 1 49  ? -9.892  -6.138  -6.349  1.00 20.15 ? 139 PHE A CD1   1 
ATOM   398  C CD2   . PHE A 1 49  ? -7.625  -6.191  -5.575  1.00 20.08 ? 139 PHE A CD2   1 
ATOM   399  C CE1   . PHE A 1 49  ? -9.921  -7.532  -6.370  1.00 20.68 ? 139 PHE A CE1   1 
ATOM   400  C CE2   . PHE A 1 49  ? -7.641  -7.580  -5.590  1.00 20.80 ? 139 PHE A CE2   1 
ATOM   401  C CZ    . PHE A 1 49  ? -8.792  -8.252  -5.989  1.00 19.28 ? 139 PHE A CZ    1 
ATOM   402  N N     . THR A 1 50  ? -10.127 -1.196  -5.392  1.00 16.60 ? 140 THR A N     1 
ATOM   403  C CA    . THR A 1 50  ? -10.057 0.240   -5.677  1.00 17.37 ? 140 THR A CA    1 
ATOM   404  C C     . THR A 1 50  ? -9.890  1.180   -4.494  1.00 16.80 ? 140 THR A C     1 
ATOM   405  O O     . THR A 1 50  ? -9.492  2.325   -4.679  1.00 17.08 ? 140 THR A O     1 
ATOM   406  C CB    . THR A 1 50  ? -11.262 0.721   -6.545  1.00 17.63 ? 140 THR A CB    1 
ATOM   407  O OG1   . THR A 1 50  ? -12.502 0.371   -5.917  1.00 17.27 ? 140 THR A OG1   1 
ATOM   408  C CG2   . THR A 1 50  ? -11.195 0.098   -7.935  1.00 18.93 ? 140 THR A CG2   1 
ATOM   409  N N     . HIS A 1 51  ? -10.185 0.704   -3.290  1.00 15.94 ? 141 HIS A N     1 
ATOM   410  C CA    . HIS A 1 51  ? -10.038 1.527   -2.094  1.00 16.16 ? 141 HIS A CA    1 
ATOM   411  C C     . HIS A 1 51  ? -8.589  2.004   -1.944  1.00 16.45 ? 141 HIS A C     1 
ATOM   412  O O     . HIS A 1 51  ? -8.326  3.083   -1.401  1.00 16.03 ? 141 HIS A O     1 
ATOM   413  C CB    . HIS A 1 51  ? -10.453 0.716   -0.861  1.00 15.66 ? 141 HIS A CB    1 
ATOM   414  C CG    . HIS A 1 51  ? -9.745  -0.601  -0.743  1.00 16.52 ? 141 HIS A CG    1 
ATOM   415  N ND1   . HIS A 1 51  ? -8.472  -0.721  -0.225  1.00 15.21 ? 141 HIS A ND1   1 
ATOM   416  C CD2   . HIS A 1 51  ? -10.107 -1.845  -1.138  1.00 16.84 ? 141 HIS A CD2   1 
ATOM   417  C CE1   . HIS A 1 51  ? -8.081  -1.981  -0.310  1.00 17.31 ? 141 HIS A CE1   1 
ATOM   418  N NE2   . HIS A 1 51  ? -9.054  -2.683  -0.862  1.00 16.89 ? 141 HIS A NE2   1 
ATOM   419  N N     . ALA A 1 52  ? -7.654  1.208   -2.449  1.00 16.15 ? 142 ALA A N     1 
ATOM   420  C CA    . ALA A 1 52  ? -6.236  1.535   -2.343  1.00 16.48 ? 142 ALA A CA    1 
ATOM   421  C C     . ALA A 1 52  ? -5.816  2.765   -3.145  1.00 17.19 ? 142 ALA A C     1 
ATOM   422  O O     . ALA A 1 52  ? -4.743  3.315   -2.906  1.00 17.02 ? 142 ALA A O     1 
ATOM   423  C CB    . ALA A 1 52  ? -5.395  0.328   -2.773  1.00 17.55 ? 142 ALA A CB    1 
ATOM   424  N N     . LEU A 1 53  ? -6.660  3.195   -4.081  1.00 16.37 ? 143 LEU A N     1 
ATOM   425  C CA    . LEU A 1 53  ? -6.348  4.346   -4.933  1.00 16.73 ? 143 LEU A CA    1 
ATOM   426  C C     . LEU A 1 53  ? -6.709  5.710   -4.354  1.00 16.21 ? 143 LEU A C     1 
ATOM   427  O O     . LEU A 1 53  ? -6.329  6.736   -4.925  1.00 17.80 ? 143 LEU A O     1 
ATOM   428  C CB    . LEU A 1 53  ? -7.055  4.206   -6.286  1.00 17.85 ? 143 LEU A CB    1 
ATOM   429  C CG    . LEU A 1 53  ? -6.755  2.960   -7.126  1.00 17.96 ? 143 LEU A CG    1 
ATOM   430  C CD1   . LEU A 1 53  ? -7.566  3.014   -8.416  1.00 20.75 ? 143 LEU A CD1   1 
ATOM   431  C CD2   . LEU A 1 53  ? -5.266  2.895   -7.441  1.00 18.87 ? 143 LEU A CD2   1 
ATOM   432  N N     . MET A 1 54  ? -7.433  5.726   -3.241  1.00 15.38 ? 144 MET A N     1 
ATOM   433  C CA    . MET A 1 54  ? -7.867  6.983   -2.623  1.00 16.25 ? 144 MET A CA    1 
ATOM   434  C C     . MET A 1 54  ? -7.001  7.483   -1.474  1.00 16.08 ? 144 MET A C     1 
ATOM   435  O O     . MET A 1 54  ? -6.665  6.724   -0.569  1.00 17.51 ? 144 MET A O     1 
ATOM   436  C CB    . MET A 1 54  ? -9.298  6.840   -2.097  1.00 18.22 ? 144 MET A CB    1 
ATOM   437  C CG    . MET A 1 54  ? -10.339 6.553   -3.157  1.00 17.80 ? 144 MET A CG    1 
ATOM   438  S SD    . MET A 1 54  ? -11.999 6.505   -2.444  1.00 19.81 ? 144 MET A SD    1 
ATOM   439  C CE    . MET A 1 54  ? -11.976 4.883   -1.636  1.00 17.76 ? 144 MET A CE    1 
ATOM   440  N N     . HIS A 1 55  ? -6.665  8.773   -1.502  1.00 16.44 ? 145 HIS A N     1 
ATOM   441  C CA    . HIS A 1 55  ? -5.885  9.376   -0.423  1.00 17.56 ? 145 HIS A CA    1 
ATOM   442  C C     . HIS A 1 55  ? -6.621  10.611  0.075   1.00 17.64 ? 145 HIS A C     1 
ATOM   443  O O     . HIS A 1 55  ? -7.278  11.305  -0.704  1.00 18.83 ? 145 HIS A O     1 
ATOM   444  C CB    . HIS A 1 55  ? -4.474  9.702   -0.888  1.00 16.25 ? 145 HIS A CB    1 
ATOM   445  C CG    . HIS A 1 55  ? -3.663  8.479   -1.182  1.00 15.59 ? 145 HIS A CG    1 
ATOM   446  N ND1   . HIS A 1 55  ? -3.686  7.851   -2.408  1.00 17.35 ? 145 HIS A ND1   1 
ATOM   447  C CD2   . HIS A 1 55  ? -2.883  7.715   -0.381  1.00 16.15 ? 145 HIS A CD2   1 
ATOM   448  C CE1   . HIS A 1 55  ? -2.956  6.750   -2.350  1.00 16.50 ? 145 HIS A CE1   1 
ATOM   449  N NE2   . HIS A 1 55  ? -2.459  6.644   -1.132  1.00 15.95 ? 145 HIS A NE2   1 
ATOM   450  N N     . PHE A 1 56  ? -6.495  10.887  1.370   1.00 18.67 ? 146 PHE A N     1 
ATOM   451  C CA    . PHE A 1 56  ? -7.251  11.973  1.987   1.00 20.91 ? 146 PHE A CA    1 
ATOM   452  C C     . PHE A 1 56  ? -6.558  13.262  2.412   1.00 22.39 ? 146 PHE A C     1 
ATOM   453  O O     . PHE A 1 56  ? -7.186  14.128  3.024   1.00 22.68 ? 146 PHE A O     1 
ATOM   454  C CB    . PHE A 1 56  ? -8.039  11.381  3.154   1.00 22.68 ? 146 PHE A CB    1 
ATOM   455  C CG    . PHE A 1 56  ? -8.819  10.157  2.774   1.00 23.26 ? 146 PHE A CG    1 
ATOM   456  C CD1   . PHE A 1 56  ? -8.232  8.894   2.826   1.00 25.66 ? 146 PHE A CD1   1 
ATOM   457  C CD2   . PHE A 1 56  ? -10.113 10.272  2.278   1.00 23.99 ? 146 PHE A CD2   1 
ATOM   458  C CE1   . PHE A 1 56  ? -8.921  7.761   2.385   1.00 26.00 ? 146 PHE A CE1   1 
ATOM   459  C CE2   . PHE A 1 56  ? -10.813 9.150   1.835   1.00 25.53 ? 146 PHE A CE2   1 
ATOM   460  C CZ    . PHE A 1 56  ? -10.213 7.892   1.888   1.00 25.16 ? 146 PHE A CZ    1 
ATOM   461  N N     . SER A 1 57  ? -5.280  13.395  2.082   1.00 20.76 ? 147 SER A N     1 
ATOM   462  C CA    . SER A 1 57  ? -4.521  14.601  2.408   1.00 21.45 ? 147 SER A CA    1 
ATOM   463  C C     . SER A 1 57  ? -3.249  14.587  1.582   1.00 21.50 ? 147 SER A C     1 
ATOM   464  O O     . SER A 1 57  ? -2.855  13.544  1.063   1.00 19.84 ? 147 SER A O     1 
ATOM   465  C CB    . SER A 1 57  ? -4.150  14.642  3.894   1.00 21.69 ? 147 SER A CB    1 
ATOM   466  O OG    . SER A 1 57  ? -3.068  13.771  4.185   1.00 21.73 ? 147 SER A OG    1 
ATOM   467  N N     . LEU A 1 58  ? -2.612  15.747  1.461   1.00 20.99 ? 148 LEU A N     1 
ATOM   468  C CA    . LEU A 1 58  ? -1.369  15.865  0.708   1.00 21.89 ? 148 LEU A CA    1 
ATOM   469  C C     . LEU A 1 58  ? -0.280  14.986  1.306   1.00 21.61 ? 148 LEU A C     1 
ATOM   470  O O     . LEU A 1 58  ? 0.441   14.305  0.581   1.00 21.78 ? 148 LEU A O     1 
ATOM   471  C CB    . LEU A 1 58  ? -0.873  17.313  0.707   1.00 23.83 ? 148 LEU A CB    1 
ATOM   472  C CG    . LEU A 1 58  ? -1.529  18.319  -0.234  1.00 25.95 ? 148 LEU A CG    1 
ATOM   473  C CD1   . LEU A 1 58  ? -0.908  19.694  0.008   1.00 25.13 ? 148 LEU A CD1   1 
ATOM   474  C CD2   . LEU A 1 58  ? -1.329  17.887  -1.687  1.00 27.86 ? 148 LEU A CD2   1 
ATOM   475  N N     . MET A 1 59  ? -0.152  15.011  2.628   1.00 22.37 ? 149 MET A N     1 
ATOM   476  C CA    . MET A 1 59  ? 0.869   14.210  3.288   1.00 22.86 ? 149 MET A CA    1 
ATOM   477  C C     . MET A 1 59  ? 0.596   12.718  3.110   1.00 21.25 ? 149 MET A C     1 
ATOM   478  O O     . MET A 1 59  ? 1.527   11.936  2.945   1.00 19.61 ? 149 MET A O     1 
ATOM   479  C CB    . MET A 1 59  ? 0.950   14.555  4.778   1.00 26.77 ? 149 MET A CB    1 
ATOM   480  C CG    . MET A 1 59  ? 1.484   15.952  5.060   1.00 30.39 ? 149 MET A CG    1 
ATOM   481  S SD    . MET A 1 59  ? 3.179   16.176  4.470   1.00 35.15 ? 149 MET A SD    1 
ATOM   482  C CE    . MET A 1 59  ? 2.927   17.029  2.929   1.00 32.99 ? 149 MET A CE    1 
ATOM   483  N N     . HIS A 1 60  ? -0.678  12.333  3.140   1.00 19.46 ? 150 HIS A N     1 
ATOM   484  C CA    . HIS A 1 60  ? -1.065  10.932  2.971   1.00 18.65 ? 150 HIS A CA    1 
ATOM   485  C C     . HIS A 1 60  ? -0.556  10.411  1.622   1.00 18.35 ? 150 HIS A C     1 
ATOM   486  O O     . HIS A 1 60  ? 0.166   9.413   1.563   1.00 17.98 ? 150 HIS A O     1 
ATOM   487  C CB    . HIS A 1 60  ? -2.598  10.796  3.043   1.00 19.09 ? 150 HIS A CB    1 
ATOM   488  C CG    . HIS A 1 60  ? -3.088  9.378   3.046   1.00 19.00 ? 150 HIS A CG    1 
ATOM   489  N ND1   . HIS A 1 60  ? -4.401  9.043   2.770   1.00 18.83 ? 150 HIS A ND1   1 
ATOM   490  C CD2   . HIS A 1 60  ? -2.456  8.212   3.317   1.00 18.77 ? 150 HIS A CD2   1 
ATOM   491  C CE1   . HIS A 1 60  ? -4.550  7.736   2.868   1.00 19.01 ? 150 HIS A CE1   1 
ATOM   492  N NE2   . HIS A 1 60  ? -3.384  7.205   3.200   1.00 18.03 ? 150 HIS A NE2   1 
ATOM   493  N N     . ILE A 1 61  ? -0.913  11.095  0.537   1.00 17.17 ? 151 ILE A N     1 
ATOM   494  C CA    . ILE A 1 61  ? -0.488  10.654  -0.787  1.00 16.53 ? 151 ILE A CA    1 
ATOM   495  C C     . ILE A 1 61  ? 1.008   10.870  -1.025  1.00 17.61 ? 151 ILE A C     1 
ATOM   496  O O     . ILE A 1 61  ? 1.675   10.018  -1.603  1.00 16.21 ? 151 ILE A O     1 
ATOM   497  C CB    . ILE A 1 61  ? -1.326  11.337  -1.909  1.00 17.70 ? 151 ILE A CB    1 
ATOM   498  C CG1   . ILE A 1 61  ? -1.012  10.675  -3.254  1.00 16.74 ? 151 ILE A CG1   1 
ATOM   499  C CG2   . ILE A 1 61  ? -1.042  12.846  -1.959  1.00 17.89 ? 151 ILE A CG2   1 
ATOM   500  C CD1   . ILE A 1 61  ? -1.985  11.037  -4.367  1.00 18.34 ? 151 ILE A CD1   1 
ATOM   501  N N     . LEU A 1 62  ? 1.540   11.995  -0.557  1.00 16.43 ? 152 LEU A N     1 
ATOM   502  C CA    . LEU A 1 62  ? 2.961   12.275  -0.740  1.00 17.49 ? 152 LEU A CA    1 
ATOM   503  C C     . LEU A 1 62  ? 3.852   11.158  -0.209  1.00 17.10 ? 152 LEU A C     1 
ATOM   504  O O     . LEU A 1 62  ? 4.666   10.605  -0.946  1.00 18.77 ? 152 LEU A O     1 
ATOM   505  C CB    . LEU A 1 62  ? 3.341   13.587  -0.049  1.00 19.88 ? 152 LEU A CB    1 
ATOM   506  C CG    . LEU A 1 62  ? 4.839   13.912  -0.052  1.00 21.10 ? 152 LEU A CG    1 
ATOM   507  C CD1   . LEU A 1 62  ? 5.344   14.042  -1.484  1.00 21.43 ? 152 LEU A CD1   1 
ATOM   508  C CD2   . LEU A 1 62  ? 5.078   15.206  0.716   1.00 22.51 ? 152 LEU A CD2   1 
ATOM   509  N N     . PHE A 1 63  ? 3.699   10.810  1.063   1.00 17.18 ? 153 PHE A N     1 
ATOM   510  C CA    . PHE A 1 63  ? 4.546   9.775   1.627   1.00 17.44 ? 153 PHE A CA    1 
ATOM   511  C C     . PHE A 1 63  ? 4.227   8.363   1.140   1.00 17.05 ? 153 PHE A C     1 
ATOM   512  O O     . PHE A 1 63  ? 5.131   7.540   0.997   1.00 16.59 ? 153 PHE A O     1 
ATOM   513  C CB    . PHE A 1 63  ? 4.549   9.876   3.154   1.00 18.87 ? 153 PHE A CB    1 
ATOM   514  C CG    . PHE A 1 63  ? 5.340   11.054  3.660   1.00 20.99 ? 153 PHE A CG    1 
ATOM   515  C CD1   . PHE A 1 63  ? 4.725   12.279  3.894   1.00 22.29 ? 153 PHE A CD1   1 
ATOM   516  C CD2   . PHE A 1 63  ? 6.719   10.958  3.823   1.00 23.03 ? 153 PHE A CD2   1 
ATOM   517  C CE1   . PHE A 1 63  ? 5.472   13.390  4.277   1.00 24.12 ? 153 PHE A CE1   1 
ATOM   518  C CE2   . PHE A 1 63  ? 7.472   12.062  4.202   1.00 23.20 ? 153 PHE A CE2   1 
ATOM   519  C CZ    . PHE A 1 63  ? 6.847   13.279  4.429   1.00 24.04 ? 153 PHE A CZ    1 
ATOM   520  N N     . ASN A 1 64  ? 2.957   8.084   0.857   1.00 16.62 ? 154 ASN A N     1 
ATOM   521  C CA    . ASN A 1 64  ? 2.610   6.759   0.343   1.00 16.89 ? 154 ASN A CA    1 
ATOM   522  C C     . ASN A 1 64  ? 3.297   6.555   -1.002  1.00 16.92 ? 154 ASN A C     1 
ATOM   523  O O     . ASN A 1 64  ? 3.889   5.502   -1.257  1.00 15.88 ? 154 ASN A O     1 
ATOM   524  C CB    . ASN A 1 64  ? 1.091   6.605   0.137   1.00 15.74 ? 154 ASN A CB    1 
ATOM   525  C CG    . ASN A 1 64  ? 0.360   6.102   1.380   1.00 16.61 ? 154 ASN A CG    1 
ATOM   526  O OD1   . ASN A 1 64  ? -0.853  5.852   1.330   1.00 18.91 ? 154 ASN A OD1   1 
ATOM   527  N ND2   . ASN A 1 64  ? 1.076   5.955   2.487   1.00 14.42 ? 154 ASN A ND2   1 
ATOM   528  N N     . LEU A 1 65  ? 3.214   7.559   -1.872  1.00 15.77 ? 155 LEU A N     1 
ATOM   529  C CA    . LEU A 1 65  ? 3.819   7.436   -3.189  1.00 15.13 ? 155 LEU A CA    1 
ATOM   530  C C     . LEU A 1 65  ? 5.346   7.486   -3.174  1.00 15.37 ? 155 LEU A C     1 
ATOM   531  O O     . LEU A 1 65  ? 5.983   6.910   -4.047  1.00 15.36 ? 155 LEU A O     1 
ATOM   532  C CB    . LEU A 1 65  ? 3.238   8.486   -4.150  1.00 16.96 ? 155 LEU A CB    1 
ATOM   533  C CG    . LEU A 1 65  ? 1.753   8.265   -4.495  1.00 14.81 ? 155 LEU A CG    1 
ATOM   534  C CD1   . LEU A 1 65  ? 1.361   9.095   -5.705  1.00 17.38 ? 155 LEU A CD1   1 
ATOM   535  C CD2   . LEU A 1 65  ? 1.507   6.780   -4.796  1.00 16.74 ? 155 LEU A CD2   1 
ATOM   536  N N     . LEU A 1 66  ? 5.938   8.169   -2.197  1.00 16.34 ? 156 LEU A N     1 
ATOM   537  C CA    . LEU A 1 66  ? 7.397   8.199   -2.111  1.00 17.23 ? 156 LEU A CA    1 
ATOM   538  C C     . LEU A 1 66  ? 7.878   6.785   -1.790  1.00 16.72 ? 156 LEU A C     1 
ATOM   539  O O     . LEU A 1 66  ? 8.807   6.275   -2.418  1.00 17.05 ? 156 LEU A O     1 
ATOM   540  C CB    . LEU A 1 66  ? 7.861   9.156   -1.010  1.00 18.33 ? 156 LEU A CB    1 
ATOM   541  C CG    . LEU A 1 66  ? 7.876   10.637  -1.399  1.00 21.16 ? 156 LEU A CG    1 
ATOM   542  C CD1   . LEU A 1 66  ? 8.141   11.487  -0.168  1.00 21.25 ? 156 LEU A CD1   1 
ATOM   543  C CD2   . LEU A 1 66  ? 8.947   10.875  -2.456  1.00 21.19 ? 156 LEU A CD2   1 
ATOM   544  N N     . TRP A 1 67  ? 7.238   6.154   -0.811  1.00 15.81 ? 157 TRP A N     1 
ATOM   545  C CA    . TRP A 1 67  ? 7.609   4.799   -0.428  1.00 16.10 ? 157 TRP A CA    1 
ATOM   546  C C     . TRP A 1 67  ? 7.308   3.797   -1.539  1.00 17.19 ? 157 TRP A C     1 
ATOM   547  O O     . TRP A 1 67  ? 8.102   2.889   -1.802  1.00 17.19 ? 157 TRP A O     1 
ATOM   548  C CB    . TRP A 1 67  ? 6.880   4.386   0.855   1.00 16.77 ? 157 TRP A CB    1 
ATOM   549  C CG    . TRP A 1 67  ? 7.464   5.001   2.101   1.00 16.73 ? 157 TRP A CG    1 
ATOM   550  C CD1   . TRP A 1 67  ? 6.830   5.819   2.990   1.00 17.19 ? 157 TRP A CD1   1 
ATOM   551  C CD2   . TRP A 1 67  ? 8.804   4.846   2.583   1.00 17.00 ? 157 TRP A CD2   1 
ATOM   552  N NE1   . TRP A 1 67  ? 7.692   6.187   3.998   1.00 17.51 ? 157 TRP A NE1   1 
ATOM   553  C CE2   . TRP A 1 67  ? 8.911   5.604   3.773   1.00 18.21 ? 157 TRP A CE2   1 
ATOM   554  C CE3   . TRP A 1 67  ? 9.925   4.141   2.127   1.00 17.91 ? 157 TRP A CE3   1 
ATOM   555  C CZ2   . TRP A 1 67  ? 10.097  5.677   4.512   1.00 18.84 ? 157 TRP A CZ2   1 
ATOM   556  C CZ3   . TRP A 1 67  ? 11.106  4.213   2.864   1.00 19.90 ? 157 TRP A CZ3   1 
ATOM   557  C CH2   . TRP A 1 67  ? 11.180  4.976   4.042   1.00 19.02 ? 157 TRP A CH2   1 
ATOM   558  N N     . TRP A 1 68  ? 6.155   3.950   -2.185  1.00 16.20 ? 158 TRP A N     1 
ATOM   559  C CA    . TRP A 1 68  ? 5.783   3.052   -3.269  1.00 16.24 ? 158 TRP A CA    1 
ATOM   560  C C     . TRP A 1 68  ? 6.798   3.185   -4.402  1.00 17.21 ? 158 TRP A C     1 
ATOM   561  O O     . TRP A 1 68  ? 7.247   2.191   -4.972  1.00 16.68 ? 158 TRP A O     1 
ATOM   562  C CB    . TRP A 1 68  ? 4.366   3.385   -3.767  1.00 16.51 ? 158 TRP A CB    1 
ATOM   563  C CG    . TRP A 1 68  ? 4.036   2.798   -5.109  1.00 16.80 ? 158 TRP A CG    1 
ATOM   564  C CD1   . TRP A 1 68  ? 4.222   3.387   -6.327  1.00 14.86 ? 158 TRP A CD1   1 
ATOM   565  C CD2   . TRP A 1 68  ? 3.509   1.489   -5.375  1.00 15.02 ? 158 TRP A CD2   1 
ATOM   566  N NE1   . TRP A 1 68  ? 3.845   2.531   -7.334  1.00 16.43 ? 158 TRP A NE1   1 
ATOM   567  C CE2   . TRP A 1 68  ? 3.402   1.359   -6.778  1.00 15.87 ? 158 TRP A CE2   1 
ATOM   568  C CE3   . TRP A 1 68  ? 3.116   0.418   -4.564  1.00 15.84 ? 158 TRP A CE3   1 
ATOM   569  C CZ2   . TRP A 1 68  ? 2.924   0.192   -7.392  1.00 16.13 ? 158 TRP A CZ2   1 
ATOM   570  C CZ3   . TRP A 1 68  ? 2.640   -0.741  -5.173  1.00 14.74 ? 158 TRP A CZ3   1 
ATOM   571  C CH2   . TRP A 1 68  ? 2.547   -0.841  -6.573  1.00 14.86 ? 158 TRP A CH2   1 
ATOM   572  N N     . TRP A 1 69  ? 7.166   4.425   -4.711  1.00 16.54 ? 159 TRP A N     1 
ATOM   573  C CA    . TRP A 1 69  ? 8.131   4.700   -5.766  1.00 17.82 ? 159 TRP A CA    1 
ATOM   574  C C     . TRP A 1 69  ? 9.465   4.012   -5.485  1.00 17.02 ? 159 TRP A C     1 
ATOM   575  O O     . TRP A 1 69  ? 10.015  3.328   -6.351  1.00 17.89 ? 159 TRP A O     1 
ATOM   576  C CB    . TRP A 1 69  ? 8.332   6.215   -5.884  1.00 18.76 ? 159 TRP A CB    1 
ATOM   577  C CG    . TRP A 1 69  ? 9.257   6.670   -6.973  1.00 21.24 ? 159 TRP A CG    1 
ATOM   578  C CD1   . TRP A 1 69  ? 9.463   6.076   -8.179  1.00 21.01 ? 159 TRP A CD1   1 
ATOM   579  C CD2   . TRP A 1 69  ? 10.026  7.882   -6.986  1.00 23.07 ? 159 TRP A CD2   1 
ATOM   580  N NE1   . TRP A 1 69  ? 10.312  6.840   -8.949  1.00 23.03 ? 159 TRP A NE1   1 
ATOM   581  C CE2   . TRP A 1 69  ? 10.673  7.955   -8.238  1.00 24.11 ? 159 TRP A CE2   1 
ATOM   582  C CE3   . TRP A 1 69  ? 10.229  8.915   -6.058  1.00 26.09 ? 159 TRP A CE3   1 
ATOM   583  C CZ2   . TRP A 1 69  ? 11.510  9.025   -8.593  1.00 24.43 ? 159 TRP A CZ2   1 
ATOM   584  C CZ3   . TRP A 1 69  ? 11.060  9.980   -6.409  1.00 25.84 ? 159 TRP A CZ3   1 
ATOM   585  C CH2   . TRP A 1 69  ? 11.690  10.023  -7.665  1.00 25.35 ? 159 TRP A CH2   1 
ATOM   586  N N     . TYR A 1 70  ? 9.974   4.188   -4.272  1.00 17.97 ? 160 TYR A N     1 
ATOM   587  C CA    . TYR A 1 70  ? 11.253  3.602   -3.881  1.00 19.47 ? 160 TYR A CA    1 
ATOM   588  C C     . TYR A 1 70  ? 11.221  2.082   -3.741  1.00 18.96 ? 160 TYR A C     1 
ATOM   589  O O     . TYR A 1 70  ? 12.009  1.379   -4.377  1.00 20.40 ? 160 TYR A O     1 
ATOM   590  C CB    . TYR A 1 70  ? 11.730  4.228   -2.560  1.00 22.13 ? 160 TYR A CB    1 
ATOM   591  C CG    . TYR A 1 70  ? 12.928  3.540   -1.922  1.00 25.64 ? 160 TYR A CG    1 
ATOM   592  C CD1   . TYR A 1 70  ? 14.146  3.437   -2.595  1.00 30.05 ? 160 TYR A CD1   1 
ATOM   593  C CD2   . TYR A 1 70  ? 12.833  2.978   -0.649  1.00 29.05 ? 160 TYR A CD2   1 
ATOM   594  C CE1   . TYR A 1 70  ? 15.240  2.785   -2.014  1.00 31.87 ? 160 TYR A CE1   1 
ATOM   595  C CE2   . TYR A 1 70  ? 13.917  2.325   -0.059  1.00 32.29 ? 160 TYR A CE2   1 
ATOM   596  C CZ    . TYR A 1 70  ? 15.114  2.232   -0.747  1.00 32.46 ? 160 TYR A CZ    1 
ATOM   597  O OH    . TYR A 1 70  ? 16.178  1.577   -0.161  1.00 34.69 ? 160 TYR A OH    1 
ATOM   598  N N     . LEU A 1 71  ? 10.309  1.581   -2.912  1.00 18.33 ? 161 LEU A N     1 
ATOM   599  C CA    . LEU A 1 71  ? 10.210  0.146   -2.652  1.00 18.81 ? 161 LEU A CA    1 
ATOM   600  C C     . LEU A 1 71  ? 9.605   -0.635  -3.806  1.00 19.13 ? 161 LEU A C     1 
ATOM   601  O O     . LEU A 1 71  ? 10.155  -1.650  -4.235  1.00 20.14 ? 161 LEU A O     1 
ATOM   602  C CB    . LEU A 1 71  ? 9.402   -0.095  -1.371  1.00 18.80 ? 161 LEU A CB    1 
ATOM   603  C CG    . LEU A 1 71  ? 9.984   0.585   -0.124  1.00 19.40 ? 161 LEU A CG    1 
ATOM   604  C CD1   . LEU A 1 71  ? 8.994   0.520   1.020   1.00 21.63 ? 161 LEU A CD1   1 
ATOM   605  C CD2   . LEU A 1 71  ? 11.303  -0.081  0.260   1.00 22.92 ? 161 LEU A CD2   1 
ATOM   606  N N     . GLY A 1 72  ? 8.469   -0.164  -4.304  1.00 18.37 ? 162 GLY A N     1 
ATOM   607  C CA    . GLY A 1 72  ? 7.836   -0.843  -5.417  1.00 18.76 ? 162 GLY A CA    1 
ATOM   608  C C     . GLY A 1 72  ? 8.733   -0.780  -6.638  1.00 19.68 ? 162 GLY A C     1 
ATOM   609  O O     . GLY A 1 72  ? 8.870   -1.757  -7.374  1.00 19.14 ? 162 GLY A O     1 
ATOM   610  N N     . GLY A 1 73  ? 9.358   0.376   -6.846  1.00 19.61 ? 163 GLY A N     1 
ATOM   611  C CA    . GLY A 1 73  ? 10.243  0.544   -7.981  1.00 20.30 ? 163 GLY A CA    1 
ATOM   612  C C     . GLY A 1 73  ? 11.384  -0.456  -7.938  1.00 20.16 ? 163 GLY A C     1 
ATOM   613  O O     . GLY A 1 73  ? 11.720  -1.063  -8.956  1.00 21.39 ? 163 GLY A O     1 
ATOM   614  N N     . ALA A 1 74  ? 11.965  -0.634  -6.755  1.00 20.53 ? 164 ALA A N     1 
ATOM   615  C CA    . ALA A 1 74  ? 13.079  -1.563  -6.565  1.00 20.79 ? 164 ALA A CA    1 
ATOM   616  C C     . ALA A 1 74  ? 12.639  -3.000  -6.807  1.00 21.76 ? 164 ALA A C     1 
ATOM   617  O O     . ALA A 1 74  ? 13.325  -3.760  -7.491  1.00 22.99 ? 164 ALA A O     1 
ATOM   618  C CB    . ALA A 1 74  ? 13.647  -1.423  -5.153  1.00 21.10 ? 164 ALA A CB    1 
ATOM   619  N N     . VAL A 1 75  ? 11.493  -3.370  -6.241  1.00 20.38 ? 165 VAL A N     1 
ATOM   620  C CA    . VAL A 1 75  ? 10.970  -4.722  -6.413  1.00 20.62 ? 165 VAL A CA    1 
ATOM   621  C C     . VAL A 1 75  ? 10.698  -5.012  -7.888  1.00 20.29 ? 165 VAL A C     1 
ATOM   622  O O     . VAL A 1 75  ? 11.071  -6.071  -8.396  1.00 22.18 ? 165 VAL A O     1 
ATOM   623  C CB    . VAL A 1 75  ? 9.659   -4.932  -5.598  1.00 19.47 ? 165 VAL A CB    1 
ATOM   624  C CG1   . VAL A 1 75  ? 8.993   -6.254  -5.994  1.00 20.45 ? 165 VAL A CG1   1 
ATOM   625  C CG2   . VAL A 1 75  ? 9.963   -4.938  -4.100  1.00 19.52 ? 165 VAL A CG2   1 
ATOM   626  N N     . GLU A 1 76  ? 10.066  -4.071  -8.588  1.00 18.86 ? 166 GLU A N     1 
ATOM   627  C CA    . GLU A 1 76  ? 9.746   -4.288  -9.996  1.00 21.43 ? 166 GLU A CA    1 
ATOM   628  C C     . GLU A 1 76  ? 10.995  -4.409  -10.863 1.00 23.33 ? 166 GLU A C     1 
ATOM   629  O O     . GLU A 1 76  ? 11.078  -5.279  -11.734 1.00 23.71 ? 166 GLU A O     1 
ATOM   630  C CB    . GLU A 1 76  ? 8.841   -3.162  -10.522 1.00 20.60 ? 166 GLU A CB    1 
ATOM   631  C CG    . GLU A 1 76  ? 8.494   -3.292  -11.998 1.00 20.94 ? 166 GLU A CG    1 
ATOM   632  C CD    . GLU A 1 76  ? 7.314   -2.434  -12.411 1.00 23.34 ? 166 GLU A CD    1 
ATOM   633  O OE1   . GLU A 1 76  ? 7.195   -1.301  -11.894 1.00 23.30 ? 166 GLU A OE1   1 
ATOM   634  O OE2   . GLU A 1 76  ? 6.513   -2.884  -13.265 1.00 22.09 ? 166 GLU A OE2   1 
ATOM   635  N N     . LYS A 1 77  ? 11.971  -3.545  -10.614 1.00 24.35 ? 167 LYS A N     1 
ATOM   636  C CA    . LYS A 1 77  ? 13.210  -3.562  -11.378 1.00 26.85 ? 167 LYS A CA    1 
ATOM   637  C C     . LYS A 1 77  ? 14.010  -4.845  -11.181 1.00 27.51 ? 167 LYS A C     1 
ATOM   638  O O     . LYS A 1 77  ? 14.410  -5.494  -12.147 1.00 27.70 ? 167 LYS A O     1 
ATOM   639  C CB    . LYS A 1 77  ? 14.090  -2.373  -10.984 1.00 28.88 ? 167 LYS A CB    1 
ATOM   640  C CG    . LYS A 1 77  ? 15.496  -2.427  -11.585 1.00 32.45 ? 167 LYS A CG    1 
ATOM   641  C CD    . LYS A 1 77  ? 16.414  -1.385  -10.960 1.00 35.67 ? 167 LYS A CD    1 
ATOM   642  C CE    . LYS A 1 77  ? 17.821  -1.472  -11.534 1.00 38.47 ? 167 LYS A CE    1 
ATOM   643  N NZ    . LYS A 1 77  ? 18.739  -0.507  -10.865 1.00 39.72 ? 167 LYS A NZ    1 
ATOM   644  N N     . ARG A 1 78  ? 14.231  -5.213  -9.926  1.00 27.85 ? 168 ARG A N     1 
ATOM   645  C CA    . ARG A 1 78  ? 15.037  -6.383  -9.610  1.00 29.46 ? 168 ARG A CA    1 
ATOM   646  C C     . ARG A 1 78  ? 14.341  -7.734  -9.619  1.00 29.13 ? 168 ARG A C     1 
ATOM   647  O O     . ARG A 1 78  ? 14.976  -8.751  -9.913  1.00 29.50 ? 168 ARG A O     1 
ATOM   648  C CB    . ARG A 1 78  ? 15.709  -6.182  -8.255  1.00 31.72 ? 168 ARG A CB    1 
ATOM   649  C CG    . ARG A 1 78  ? 16.491  -4.889  -8.163  1.00 37.76 ? 168 ARG A CG    1 
ATOM   650  C CD    . ARG A 1 78  ? 17.537  -4.941  -7.068  1.00 42.17 ? 168 ARG A CD    1 
ATOM   651  N NE    . ARG A 1 78  ? 18.491  -3.849  -7.212  1.00 46.25 ? 168 ARG A NE    1 
ATOM   652  C CZ    . ARG A 1 78  ? 19.811  -4.005  -7.221  1.00 48.10 ? 168 ARG A CZ    1 
ATOM   653  N NH1   . ARG A 1 78  ? 20.341  -5.214  -7.089  1.00 49.88 ? 168 ARG A NH1   1 
ATOM   654  N NH2   . ARG A 1 78  ? 20.601  -2.951  -7.371  1.00 49.51 ? 168 ARG A NH2   1 
ATOM   655  N N     . LEU A 1 79  ? 13.049  -7.751  -9.305  1.00 26.79 ? 169 LEU A N     1 
ATOM   656  C CA    . LEU A 1 79  ? 12.307  -9.006  -9.245  1.00 24.77 ? 169 LEU A CA    1 
ATOM   657  C C     . LEU A 1 79  ? 11.195  -9.169  -10.278 1.00 24.52 ? 169 LEU A C     1 
ATOM   658  O O     . LEU A 1 79  ? 10.638  -10.261 -10.422 1.00 24.86 ? 169 LEU A O     1 
ATOM   659  C CB    . LEU A 1 79  ? 11.740  -9.189  -7.836  1.00 25.12 ? 169 LEU A CB    1 
ATOM   660  C CG    . LEU A 1 79  ? 12.777  -9.022  -6.722  1.00 25.13 ? 169 LEU A CG    1 
ATOM   661  C CD1   . LEU A 1 79  ? 12.123  -9.250  -5.370  1.00 26.19 ? 169 LEU A CD1   1 
ATOM   662  C CD2   . LEU A 1 79  ? 13.928  -9.998  -6.937  1.00 28.55 ? 169 LEU A CD2   1 
ATOM   663  N N     . GLY A 1 80  ? 10.862  -8.092  -10.981 1.00 22.77 ? 170 GLY A N     1 
ATOM   664  C CA    . GLY A 1 80  ? 9.833   -8.168  -12.006 1.00 21.64 ? 170 GLY A CA    1 
ATOM   665  C C     . GLY A 1 80  ? 8.470   -7.610  -11.643 1.00 20.06 ? 170 GLY A C     1 
ATOM   666  O O     . GLY A 1 80  ? 8.092   -7.568  -10.470 1.00 19.79 ? 170 GLY A O     1 
ATOM   667  N N     . SER A 1 81  ? 7.732   -7.191  -12.669 1.00 20.60 ? 171 SER A N     1 
ATOM   668  C CA    . SER A 1 81  ? 6.395   -6.624  -12.509 1.00 20.09 ? 171 SER A CA    1 
ATOM   669  C C     . SER A 1 81  ? 5.430   -7.600  -11.835 1.00 21.05 ? 171 SER A C     1 
ATOM   670  O O     . SER A 1 81  ? 4.595   -7.197  -11.018 1.00 19.64 ? 171 SER A O     1 
ATOM   671  C CB    . SER A 1 81  ? 5.832   -6.217  -13.876 1.00 22.51 ? 171 SER A CB    1 
ATOM   672  O OG    . SER A 1 81  ? 6.608   -5.186  -14.473 1.00 23.68 ? 171 SER A OG    1 
ATOM   673  N N     . GLY A 1 82  ? 5.548   -8.880  -12.180 1.00 21.59 ? 172 GLY A N     1 
ATOM   674  C CA    . GLY A 1 82  ? 4.672   -9.887  -11.605 1.00 21.52 ? 172 GLY A CA    1 
ATOM   675  C C     . GLY A 1 82  ? 4.746   -9.953  -10.095 1.00 21.67 ? 172 GLY A C     1 
ATOM   676  O O     . GLY A 1 82  ? 3.730   -10.124 -9.417  1.00 21.86 ? 172 GLY A O     1 
ATOM   677  N N     . LYS A 1 83  ? 5.959   -9.824  -9.567  1.00 21.33 ? 173 LYS A N     1 
ATOM   678  C CA    . LYS A 1 83  ? 6.183   -9.858  -8.130  1.00 20.73 ? 173 LYS A CA    1 
ATOM   679  C C     . LYS A 1 83  ? 5.467   -8.683  -7.471  1.00 19.67 ? 173 LYS A C     1 
ATOM   680  O O     . LYS A 1 83  ? 4.781   -8.846  -6.461  1.00 18.48 ? 173 LYS A O     1 
ATOM   681  C CB    . LYS A 1 83  ? 7.681   -9.778  -7.826  1.00 22.35 ? 173 LYS A CB    1 
ATOM   682  C CG    . LYS A 1 83  ? 8.022   -9.807  -6.338  1.00 24.52 ? 173 LYS A CG    1 
ATOM   683  C CD    . LYS A 1 83  ? 8.093   -11.223 -5.803  1.00 27.67 ? 173 LYS A CD    1 
ATOM   684  C CE    . LYS A 1 83  ? 9.270   -11.968 -6.419  1.00 28.40 ? 173 LYS A CE    1 
ATOM   685  N NZ    . LYS A 1 83  ? 9.349   -13.366 -5.936  1.00 27.08 ? 173 LYS A NZ    1 
ATOM   686  N N     . LEU A 1 84  ? 5.623   -7.497  -8.050  1.00 18.64 ? 174 LEU A N     1 
ATOM   687  C CA    . LEU A 1 84  ? 4.988   -6.310  -7.484  1.00 17.69 ? 174 LEU A CA    1 
ATOM   688  C C     . LEU A 1 84  ? 3.463   -6.404  -7.555  1.00 17.37 ? 174 LEU A C     1 
ATOM   689  O O     . LEU A 1 84  ? 2.762   -6.008  -6.623  1.00 17.23 ? 174 LEU A O     1 
ATOM   690  C CB    . LEU A 1 84  ? 5.481   -5.046  -8.203  1.00 17.97 ? 174 LEU A CB    1 
ATOM   691  C CG    . LEU A 1 84  ? 4.915   -3.725  -7.667  1.00 17.04 ? 174 LEU A CG    1 
ATOM   692  C CD1   . LEU A 1 84  ? 5.230   -3.589  -6.183  1.00 18.28 ? 174 LEU A CD1   1 
ATOM   693  C CD2   . LEU A 1 84  ? 5.505   -2.557  -8.462  1.00 17.80 ? 174 LEU A CD2   1 
ATOM   694  N N     . ILE A 1 85  ? 2.950   -6.942  -8.656  1.00 17.83 ? 175 ILE A N     1 
ATOM   695  C CA    . ILE A 1 85  ? 1.509   -7.094  -8.819  1.00 17.61 ? 175 ILE A CA    1 
ATOM   696  C C     . ILE A 1 85  ? 0.916   -7.961  -7.704  1.00 17.12 ? 175 ILE A C     1 
ATOM   697  O O     . ILE A 1 85  ? -0.078  -7.585  -7.081  1.00 15.99 ? 175 ILE A O     1 
ATOM   698  C CB    . ILE A 1 85  ? 1.183   -7.731  -10.186 1.00 18.58 ? 175 ILE A CB    1 
ATOM   699  C CG1   . ILE A 1 85  ? 1.465   -6.718  -11.298 1.00 18.79 ? 175 ILE A CG1   1 
ATOM   700  C CG2   . ILE A 1 85  ? -0.272  -8.187  -10.228 1.00 18.08 ? 175 ILE A CG2   1 
ATOM   701  C CD1   . ILE A 1 85  ? 1.532   -7.317  -12.686 1.00 20.83 ? 175 ILE A CD1   1 
ATOM   702  N N     . VAL A 1 86  ? 1.521   -9.120  -7.456  1.00 17.47 ? 176 VAL A N     1 
ATOM   703  C CA    . VAL A 1 86  ? 1.009   -10.023 -6.427  1.00 18.14 ? 176 VAL A CA    1 
ATOM   704  C C     . VAL A 1 86  ? 1.107   -9.442  -5.020  1.00 17.48 ? 176 VAL A C     1 
ATOM   705  O O     . VAL A 1 86  ? 0.149   -9.512  -4.257  1.00 17.11 ? 176 VAL A O     1 
ATOM   706  C CB    . VAL A 1 86  ? 1.719   -11.399 -6.478  1.00 19.25 ? 176 VAL A CB    1 
ATOM   707  C CG1   . VAL A 1 86  ? 1.202   -12.299 -5.360  1.00 23.00 ? 176 VAL A CG1   1 
ATOM   708  C CG2   . VAL A 1 86  ? 1.458   -12.051 -7.829  1.00 21.67 ? 176 VAL A CG2   1 
ATOM   709  N N     . ILE A 1 87  ? 2.251   -8.870  -4.666  1.00 16.80 ? 177 ILE A N     1 
ATOM   710  C CA    . ILE A 1 87  ? 2.388   -8.286  -3.335  1.00 17.70 ? 177 ILE A CA    1 
ATOM   711  C C     . ILE A 1 87  ? 1.294   -7.226  -3.137  1.00 16.71 ? 177 ILE A C     1 
ATOM   712  O O     . ILE A 1 87  ? 0.661   -7.151  -2.086  1.00 16.98 ? 177 ILE A O     1 
ATOM   713  C CB    . ILE A 1 87  ? 3.771   -7.618  -3.146  1.00 20.54 ? 177 ILE A CB    1 
ATOM   714  C CG1   . ILE A 1 87  ? 4.880   -8.674  -3.179  1.00 22.28 ? 177 ILE A CG1   1 
ATOM   715  C CG2   . ILE A 1 87  ? 3.809   -6.867  -1.811  1.00 23.25 ? 177 ILE A CG2   1 
ATOM   716  C CD1   . ILE A 1 87  ? 6.295   -8.090  -3.223  1.00 24.62 ? 177 ILE A CD1   1 
ATOM   717  N N     . THR A 1 88  ? 1.069   -6.426  -4.171  1.00 15.50 ? 178 THR A N     1 
ATOM   718  C CA    . THR A 1 88  ? 0.070   -5.357  -4.125  1.00 16.03 ? 178 THR A CA    1 
ATOM   719  C C     . THR A 1 88  ? -1.359  -5.876  -4.000  1.00 15.80 ? 178 THR A C     1 
ATOM   720  O O     . THR A 1 88  ? -2.125  -5.414  -3.153  1.00 15.48 ? 178 THR A O     1 
ATOM   721  C CB    . THR A 1 88  ? 0.174   -4.467  -5.383  1.00 17.11 ? 178 THR A CB    1 
ATOM   722  O OG1   . THR A 1 88  ? 1.489   -3.900  -5.455  1.00 16.88 ? 178 THR A OG1   1 
ATOM   723  C CG2   . THR A 1 88  ? -0.851  -3.336  -5.336  1.00 16.28 ? 178 THR A CG2   1 
ATOM   724  N N     . LEU A 1 89  ? -1.723  -6.847  -4.831  1.00 15.29 ? 179 LEU A N     1 
ATOM   725  C CA    . LEU A 1 89  ? -3.078  -7.381  -4.775  1.00 15.31 ? 179 LEU A CA    1 
ATOM   726  C C     . LEU A 1 89  ? -3.377  -8.062  -3.444  1.00 14.94 ? 179 LEU A C     1 
ATOM   727  O O     . LEU A 1 89  ? -4.429  -7.831  -2.844  1.00 15.10 ? 179 LEU A O     1 
ATOM   728  C CB    . LEU A 1 89  ? -3.324  -8.371  -5.925  1.00 16.34 ? 179 LEU A CB    1 
ATOM   729  C CG    . LEU A 1 89  ? -3.327  -7.807  -7.348  1.00 16.71 ? 179 LEU A CG    1 
ATOM   730  C CD1   . LEU A 1 89  ? -3.507  -8.949  -8.347  1.00 17.89 ? 179 LEU A CD1   1 
ATOM   731  C CD2   . LEU A 1 89  ? -4.445  -6.783  -7.503  1.00 19.44 ? 179 LEU A CD2   1 
ATOM   732  N N     . ILE A 1 90  ? -2.461  -8.906  -2.977  1.00 14.63 ? 180 ILE A N     1 
ATOM   733  C CA    . ILE A 1 90  ? -2.689  -9.598  -1.716  1.00 15.19 ? 180 ILE A CA    1 
ATOM   734  C C     . ILE A 1 90  ? -2.712  -8.649  -0.518  1.00 16.03 ? 180 ILE A C     1 
ATOM   735  O O     . ILE A 1 90  ? -3.599  -8.751  0.331   1.00 14.83 ? 180 ILE A O     1 
ATOM   736  C CB    . ILE A 1 90  ? -1.638  -10.703 -1.483  1.00 14.78 ? 180 ILE A CB    1 
ATOM   737  C CG1   . ILE A 1 90  ? -1.699  -11.718 -2.629  1.00 16.10 ? 180 ILE A CG1   1 
ATOM   738  C CG2   . ILE A 1 90  ? -1.897  -11.400 -0.152  1.00 17.26 ? 180 ILE A CG2   1 
ATOM   739  C CD1   . ILE A 1 90  ? -0.705  -12.870 -2.471  1.00 17.33 ? 180 ILE A CD1   1 
ATOM   740  N N     . SER A 1 91  ? -1.764  -7.716  -0.443  1.00 15.37 ? 181 SER A N     1 
ATOM   741  C CA    . SER A 1 91  ? -1.746  -6.794  0.694   1.00 16.02 ? 181 SER A CA    1 
ATOM   742  C C     . SER A 1 91  ? -2.941  -5.834  0.697   1.00 16.38 ? 181 SER A C     1 
ATOM   743  O O     . SER A 1 91  ? -3.458  -5.482  1.758   1.00 16.92 ? 181 SER A O     1 
ATOM   744  C CB    . SER A 1 91  ? -0.421  -6.015  0.742   1.00 16.04 ? 181 SER A CB    1 
ATOM   745  O OG    . SER A 1 91  ? -0.219  -5.233  -0.420  1.00 17.28 ? 181 SER A OG    1 
ATOM   746  N N     . ALA A 1 92  ? -3.389  -5.416  -0.480  1.00 16.87 ? 182 ALA A N     1 
ATOM   747  C CA    . ALA A 1 92  ? -4.531  -4.513  -0.552  1.00 16.58 ? 182 ALA A CA    1 
ATOM   748  C C     . ALA A 1 92  ? -5.781  -5.251  -0.083  1.00 17.37 ? 182 ALA A C     1 
ATOM   749  O O     . ALA A 1 92  ? -6.595  -4.707  0.658   1.00 16.70 ? 182 ALA A O     1 
ATOM   750  C CB    . ALA A 1 92  ? -4.719  -4.006  -1.975  1.00 16.57 ? 182 ALA A CB    1 
ATOM   751  N N     . LEU A 1 93  ? -5.927  -6.503  -0.501  1.00 16.50 ? 183 LEU A N     1 
ATOM   752  C CA    . LEU A 1 93  ? -7.098  -7.275  -0.101  1.00 16.66 ? 183 LEU A CA    1 
ATOM   753  C C     . LEU A 1 93  ? -7.126  -7.577  1.394   1.00 16.03 ? 183 LEU A C     1 
ATOM   754  O O     . LEU A 1 93  ? -8.140  -7.360  2.052   1.00 15.78 ? 183 LEU A O     1 
ATOM   755  C CB    . LEU A 1 93  ? -7.164  -8.598  -0.883  1.00 16.22 ? 183 LEU A CB    1 
ATOM   756  C CG    . LEU A 1 93  ? -7.694  -8.588  -2.318  1.00 18.81 ? 183 LEU A CG    1 
ATOM   757  C CD1   . LEU A 1 93  ? -7.398  -9.934  -2.983  1.00 19.32 ? 183 LEU A CD1   1 
ATOM   758  C CD2   . LEU A 1 93  ? -9.195  -8.324  -2.309  1.00 21.14 ? 183 LEU A CD2   1 
ATOM   759  N N     . LEU A 1 94  ? -6.017  -8.078  1.934   1.00 16.66 ? 184 LEU A N     1 
ATOM   760  C CA    . LEU A 1 94  ? -5.991  -8.427  3.350   1.00 16.59 ? 184 LEU A CA    1 
ATOM   761  C C     . LEU A 1 94  ? -6.050  -7.216  4.270   1.00 15.70 ? 184 LEU A C     1 
ATOM   762  O O     . LEU A 1 94  ? -6.777  -7.237  5.258   1.00 14.75 ? 184 LEU A O     1 
ATOM   763  C CB    . LEU A 1 94  ? -4.755  -9.279  3.690   1.00 16.83 ? 184 LEU A CB    1 
ATOM   764  C CG    . LEU A 1 94  ? -4.788  -9.977  5.061   1.00 18.60 ? 184 LEU A CG    1 
ATOM   765  C CD1   . LEU A 1 94  ? -5.970  -10.948 5.116   1.00 20.09 ? 184 LEU A CD1   1 
ATOM   766  C CD2   . LEU A 1 94  ? -3.475  -10.728 5.313   1.00 19.28 ? 184 LEU A CD2   1 
ATOM   767  N N     . SER A 1 95  ? -5.287  -6.167  3.968   1.00 14.95 ? 185 SER A N     1 
ATOM   768  C CA    . SER A 1 95  ? -5.332  -4.995  4.838   1.00 16.49 ? 185 SER A CA    1 
ATOM   769  C C     . SER A 1 95  ? -6.719  -4.363  4.747   1.00 15.53 ? 185 SER A C     1 
ATOM   770  O O     . SER A 1 95  ? -7.273  -3.929  5.753   1.00 17.00 ? 185 SER A O     1 
ATOM   771  C CB    . SER A 1 95  ? -4.228  -3.990  4.475   1.00 15.29 ? 185 SER A CB    1 
ATOM   772  O OG    . SER A 1 95  ? -4.330  -3.532  3.142   1.00 16.67 ? 185 SER A OG    1 
ATOM   773  N N     . GLY A 1 96  ? -7.290  -4.339  3.547   1.00 15.49 ? 186 GLY A N     1 
ATOM   774  C CA    . GLY A 1 96  ? -8.621  -3.781  3.386   1.00 15.52 ? 186 GLY A CA    1 
ATOM   775  C C     . GLY A 1 96  ? -9.644  -4.597  4.158   1.00 16.97 ? 186 GLY A C     1 
ATOM   776  O O     . GLY A 1 96  ? -10.551 -4.050  4.794   1.00 15.68 ? 186 GLY A O     1 
ATOM   777  N N     . TYR A 1 97  ? -9.499  -5.917  4.122   1.00 16.52 ? 187 TYR A N     1 
ATOM   778  C CA    . TYR A 1 97  ? -10.428 -6.782  4.833   1.00 16.45 ? 187 TYR A CA    1 
ATOM   779  C C     . TYR A 1 97  ? -10.400 -6.525  6.343   1.00 17.01 ? 187 TYR A C     1 
ATOM   780  O O     . TYR A 1 97  ? -11.442 -6.415  6.985   1.00 17.57 ? 187 TYR A O     1 
ATOM   781  C CB    . TYR A 1 97  ? -10.105 -8.257  4.580   1.00 17.11 ? 187 TYR A CB    1 
ATOM   782  C CG    . TYR A 1 97  ? -10.951 -9.141  5.452   1.00 20.03 ? 187 TYR A CG    1 
ATOM   783  C CD1   . TYR A 1 97  ? -12.298 -9.333  5.163   1.00 21.83 ? 187 TYR A CD1   1 
ATOM   784  C CD2   . TYR A 1 97  ? -10.443 -9.683  6.633   1.00 21.40 ? 187 TYR A CD2   1 
ATOM   785  C CE1   . TYR A 1 97  ? -13.124 -10.031 6.025   1.00 23.34 ? 187 TYR A CE1   1 
ATOM   786  C CE2   . TYR A 1 97  ? -11.265 -10.384 7.512   1.00 22.34 ? 187 TYR A CE2   1 
ATOM   787  C CZ    . TYR A 1 97  ? -12.605 -10.553 7.197   1.00 24.47 ? 187 TYR A CZ    1 
ATOM   788  O OH    . TYR A 1 97  ? -13.440 -11.234 8.050   1.00 26.75 ? 187 TYR A OH    1 
ATOM   789  N N     . VAL A 1 98  ? -9.198  -6.445  6.904   1.00 17.37 ? 188 VAL A N     1 
ATOM   790  C CA    . VAL A 1 98  ? -9.037  -6.213  8.332   1.00 17.61 ? 188 VAL A CA    1 
ATOM   791  C C     . VAL A 1 98  ? -9.529  -4.830  8.737   1.00 17.77 ? 188 VAL A C     1 
ATOM   792  O O     . VAL A 1 98  ? -10.143 -4.661  9.791   1.00 19.14 ? 188 VAL A O     1 
ATOM   793  C CB    . VAL A 1 98  ? -7.560  -6.387  8.747   1.00 17.52 ? 188 VAL A CB    1 
ATOM   794  C CG1   . VAL A 1 98  ? -7.376  -6.055  10.225  1.00 17.39 ? 188 VAL A CG1   1 
ATOM   795  C CG2   . VAL A 1 98  ? -7.128  -7.815  8.478   1.00 18.02 ? 188 VAL A CG2   1 
ATOM   796  N N     . GLN A 1 99  ? -9.261  -3.840  7.895   1.00 17.56 ? 189 GLN A N     1 
ATOM   797  C CA    . GLN A 1 99  ? -9.690  -2.471  8.170   1.00 18.78 ? 189 GLN A CA    1 
ATOM   798  C C     . GLN A 1 99  ? -11.212 -2.423  8.257   1.00 19.92 ? 189 GLN A C     1 
ATOM   799  O O     . GLN A 1 99  ? -11.789 -1.891  9.206   1.00 21.22 ? 189 GLN A O     1 
ATOM   800  C CB    . GLN A 1 99  ? -9.209  -1.546  7.049   1.00 19.02 ? 189 GLN A CB    1 
ATOM   801  C CG    . GLN A 1 99  ? -9.614  -0.082  7.207   1.00 18.64 ? 189 GLN A CG    1 
ATOM   802  C CD    . GLN A 1 99  ? -9.016  0.552   8.448   1.00 19.80 ? 189 GLN A CD    1 
ATOM   803  O OE1   . GLN A 1 99  ? -7.952  0.141   8.904   1.00 21.89 ? 189 GLN A OE1   1 
ATOM   804  N NE2   . GLN A 1 99  ? -9.685  1.568   8.987   1.00 20.42 ? 189 GLN A NE2   1 
ATOM   805  N N     . GLN A 1 100 ? -11.849 -3.001  7.248   1.00 20.44 ? 190 GLN A N     1 
ATOM   806  C CA    . GLN A 1 100 ? -13.297 -3.040  7.147   1.00 23.16 ? 190 GLN A CA    1 
ATOM   807  C C     . GLN A 1 100 ? -13.924 -3.774  8.336   1.00 22.16 ? 190 GLN A C     1 
ATOM   808  O O     . GLN A 1 100 ? -14.914 -3.313  8.920   1.00 21.20 ? 190 GLN A O     1 
ATOM   809  C CB    . GLN A 1 100 ? -13.661 -3.691  5.805   1.00 25.73 ? 190 GLN A CB    1 
ATOM   810  C CG    . GLN A 1 100 ? -15.088 -4.104  5.640   1.00 34.60 ? 190 GLN A CG    1 
ATOM   811  C CD    . GLN A 1 100 ? -15.384 -5.458  6.256   1.00 30.79 ? 190 GLN A CD    1 
ATOM   812  O OE1   . GLN A 1 100 ? -16.491 -5.692  6.704   1.00 35.36 ? 190 GLN A OE1   1 
ATOM   813  N NE2   . GLN A 1 100 ? -14.401 -6.357  6.263   1.00 33.05 ? 190 GLN A NE2   1 
ATOM   814  N N     . LYS A 1 101 ? -13.323 -4.900  8.708   1.00 21.86 ? 191 LYS A N     1 
ATOM   815  C CA    . LYS A 1 101 ? -13.805 -5.725  9.814   1.00 24.10 ? 191 LYS A CA    1 
ATOM   816  C C     . LYS A 1 101 ? -13.883 -4.995  11.160  1.00 25.29 ? 191 LYS A C     1 
ATOM   817  O O     . LYS A 1 101 ? -14.868 -5.131  11.888  1.00 25.37 ? 191 LYS A O     1 
ATOM   818  C CB    . LYS A 1 101 ? -12.911 -6.969  9.938   1.00 25.37 ? 191 LYS A CB    1 
ATOM   819  C CG    . LYS A 1 101 ? -13.122 -7.802  11.191  1.00 28.35 ? 191 LYS A CG    1 
ATOM   820  C CD    . LYS A 1 101 ? -14.489 -8.457  11.226  1.00 33.87 ? 191 LYS A CD    1 
ATOM   821  C CE    . LYS A 1 101 ? -14.642 -9.308  12.480  1.00 36.66 ? 191 LYS A CE    1 
ATOM   822  N NZ    . LYS A 1 101 ? -16.049 -9.742  12.668  1.00 40.17 ? 191 LYS A NZ    1 
ATOM   823  N N     . PHE A 1 102 ? -12.862 -4.212  11.491  1.00 24.69 ? 192 PHE A N     1 
ATOM   824  C CA    . PHE A 1 102 ? -12.871 -3.504  12.769  1.00 27.04 ? 192 PHE A CA    1 
ATOM   825  C C     . PHE A 1 102 ? -13.288 -2.040  12.723  1.00 27.86 ? 192 PHE A C     1 
ATOM   826  O O     . PHE A 1 102 ? -13.749 -1.501  13.731  1.00 29.40 ? 192 PHE A O     1 
ATOM   827  C CB    . PHE A 1 102 ? -11.492 -3.580  13.435  1.00 28.48 ? 192 PHE A CB    1 
ATOM   828  C CG    . PHE A 1 102 ? -11.044 -4.975  13.739  1.00 30.35 ? 192 PHE A CG    1 
ATOM   829  C CD1   . PHE A 1 102 ? -10.125 -5.612  12.918  1.00 31.75 ? 192 PHE A CD1   1 
ATOM   830  C CD2   . PHE A 1 102 ? -11.553 -5.662  14.839  1.00 32.44 ? 192 PHE A CD2   1 
ATOM   831  C CE1   . PHE A 1 102 ? -9.714  -6.911  13.184  1.00 32.41 ? 192 PHE A CE1   1 
ATOM   832  C CE2   . PHE A 1 102 ? -11.149 -6.966  15.115  1.00 33.25 ? 192 PHE A CE2   1 
ATOM   833  C CZ    . PHE A 1 102 ? -10.226 -7.590  14.285  1.00 33.02 ? 192 PHE A CZ    1 
ATOM   834  N N     . SER A 1 103 ? -13.143 -1.396  11.569  1.00 27.09 ? 193 SER A N     1 
ATOM   835  C CA    . SER A 1 103 ? -13.452 0.025   11.477  1.00 26.83 ? 193 SER A CA    1 
ATOM   836  C C     . SER A 1 103 ? -14.454 0.498   10.427  1.00 25.94 ? 193 SER A C     1 
ATOM   837  O O     . SER A 1 103 ? -14.708 1.697   10.320  1.00 26.85 ? 193 SER A O     1 
ATOM   838  C CB    . SER A 1 103 ? -12.147 0.796   11.290  1.00 28.35 ? 193 SER A CB    1 
ATOM   839  O OG    . SER A 1 103 ? -11.156 0.317   12.186  1.00 31.81 ? 193 SER A OG    1 
ATOM   840  N N     . GLY A 1 104 ? -15.019 -0.411  9.641   1.00 23.52 ? 194 GLY A N     1 
ATOM   841  C CA    . GLY A 1 104 ? -15.975 0.025   8.635   1.00 23.50 ? 194 GLY A CA    1 
ATOM   842  C C     . GLY A 1 104 ? -15.354 0.141   7.257   1.00 22.24 ? 194 GLY A C     1 
ATOM   843  O O     . GLY A 1 104 ? -14.129 0.141   7.135   1.00 21.87 ? 194 GLY A O     1 
ATOM   844  N N     . PRO A 1 105 ? -16.172 0.272   6.199   1.00 21.29 ? 195 PRO A N     1 
ATOM   845  C CA    . PRO A 1 105 ? -15.738 0.380   4.800   1.00 20.29 ? 195 PRO A CA    1 
ATOM   846  C C     . PRO A 1 105 ? -15.213 1.717   4.291   1.00 18.85 ? 195 PRO A C     1 
ATOM   847  O O     . PRO A 1 105 ? -14.767 1.811   3.151   1.00 18.87 ? 195 PRO A O     1 
ATOM   848  C CB    . PRO A 1 105 ? -16.982 -0.051  4.039   1.00 20.96 ? 195 PRO A CB    1 
ATOM   849  C CG    . PRO A 1 105 ? -18.066 0.584   4.867   1.00 21.74 ? 195 PRO A CG    1 
ATOM   850  C CD    . PRO A 1 105 ? -17.646 0.238   6.281   1.00 21.59 ? 195 PRO A CD    1 
ATOM   851  N N     . TRP A 1 106 ? -15.264 2.749   5.121   1.00 19.91 ? 196 TRP A N     1 
ATOM   852  C CA    . TRP A 1 106 ? -14.809 4.061   4.689   1.00 20.41 ? 196 TRP A CA    1 
ATOM   853  C C     . TRP A 1 106 ? -13.334 4.284   5.000   1.00 20.32 ? 196 TRP A C     1 
ATOM   854  O O     . TRP A 1 106 ? -12.965 4.722   6.091   1.00 23.90 ? 196 TRP A O     1 
ATOM   855  C CB    . TRP A 1 106 ? -15.692 5.135   5.331   1.00 20.59 ? 196 TRP A CB    1 
ATOM   856  C CG    . TRP A 1 106 ? -17.157 4.866   5.080   1.00 19.42 ? 196 TRP A CG    1 
ATOM   857  C CD1   . TRP A 1 106 ? -18.072 4.409   5.982   1.00 21.26 ? 196 TRP A CD1   1 
ATOM   858  C CD2   . TRP A 1 106 ? -17.856 5.002   3.836   1.00 19.77 ? 196 TRP A CD2   1 
ATOM   859  N NE1   . TRP A 1 106 ? -19.301 4.255   5.378   1.00 19.04 ? 196 TRP A NE1   1 
ATOM   860  C CE2   . TRP A 1 106 ? -19.195 4.613   4.059   1.00 18.62 ? 196 TRP A CE2   1 
ATOM   861  C CE3   . TRP A 1 106 ? -17.482 5.418   2.552   1.00 20.75 ? 196 TRP A CE3   1 
ATOM   862  C CZ2   . TRP A 1 106 ? -20.163 4.625   3.051   1.00 18.25 ? 196 TRP A CZ2   1 
ATOM   863  C CZ3   . TRP A 1 106 ? -18.447 5.430   1.541   1.00 23.19 ? 196 TRP A CZ3   1 
ATOM   864  C CH2   . TRP A 1 106 ? -19.774 5.036   1.801   1.00 21.41 ? 196 TRP A CH2   1 
ATOM   865  N N     . PHE A 1 107 ? -12.495 3.968   4.021   1.00 20.11 ? 197 PHE A N     1 
ATOM   866  C CA    . PHE A 1 107 ? -11.049 4.101   4.163   1.00 19.03 ? 197 PHE A CA    1 
ATOM   867  C C     . PHE A 1 107 ? -10.411 4.028   2.783   1.00 18.53 ? 197 PHE A C     1 
ATOM   868  O O     . PHE A 1 107 ? -11.093 3.774   1.782   1.00 17.95 ? 197 PHE A O     1 
ATOM   869  C CB    . PHE A 1 107 ? -10.514 2.960   5.041   1.00 18.85 ? 197 PHE A CB    1 
ATOM   870  C CG    . PHE A 1 107 ? -10.680 1.593   4.428   1.00 18.85 ? 197 PHE A CG    1 
ATOM   871  C CD1   . PHE A 1 107 ? -9.692  1.063   3.603   1.00 18.81 ? 197 PHE A CD1   1 
ATOM   872  C CD2   . PHE A 1 107 ? -11.831 0.846   4.659   1.00 18.31 ? 197 PHE A CD2   1 
ATOM   873  C CE1   . PHE A 1 107 ? -9.847  -0.193  3.014   1.00 18.16 ? 197 PHE A CE1   1 
ATOM   874  C CE2   . PHE A 1 107 ? -11.995 -0.413  4.073   1.00 18.59 ? 197 PHE A CE2   1 
ATOM   875  C CZ    . PHE A 1 107 ? -11.000 -0.929  3.249   1.00 17.42 ? 197 PHE A CZ    1 
ATOM   876  N N     . GLY A 1 108 ? -9.102  4.245   2.716   1.00 15.81 ? 198 GLY A N     1 
ATOM   877  C CA    . GLY A 1 108 ? -8.444  4.164   1.429   1.00 15.89 ? 198 GLY A CA    1 
ATOM   878  C C     . GLY A 1 108 ? -6.953  4.413   1.483   1.00 15.86 ? 198 GLY A C     1 
ATOM   879  O O     . GLY A 1 108 ? -6.412  4.753   2.533   1.00 16.58 ? 198 GLY A O     1 
ATOM   880  N N     . GLY A 1 109 ? -6.291  4.226   0.349   1.00 16.42 ? 199 GLY A N     1 
ATOM   881  C CA    . GLY A 1 109 ? -4.867  4.485   0.299   1.00 16.33 ? 199 GLY A CA    1 
ATOM   882  C C     . GLY A 1 109 ? -3.966  3.276   0.203   1.00 17.34 ? 199 GLY A C     1 
ATOM   883  O O     . GLY A 1 109 ? -4.379  2.137   0.436   1.00 15.64 ? 199 GLY A O     1 
ATOM   884  N N     . LEU A 1 110 ? -2.714  3.553   -0.139  1.00 15.32 ? 200 LEU A N     1 
ATOM   885  C CA    . LEU A 1 110 ? -1.684  2.528   -0.300  1.00 16.78 ? 200 LEU A CA    1 
ATOM   886  C C     . LEU A 1 110 ? -0.877  2.201   0.952   1.00 16.18 ? 200 LEU A C     1 
ATOM   887  O O     . LEU A 1 110 ? 0.098   1.463   0.851   1.00 16.70 ? 200 LEU A O     1 
ATOM   888  C CB    . LEU A 1 110 ? -0.698  2.955   -1.397  1.00 17.76 ? 200 LEU A CB    1 
ATOM   889  C CG    . LEU A 1 110 ? -1.133  2.918   -2.861  1.00 20.92 ? 200 LEU A CG    1 
ATOM   890  C CD1   . LEU A 1 110 ? -0.050  3.543   -3.742  1.00 19.23 ? 200 LEU A CD1   1 
ATOM   891  C CD2   . LEU A 1 110 ? -1.392  1.471   -3.280  1.00 18.83 ? 200 LEU A CD2   1 
ATOM   892  N N     . SER A 1 111 ? -1.253  2.716   2.123   1.00 16.10 ? 201 SER A N     1 
ATOM   893  C CA    . SER A 1 111 ? -0.445  2.453   3.325   1.00 16.51 ? 201 SER A CA    1 
ATOM   894  C C     . SER A 1 111 ? -0.301  0.971   3.685   1.00 16.69 ? 201 SER A C     1 
ATOM   895  O O     . SER A 1 111 ? 0.747   0.550   4.165   1.00 16.20 ? 201 SER A O     1 
ATOM   896  C CB    . SER A 1 111 ? -0.966  3.263   4.527   1.00 16.56 ? 201 SER A CB    1 
ATOM   897  O OG    . SER A 1 111 ? -2.275  2.897   4.915   1.00 19.17 ? 201 SER A OG    1 
ATOM   898  N N     . GLY A 1 112 ? -1.347  0.185   3.451   1.00 16.70 ? 202 GLY A N     1 
ATOM   899  C CA    . GLY A 1 112 ? -1.261  -1.238  3.741   1.00 15.19 ? 202 GLY A CA    1 
ATOM   900  C C     . GLY A 1 112 ? -0.276  -1.906  2.796   1.00 16.02 ? 202 GLY A C     1 
ATOM   901  O O     . GLY A 1 112 ? 0.470   -2.811  3.181   1.00 16.33 ? 202 GLY A O     1 
ATOM   902  N N     . VAL A 1 113 ? -0.272  -1.453  1.548   1.00 15.37 ? 203 VAL A N     1 
ATOM   903  C CA    . VAL A 1 113 ? 0.634   -1.991  0.537   1.00 14.93 ? 203 VAL A CA    1 
ATOM   904  C C     . VAL A 1 113 ? 2.066   -1.576  0.883   1.00 16.38 ? 203 VAL A C     1 
ATOM   905  O O     . VAL A 1 113 ? 3.007   -2.346  0.697   1.00 15.51 ? 203 VAL A O     1 
ATOM   906  C CB    . VAL A 1 113 ? 0.261   -1.468  -0.878  1.00 16.09 ? 203 VAL A CB    1 
ATOM   907  C CG1   . VAL A 1 113 ? 1.312   -1.905  -1.901  1.00 16.39 ? 203 VAL A CG1   1 
ATOM   908  C CG2   . VAL A 1 113 ? -1.116  -1.994  -1.280  1.00 15.58 ? 203 VAL A CG2   1 
ATOM   909  N N     . VAL A 1 114 ? 2.228   -0.353  1.387   1.00 15.42 ? 204 VAL A N     1 
ATOM   910  C CA    . VAL A 1 114 ? 3.557   0.120   1.759   1.00 16.14 ? 204 VAL A CA    1 
ATOM   911  C C     . VAL A 1 114 ? 4.117   -0.708  2.912   1.00 15.81 ? 204 VAL A C     1 
ATOM   912  O O     . VAL A 1 114 ? 5.299   -1.054  2.908   1.00 16.64 ? 204 VAL A O     1 
ATOM   913  C CB    . VAL A 1 114 ? 3.537   1.615   2.137   1.00 15.78 ? 204 VAL A CB    1 
ATOM   914  C CG1   . VAL A 1 114 ? 4.878   2.023   2.753   1.00 16.97 ? 204 VAL A CG1   1 
ATOM   915  C CG2   . VAL A 1 114 ? 3.278   2.445   0.890   1.00 16.02 ? 204 VAL A CG2   1 
ATOM   916  N N     . TYR A 1 115 ? 3.285   -1.035  3.898   1.00 17.21 ? 205 TYR A N     1 
ATOM   917  C CA    . TYR A 1 115 ? 3.760   -1.863  5.009   1.00 17.43 ? 205 TYR A CA    1 
ATOM   918  C C     . TYR A 1 115 ? 4.243   -3.201  4.449   1.00 17.96 ? 205 TYR A C     1 
ATOM   919  O O     . TYR A 1 115 ? 5.270   -3.739  4.876   1.00 16.83 ? 205 TYR A O     1 
ATOM   920  C CB    . TYR A 1 115 ? 2.651   -2.124  6.034   1.00 16.23 ? 205 TYR A CB    1 
ATOM   921  C CG    . TYR A 1 115 ? 2.606   -1.135  7.183   1.00 18.42 ? 205 TYR A CG    1 
ATOM   922  C CD1   . TYR A 1 115 ? 2.036   0.128   7.022   1.00 17.15 ? 205 TYR A CD1   1 
ATOM   923  C CD2   . TYR A 1 115 ? 3.125   -1.470  8.436   1.00 19.39 ? 205 TYR A CD2   1 
ATOM   924  C CE1   . TYR A 1 115 ? 1.980   1.035   8.082   1.00 19.29 ? 205 TYR A CE1   1 
ATOM   925  C CE2   . TYR A 1 115 ? 3.070   -0.571  9.502   1.00 20.75 ? 205 TYR A CE2   1 
ATOM   926  C CZ    . TYR A 1 115 ? 2.497   0.675   9.317   1.00 20.91 ? 205 TYR A CZ    1 
ATOM   927  O OH    . TYR A 1 115 ? 2.429   1.560   10.368  1.00 24.49 ? 205 TYR A OH    1 
ATOM   928  N N     . ALA A 1 116 ? 3.500   -3.740  3.489   1.00 16.34 ? 206 ALA A N     1 
ATOM   929  C CA    . ALA A 1 116 ? 3.886   -5.008  2.879   1.00 16.35 ? 206 ALA A CA    1 
ATOM   930  C C     . ALA A 1 116 ? 5.242   -4.873  2.188   1.00 17.33 ? 206 ALA A C     1 
ATOM   931  O O     . ALA A 1 116 ? 6.124   -5.719  2.361   1.00 17.37 ? 206 ALA A O     1 
ATOM   932  C CB    . ALA A 1 116 ? 2.826   -5.457  1.866   1.00 17.21 ? 206 ALA A CB    1 
ATOM   933  N N     . LEU A 1 117 ? 5.411   -3.812  1.404   1.00 16.13 ? 207 LEU A N     1 
ATOM   934  C CA    . LEU A 1 117 ? 6.671   -3.588  0.693   1.00 16.70 ? 207 LEU A CA    1 
ATOM   935  C C     . LEU A 1 117 ? 7.847   -3.354  1.646   1.00 17.18 ? 207 LEU A C     1 
ATOM   936  O O     . LEU A 1 117 ? 8.965   -3.811  1.379   1.00 16.45 ? 207 LEU A O     1 
ATOM   937  C CB    . LEU A 1 117 ? 6.531   -2.411  -0.276  1.00 16.15 ? 207 LEU A CB    1 
ATOM   938  C CG    . LEU A 1 117 ? 5.662   -2.696  -1.513  1.00 17.26 ? 207 LEU A CG    1 
ATOM   939  C CD1   . LEU A 1 117 ? 5.360   -1.402  -2.242  1.00 17.07 ? 207 LEU A CD1   1 
ATOM   940  C CD2   . LEU A 1 117 ? 6.384   -3.681  -2.433  1.00 17.84 ? 207 LEU A CD2   1 
ATOM   941  N N     . MET A 1 118 ? 7.610   -2.645  2.748   1.00 17.83 ? 208 MET A N     1 
ATOM   942  C CA    . MET A 1 118 ? 8.674   -2.404  3.721   1.00 18.56 ? 208 MET A CA    1 
ATOM   943  C C     . MET A 1 118 ? 9.105   -3.735  4.321   1.00 19.86 ? 208 MET A C     1 
ATOM   944  O O     . MET A 1 118 ? 10.299  -4.032  4.421   1.00 20.36 ? 208 MET A O     1 
ATOM   945  C CB    . MET A 1 118 ? 8.192   -1.478  4.840   1.00 18.44 ? 208 MET A CB    1 
ATOM   946  C CG    . MET A 1 118 ? 7.995   -0.044  4.399   1.00 18.74 ? 208 MET A CG    1 
ATOM   947  S SD    . MET A 1 118 ? 7.507   1.016   5.768   1.00 18.75 ? 208 MET A SD    1 
ATOM   948  C CE    . MET A 1 118 ? 7.837   2.620   5.051   1.00 18.26 ? 208 MET A CE    1 
ATOM   949  N N     . GLY A 1 119 ? 8.125   -4.539  4.717   1.00 18.80 ? 209 GLY A N     1 
ATOM   950  C CA    . GLY A 1 119 ? 8.441   -5.834  5.286   1.00 19.29 ? 209 GLY A CA    1 
ATOM   951  C C     . GLY A 1 119 ? 9.141   -6.730  4.282   1.00 19.70 ? 209 GLY A C     1 
ATOM   952  O O     . GLY A 1 119 ? 10.131  -7.388  4.617   1.00 21.97 ? 209 GLY A O     1 
ATOM   953  N N     . TYR A 1 120 ? 8.642   -6.757  3.049   1.00 18.67 ? 210 TYR A N     1 
ATOM   954  C CA    . TYR A 1 120 ? 9.241   -7.601  2.018   1.00 19.56 ? 210 TYR A CA    1 
ATOM   955  C C     . TYR A 1 120 ? 10.687  -7.223  1.718   1.00 20.41 ? 210 TYR A C     1 
ATOM   956  O O     . TYR A 1 120 ? 11.585  -8.059  1.810   1.00 21.52 ? 210 TYR A O     1 
ATOM   957  C CB    . TYR A 1 120 ? 8.452   -7.534  0.711   1.00 19.75 ? 210 TYR A CB    1 
ATOM   958  C CG    . TYR A 1 120 ? 9.016   -8.463  -0.343  1.00 20.13 ? 210 TYR A CG    1 
ATOM   959  C CD1   . TYR A 1 120 ? 8.636   -9.804  -0.396  1.00 20.69 ? 210 TYR A CD1   1 
ATOM   960  C CD2   . TYR A 1 120 ? 9.984   -8.016  -1.244  1.00 19.79 ? 210 TYR A CD2   1 
ATOM   961  C CE1   . TYR A 1 120 ? 9.209   -10.681 -1.315  1.00 21.45 ? 210 TYR A CE1   1 
ATOM   962  C CE2   . TYR A 1 120 ? 10.566  -8.884  -2.166  1.00 20.86 ? 210 TYR A CE2   1 
ATOM   963  C CZ    . TYR A 1 120 ? 10.174  -10.216 -2.193  1.00 21.87 ? 210 TYR A CZ    1 
ATOM   964  O OH    . TYR A 1 120 ? 10.767  -11.073 -3.086  1.00 22.96 ? 210 TYR A OH    1 
ATOM   965  N N     . VAL A 1 121 ? 10.910  -5.964  1.353   1.00 19.78 ? 211 VAL A N     1 
ATOM   966  C CA    . VAL A 1 121 ? 12.253  -5.500  1.015   1.00 20.99 ? 211 VAL A CA    1 
ATOM   967  C C     . VAL A 1 121 ? 13.248  -5.652  2.156   1.00 21.98 ? 211 VAL A C     1 
ATOM   968  O O     . VAL A 1 121 ? 14.390  -6.067  1.947   1.00 22.82 ? 211 VAL A O     1 
ATOM   969  C CB    . VAL A 1 121 ? 12.229  -4.025  0.556   1.00 20.30 ? 211 VAL A CB    1 
ATOM   970  C CG1   . VAL A 1 121 ? 13.646  -3.509  0.320   1.00 20.89 ? 211 VAL A CG1   1 
ATOM   971  C CG2   . VAL A 1 121 ? 11.423  -3.908  -0.722  1.00 19.46 ? 211 VAL A CG2   1 
ATOM   972  N N     . TRP A 1 122 ? 12.815  -5.324  3.367   1.00 22.77 ? 212 TRP A N     1 
ATOM   973  C CA    . TRP A 1 122 ? 13.694  -5.429  4.519   1.00 25.23 ? 212 TRP A CA    1 
ATOM   974  C C     . TRP A 1 122 ? 14.079  -6.877  4.803   1.00 25.51 ? 212 TRP A C     1 
ATOM   975  O O     . TRP A 1 122 ? 15.263  -7.207  4.877   1.00 25.45 ? 212 TRP A O     1 
ATOM   976  C CB    . TRP A 1 122 ? 13.030  -4.834  5.757   1.00 26.63 ? 212 TRP A CB    1 
ATOM   977  C CG    . TRP A 1 122 ? 13.846  -5.050  6.979   1.00 29.44 ? 212 TRP A CG    1 
ATOM   978  C CD1   . TRP A 1 122 ? 15.009  -4.417  7.311   1.00 30.75 ? 212 TRP A CD1   1 
ATOM   979  C CD2   . TRP A 1 122 ? 13.608  -6.019  8.000   1.00 31.26 ? 212 TRP A CD2   1 
ATOM   980  N NE1   . TRP A 1 122 ? 15.511  -4.936  8.480   1.00 31.88 ? 212 TRP A NE1   1 
ATOM   981  C CE2   . TRP A 1 122 ? 14.670  -5.921  8.926   1.00 31.91 ? 212 TRP A CE2   1 
ATOM   982  C CE3   . TRP A 1 122 ? 12.599  -6.966  8.225   1.00 31.33 ? 212 TRP A CE3   1 
ATOM   983  C CZ2   . TRP A 1 122 ? 14.753  -6.733  10.059  1.00 33.48 ? 212 TRP A CZ2   1 
ATOM   984  C CZ3   . TRP A 1 122 ? 12.680  -7.775  9.352   1.00 32.84 ? 212 TRP A CZ3   1 
ATOM   985  C CH2   . TRP A 1 122 ? 13.753  -7.652  10.257  1.00 33.23 ? 212 TRP A CH2   1 
ATOM   986  N N     . LEU A 1 123 ? 13.080  -7.741  4.956   1.00 25.58 ? 213 LEU A N     1 
ATOM   987  C CA    . LEU A 1 123 ? 13.342  -9.143  5.258   1.00 27.63 ? 213 LEU A CA    1 
ATOM   988  C C     . LEU A 1 123 ? 14.096  -9.869  4.150   1.00 27.77 ? 213 LEU A C     1 
ATOM   989  O O     . LEU A 1 123 ? 14.956  -10.708 4.429   1.00 27.98 ? 213 LEU A O     1 
ATOM   990  C CB    . LEU A 1 123 ? 12.034  -9.876  5.568   1.00 28.10 ? 213 LEU A CB    1 
ATOM   991  C CG    . LEU A 1 123 ? 12.193  -11.297 6.118   1.00 29.36 ? 213 LEU A CG    1 
ATOM   992  C CD1   . LEU A 1 123 ? 13.132  -11.284 7.317   1.00 30.17 ? 213 LEU A CD1   1 
ATOM   993  C CD2   . LEU A 1 123 ? 10.831  -11.851 6.514   1.00 29.89 ? 213 LEU A CD2   1 
ATOM   994  N N     . ARG A 1 124 ? 13.784  -9.555  2.896   1.00 27.56 ? 214 ARG A N     1 
ATOM   995  C CA    . ARG A 1 124 ? 14.469  -10.198 1.776   1.00 30.32 ? 214 ARG A CA    1 
ATOM   996  C C     . ARG A 1 124 ? 15.959  -9.853  1.830   1.00 31.37 ? 214 ARG A C     1 
ATOM   997  O O     . ARG A 1 124 ? 16.816  -10.703 1.574   1.00 31.76 ? 214 ARG A O     1 
ATOM   998  C CB    . ARG A 1 124 ? 13.878  -9.734  0.441   1.00 30.75 ? 214 ARG A CB    1 
ATOM   999  C CG    . ARG A 1 124 ? 14.369  -10.515 -0.778  1.00 33.73 ? 214 ARG A CG    1 
ATOM   1000 C CD    . ARG A 1 124 ? 13.817  -11.935 -0.813  1.00 32.86 ? 214 ARG A CD    1 
ATOM   1001 N NE    . ARG A 1 124 ? 14.495  -12.759 -1.814  1.00 34.93 ? 214 ARG A NE    1 
ATOM   1002 C CZ    . ARG A 1 124 ? 14.282  -12.709 -3.127  1.00 35.10 ? 214 ARG A CZ    1 
ATOM   1003 N NH1   . ARG A 1 124 ? 13.393  -11.871 -3.642  1.00 33.16 ? 214 ARG A NH1   1 
ATOM   1004 N NH2   . ARG A 1 124 ? 14.975  -13.505 -3.929  1.00 35.94 ? 214 ARG A NH2   1 
ATOM   1005 N N     . GLY A 1 125 ? 16.263  -8.606  2.177   1.00 32.30 ? 215 GLY A N     1 
ATOM   1006 C CA    . GLY A 1 125 ? 17.649  -8.177  2.257   1.00 35.44 ? 215 GLY A CA    1 
ATOM   1007 C C     . GLY A 1 125 ? 18.400  -8.760  3.439   1.00 37.34 ? 215 GLY A C     1 
ATOM   1008 O O     . GLY A 1 125 ? 19.612  -8.963  3.372   1.00 38.19 ? 215 GLY A O     1 
ATOM   1009 N N     . GLU A 1 126 ? 17.685  -9.040  4.523   1.00 38.74 ? 216 GLU A N     1 
ATOM   1010 C CA    . GLU A 1 126 ? 18.298  -9.599  5.725   1.00 41.94 ? 216 GLU A CA    1 
ATOM   1011 C C     . GLU A 1 126 ? 18.580  -11.100 5.585   1.00 42.91 ? 216 GLU A C     1 
ATOM   1012 O O     . GLU A 1 126 ? 19.603  -11.594 6.064   1.00 42.66 ? 216 GLU A O     1 
ATOM   1013 C CB    . GLU A 1 126 ? 17.384  -9.369  6.929   1.00 43.44 ? 216 GLU A CB    1 
ATOM   1014 C CG    . GLU A 1 126 ? 18.092  -9.342  8.278   1.00 47.63 ? 216 GLU A CG    1 
ATOM   1015 C CD    . GLU A 1 126 ? 18.905  -8.071  8.505   1.00 49.03 ? 216 GLU A CD    1 
ATOM   1016 O OE1   . GLU A 1 126 ? 19.380  -7.867  9.640   1.00 50.91 ? 216 GLU A OE1   1 
ATOM   1017 O OE2   . GLU A 1 126 ? 19.071  -7.277  7.556   1.00 50.76 ? 216 GLU A OE2   1 
ATOM   1018 N N     . ARG A 1 127 ? 17.672  -11.822 4.930   1.00 43.61 ? 217 ARG A N     1 
ATOM   1019 C CA    . ARG A 1 127 ? 17.814  -13.270 4.752   1.00 45.44 ? 217 ARG A CA    1 
ATOM   1020 C C     . ARG A 1 127 ? 18.445  -13.690 3.426   1.00 46.55 ? 217 ARG A C     1 
ATOM   1021 O O     . ARG A 1 127 ? 19.092  -14.735 3.344   1.00 46.88 ? 217 ARG A O     1 
ATOM   1022 C CB    . ARG A 1 127 ? 16.450  -13.964 4.849   1.00 45.33 ? 217 ARG A CB    1 
ATOM   1023 C CG    . ARG A 1 127 ? 15.686  -13.757 6.144   1.00 47.15 ? 217 ARG A CG    1 
ATOM   1024 C CD    . ARG A 1 127 ? 14.384  -14.555 6.123   1.00 49.26 ? 217 ARG A CD    1 
ATOM   1025 N NE    . ARG A 1 127 ? 14.585  -15.973 6.417   1.00 51.73 ? 217 ARG A NE    1 
ATOM   1026 C CZ    . ARG A 1 127 ? 14.553  -16.484 7.645   1.00 53.01 ? 217 ARG A CZ    1 
ATOM   1027 N NH1   . ARG A 1 127 ? 14.326  -15.693 8.685   1.00 54.17 ? 217 ARG A NH1   1 
ATOM   1028 N NH2   . ARG A 1 127 ? 14.747  -17.782 7.834   1.00 54.24 ? 217 ARG A NH2   1 
ATOM   1029 N N     . ASP A 1 128 ? 18.241  -12.882 2.391   1.00 48.11 ? 218 ASP A N     1 
ATOM   1030 C CA    . ASP A 1 128 ? 18.751  -13.189 1.058   1.00 48.89 ? 218 ASP A CA    1 
ATOM   1031 C C     . ASP A 1 128 ? 19.526  -12.003 0.475   1.00 49.56 ? 218 ASP A C     1 
ATOM   1032 O O     . ASP A 1 128 ? 19.190  -11.492 -0.593  1.00 49.17 ? 218 ASP A O     1 
ATOM   1033 C CB    . ASP A 1 128 ? 17.570  -13.535 0.149   1.00 50.24 ? 218 ASP A CB    1 
ATOM   1034 C CG    . ASP A 1 128 ? 17.966  -14.397 -1.031  1.00 51.23 ? 218 ASP A CG    1 
ATOM   1035 O OD1   . ASP A 1 128 ? 19.179  -14.594 -1.257  1.00 52.41 ? 218 ASP A OD1   1 
ATOM   1036 O OD2   . ASP A 1 128 ? 17.051  -14.874 -1.733  1.00 51.87 ? 218 ASP A OD2   1 
ATOM   1037 N N     . PRO A 1 129 ? 20.594  -11.565 1.165   1.00 49.87 ? 219 PRO A N     1 
ATOM   1038 C CA    . PRO A 1 129 ? 21.422  -10.435 0.726   1.00 50.66 ? 219 PRO A CA    1 
ATOM   1039 C C     . PRO A 1 129 ? 21.701  -10.365 -0.781  1.00 51.35 ? 219 PRO A C     1 
ATOM   1040 O O     . PRO A 1 129 ? 21.303  -9.412  -1.450  1.00 52.07 ? 219 PRO A O     1 
ATOM   1041 C CB    . PRO A 1 129 ? 22.702  -10.616 1.541   1.00 50.87 ? 219 PRO A CB    1 
ATOM   1042 C CG    . PRO A 1 129 ? 22.187  -11.177 2.828   1.00 50.36 ? 219 PRO A CG    1 
ATOM   1043 C CD    . PRO A 1 129 ? 21.190  -12.216 2.349   1.00 50.36 ? 219 PRO A CD    1 
ATOM   1044 N N     . GLN A 1 130 ? 22.382  -11.378 -1.307  1.00 52.05 ? 220 GLN A N     1 
ATOM   1045 C CA    . GLN A 1 130 ? 22.731  -11.414 -2.724  1.00 51.66 ? 220 GLN A CA    1 
ATOM   1046 C C     . GLN A 1 130 ? 21.534  -11.398 -3.670  1.00 51.22 ? 220 GLN A C     1 
ATOM   1047 O O     . GLN A 1 130 ? 21.706  -11.447 -4.888  1.00 51.12 ? 220 GLN A O     1 
ATOM   1048 C CB    . GLN A 1 130 ? 23.597  -12.640 -3.022  1.00 52.71 ? 220 GLN A CB    1 
ATOM   1049 N N     . SER A 1 131 ? 20.325  -11.341 -3.121  1.00 50.00 ? 221 SER A N     1 
ATOM   1050 C CA    . SER A 1 131 ? 19.136  -11.298 -3.962  1.00 48.45 ? 221 SER A CA    1 
ATOM   1051 C C     . SER A 1 131 ? 19.123  -9.941  -4.657  1.00 47.27 ? 221 SER A C     1 
ATOM   1052 O O     . SER A 1 131 ? 18.379  -9.726  -5.616  1.00 47.30 ? 221 SER A O     1 
ATOM   1053 C CB    . SER A 1 131 ? 17.859  -11.444 -3.129  1.00 48.82 ? 221 SER A CB    1 
ATOM   1054 O OG    . SER A 1 131 ? 17.584  -10.263 -2.392  1.00 48.88 ? 221 SER A OG    1 
ATOM   1055 N N     . GLY A 1 132 ? 19.951  -9.028  -4.153  1.00 45.04 ? 222 GLY A N     1 
ATOM   1056 C CA    . GLY A 1 132 ? 20.043  -7.693  -4.715  1.00 42.38 ? 222 GLY A CA    1 
ATOM   1057 C C     . GLY A 1 132 ? 19.120  -6.686  -4.049  1.00 41.14 ? 222 GLY A C     1 
ATOM   1058 O O     . GLY A 1 132 ? 19.368  -5.479  -4.093  1.00 40.83 ? 222 GLY A O     1 
ATOM   1059 N N     . ILE A 1 133 ? 18.052  -7.179  -3.433  1.00 38.84 ? 223 ILE A N     1 
ATOM   1060 C CA    . ILE A 1 133 ? 17.083  -6.316  -2.767  1.00 36.31 ? 223 ILE A CA    1 
ATOM   1061 C C     . ILE A 1 133 ? 17.308  -6.207  -1.264  1.00 34.11 ? 223 ILE A C     1 
ATOM   1062 O O     . ILE A 1 133 ? 17.524  -7.207  -0.577  1.00 34.39 ? 223 ILE A O     1 
ATOM   1063 C CB    . ILE A 1 133 ? 15.637  -6.798  -3.055  1.00 37.73 ? 223 ILE A CB    1 
ATOM   1064 C CG1   . ILE A 1 133 ? 15.196  -6.264  -4.422  1.00 39.98 ? 223 ILE A CG1   1 
ATOM   1065 C CG2   . ILE A 1 133 ? 14.687  -6.356  -1.946  1.00 38.17 ? 223 ILE A CG2   1 
ATOM   1066 C CD1   . ILE A 1 133 ? 13.741  -6.501  -4.747  1.00 42.52 ? 223 ILE A CD1   1 
ATOM   1067 N N     . TYR A 1 134 ? 17.254  -4.975  -0.764  1.00 31.06 ? 224 TYR A N     1 
ATOM   1068 C CA    . TYR A 1 134 ? 17.451  -4.703  0.654   1.00 29.12 ? 224 TYR A CA    1 
ATOM   1069 C C     . TYR A 1 134 ? 16.984  -3.285  0.974   1.00 26.70 ? 224 TYR A C     1 
ATOM   1070 O O     . TYR A 1 134 ? 16.864  -2.443  0.083   1.00 25.54 ? 224 TYR A O     1 
ATOM   1071 C CB    . TYR A 1 134 ? 18.933  -4.840  1.009   1.00 30.79 ? 224 TYR A CB    1 
ATOM   1072 C CG    . TYR A 1 134 ? 19.797  -3.797  0.336   1.00 32.99 ? 224 TYR A CG    1 
ATOM   1073 C CD1   . TYR A 1 134 ? 20.075  -2.578  0.961   1.00 35.02 ? 224 TYR A CD1   1 
ATOM   1074 C CD2   . TYR A 1 134 ? 20.308  -4.012  -0.938  1.00 34.19 ? 224 TYR A CD2   1 
ATOM   1075 C CE1   . TYR A 1 134 ? 20.843  -1.598  0.324   1.00 36.46 ? 224 TYR A CE1   1 
ATOM   1076 C CE2   . TYR A 1 134 ? 21.075  -3.043  -1.583  1.00 36.69 ? 224 TYR A CE2   1 
ATOM   1077 C CZ    . TYR A 1 134 ? 21.339  -1.838  -0.950  1.00 37.70 ? 224 TYR A CZ    1 
ATOM   1078 O OH    . TYR A 1 134 ? 22.095  -0.879  -1.592  1.00 39.85 ? 224 TYR A OH    1 
ATOM   1079 N N     . LEU A 1 135 ? 16.722  -3.029  2.250   1.00 26.14 ? 225 LEU A N     1 
ATOM   1080 C CA    . LEU A 1 135 ? 16.283  -1.711  2.676   1.00 27.68 ? 225 LEU A CA    1 
ATOM   1081 C C     . LEU A 1 135 ? 17.482  -0.954  3.239   1.00 29.04 ? 225 LEU A C     1 
ATOM   1082 O O     . LEU A 1 135 ? 18.034  -1.332  4.270   1.00 27.60 ? 225 LEU A O     1 
ATOM   1083 C CB    . LEU A 1 135 ? 15.179  -1.838  3.734   1.00 26.63 ? 225 LEU A CB    1 
ATOM   1084 C CG    . LEU A 1 135 ? 14.465  -0.548  4.149   1.00 28.41 ? 225 LEU A CG    1 
ATOM   1085 C CD1   . LEU A 1 135 ? 14.083  0.244   2.912   1.00 29.15 ? 225 LEU A CD1   1 
ATOM   1086 C CD2   . LEU A 1 135 ? 13.232  -0.884  4.987   1.00 28.86 ? 225 LEU A CD2   1 
ATOM   1087 N N     . GLN A 1 136 ? 17.887  0.099   2.533   1.00 30.99 ? 226 GLN A N     1 
ATOM   1088 C CA    . GLN A 1 136 ? 19.012  0.940   2.933   1.00 32.94 ? 226 GLN A CA    1 
ATOM   1089 C C     . GLN A 1 136 ? 18.964  1.196   4.439   1.00 32.75 ? 226 GLN A C     1 
ATOM   1090 O O     . GLN A 1 136 ? 17.932  1.583   4.984   1.00 31.34 ? 226 GLN A O     1 
ATOM   1091 C CB    . GLN A 1 136 ? 18.957  2.274   2.182   1.00 35.53 ? 226 GLN A CB    1 
ATOM   1092 C CG    . GLN A 1 136 ? 20.157  3.191   2.417   1.00 39.32 ? 226 GLN A CG    1 
ATOM   1093 C CD    . GLN A 1 136 ? 21.374  2.788   1.601   1.00 41.27 ? 226 GLN A CD    1 
ATOM   1094 O OE1   . GLN A 1 136 ? 21.345  1.801   0.870   1.00 42.63 ? 226 GLN A OE1   1 
ATOM   1095 N NE2   . GLN A 1 136 ? 22.452  3.556   1.721   1.00 43.18 ? 226 GLN A NE2   1 
ATOM   1096 N N     . ARG A 1 137 ? 20.093  0.982   5.103   1.00 31.70 ? 227 ARG A N     1 
ATOM   1097 C CA    . ARG A 1 137 ? 20.190  1.170   6.542   1.00 30.05 ? 227 ARG A CA    1 
ATOM   1098 C C     . ARG A 1 137 ? 19.558  2.484   7.007   1.00 28.59 ? 227 ARG A C     1 
ATOM   1099 O O     . ARG A 1 137 ? 18.746  2.501   7.934   1.00 28.96 ? 227 ARG A O     1 
ATOM   1100 C CB    . ARG A 1 137 ? 21.658  1.132   6.970   1.00 33.42 ? 227 ARG A CB    1 
ATOM   1101 C CG    . ARG A 1 137 ? 21.883  0.583   8.364   1.00 34.72 ? 227 ARG A CG    1 
ATOM   1102 C CD    . ARG A 1 137 ? 23.335  0.728   8.779   1.00 36.15 ? 227 ARG A CD    1 
ATOM   1103 N NE    . ARG A 1 137 ? 23.813  -0.460  9.480   1.00 37.86 ? 227 ARG A NE    1 
ATOM   1104 C CZ    . ARG A 1 137 ? 25.014  -0.561  10.036  1.00 38.19 ? 227 ARG A CZ    1 
ATOM   1105 N NH1   . ARG A 1 137 ? 25.860  0.460   9.976   1.00 37.92 ? 227 ARG A NH1   1 
ATOM   1106 N NH2   . ARG A 1 137 ? 25.375  -1.681  10.646  1.00 39.53 ? 227 ARG A NH2   1 
ATOM   1107 N N     . GLY A 1 138 ? 19.931  3.586   6.367   1.00 25.58 ? 228 GLY A N     1 
ATOM   1108 C CA    . GLY A 1 138 ? 19.381  4.873   6.749   1.00 24.92 ? 228 GLY A CA    1 
ATOM   1109 C C     . GLY A 1 138 ? 17.883  4.956   6.523   1.00 25.53 ? 228 GLY A C     1 
ATOM   1110 O O     . GLY A 1 138 ? 17.161  5.585   7.296   1.00 24.86 ? 228 GLY A O     1 
ATOM   1111 N N     . LEU A 1 139 ? 17.402  4.321   5.461   1.00 24.90 ? 229 LEU A N     1 
ATOM   1112 C CA    . LEU A 1 139 ? 15.976  4.367   5.179   1.00 25.79 ? 229 LEU A CA    1 
ATOM   1113 C C     . LEU A 1 139 ? 15.171  3.506   6.139   1.00 24.03 ? 229 LEU A C     1 
ATOM   1114 O O     . LEU A 1 139 ? 13.964  3.688   6.270   1.00 24.58 ? 229 LEU A O     1 
ATOM   1115 C CB    . LEU A 1 139 ? 15.704  3.978   3.724   1.00 28.13 ? 229 LEU A CB    1 
ATOM   1116 C CG    . LEU A 1 139 ? 16.292  5.001   2.742   1.00 30.80 ? 229 LEU A CG    1 
ATOM   1117 C CD1   . LEU A 1 139 ? 15.933  4.626   1.316   1.00 31.84 ? 229 LEU A CD1   1 
ATOM   1118 C CD2   . LEU A 1 139 ? 15.761  6.391   3.070   1.00 31.10 ? 229 LEU A CD2   1 
ATOM   1119 N N     . ILE A 1 140 ? 15.826  2.571   6.817   1.00 23.34 ? 230 ILE A N     1 
ATOM   1120 C CA    . ILE A 1 140 ? 15.117  1.749   7.789   1.00 22.54 ? 230 ILE A CA    1 
ATOM   1121 C C     . ILE A 1 140 ? 14.642  2.702   8.882   1.00 22.33 ? 230 ILE A C     1 
ATOM   1122 O O     . ILE A 1 140 ? 13.544  2.559   9.427   1.00 20.98 ? 230 ILE A O     1 
ATOM   1123 C CB    . ILE A 1 140 ? 16.044  0.675   8.416   1.00 23.88 ? 230 ILE A CB    1 
ATOM   1124 C CG1   . ILE A 1 140 ? 16.330  -0.427  7.396   1.00 25.68 ? 230 ILE A CG1   1 
ATOM   1125 C CG2   . ILE A 1 140 ? 15.404  0.097   9.680   1.00 24.77 ? 230 ILE A CG2   1 
ATOM   1126 C CD1   . ILE A 1 140 ? 17.265  -1.508  7.907   1.00 27.78 ? 230 ILE A CD1   1 
ATOM   1127 N N     . ILE A 1 141 ? 15.478  3.690   9.192   1.00 19.81 ? 231 ILE A N     1 
ATOM   1128 C CA    . ILE A 1 141 ? 15.151  4.665   10.218  1.00 19.97 ? 231 ILE A CA    1 
ATOM   1129 C C     . ILE A 1 141 ? 13.935  5.505   9.839   1.00 19.86 ? 231 ILE A C     1 
ATOM   1130 O O     . ILE A 1 141 ? 13.040  5.713   10.653  1.00 19.41 ? 231 ILE A O     1 
ATOM   1131 C CB    . ILE A 1 141 ? 16.353  5.604   10.489  1.00 21.14 ? 231 ILE A CB    1 
ATOM   1132 C CG1   . ILE A 1 141 ? 17.518  4.792   11.064  1.00 21.05 ? 231 ILE A CG1   1 
ATOM   1133 C CG2   . ILE A 1 141 ? 15.947  6.738   11.428  1.00 21.07 ? 231 ILE A CG2   1 
ATOM   1134 C CD1   . ILE A 1 141 ? 17.203  4.055   12.360  1.00 22.45 ? 231 ILE A CD1   1 
ATOM   1135 N N     . PHE A 1 142 ? 13.887  5.982   8.603   1.00 19.07 ? 232 PHE A N     1 
ATOM   1136 C CA    . PHE A 1 142 ? 12.761  6.811   8.220   1.00 19.69 ? 232 PHE A CA    1 
ATOM   1137 C C     . PHE A 1 142 ? 11.502  6.001   7.973   1.00 18.99 ? 232 PHE A C     1 
ATOM   1138 O O     . PHE A 1 142 ? 10.394  6.516   8.103   1.00 20.35 ? 232 PHE A O     1 
ATOM   1139 C CB    . PHE A 1 142 ? 13.160  7.700   7.045   1.00 20.70 ? 232 PHE A CB    1 
ATOM   1140 C CG    . PHE A 1 142 ? 14.322  8.597   7.381   1.00 22.49 ? 232 PHE A CG    1 
ATOM   1141 C CD1   . PHE A 1 142 ? 15.622  8.217   7.066   1.00 24.23 ? 232 PHE A CD1   1 
ATOM   1142 C CD2   . PHE A 1 142 ? 14.127  9.751   8.139   1.00 23.15 ? 232 PHE A CD2   1 
ATOM   1143 C CE1   . PHE A 1 142 ? 16.713  8.966   7.507   1.00 24.61 ? 232 PHE A CE1   1 
ATOM   1144 C CE2   . PHE A 1 142 ? 15.215  10.508  8.586   1.00 23.63 ? 232 PHE A CE2   1 
ATOM   1145 C CZ    . PHE A 1 142 ? 16.508  10.111  8.269   1.00 23.64 ? 232 PHE A CZ    1 
ATOM   1146 N N     . ALA A 1 143 ? 11.675  4.725   7.652   1.00 19.40 ? 233 ALA A N     1 
ATOM   1147 C CA    . ALA A 1 143 ? 10.518  3.860   7.464   1.00 19.66 ? 233 ALA A CA    1 
ATOM   1148 C C     . ALA A 1 143 ? 9.909   3.689   8.857   1.00 20.48 ? 233 ALA A C     1 
ATOM   1149 O O     . ALA A 1 143 ? 8.693   3.742   9.031   1.00 20.91 ? 233 ALA A O     1 
ATOM   1150 C CB    . ALA A 1 143 ? 10.945  2.515   6.903   1.00 19.30 ? 233 ALA A CB    1 
ATOM   1151 N N     . LEU A 1 144 ? 10.769  3.505   9.855   1.00 19.69 ? 234 LEU A N     1 
ATOM   1152 C CA    . LEU A 1 144 ? 10.300  3.341   11.227  1.00 19.81 ? 234 LEU A CA    1 
ATOM   1153 C C     . LEU A 1 144 ? 9.594   4.602   11.720  1.00 19.24 ? 234 LEU A C     1 
ATOM   1154 O O     . LEU A 1 144 ? 8.596   4.521   12.429  1.00 20.79 ? 234 LEU A O     1 
ATOM   1155 C CB    . LEU A 1 144 ? 11.473  2.986   12.150  1.00 21.66 ? 234 LEU A CB    1 
ATOM   1156 C CG    . LEU A 1 144 ? 11.999  1.554   11.996  1.00 22.24 ? 234 LEU A CG    1 
ATOM   1157 C CD1   . LEU A 1 144 ? 13.255  1.365   12.830  1.00 22.78 ? 234 LEU A CD1   1 
ATOM   1158 C CD2   . LEU A 1 144 ? 10.925  0.575   12.431  1.00 24.06 ? 234 LEU A CD2   1 
ATOM   1159 N N     . ILE A 1 145 ? 10.104  5.772   11.341  1.00 19.85 ? 235 ILE A N     1 
ATOM   1160 C CA    . ILE A 1 145 ? 9.479   7.023   11.751  1.00 19.80 ? 235 ILE A CA    1 
ATOM   1161 C C     . ILE A 1 145 ? 8.100   7.155   11.099  1.00 20.43 ? 235 ILE A C     1 
ATOM   1162 O O     . ILE A 1 145 ? 7.154   7.637   11.719  1.00 20.22 ? 235 ILE A O     1 
ATOM   1163 C CB    . ILE A 1 145 ? 10.358  8.233   11.374  1.00 20.72 ? 235 ILE A CB    1 
ATOM   1164 C CG1   . ILE A 1 145 ? 11.614  8.238   12.261  1.00 20.83 ? 235 ILE A CG1   1 
ATOM   1165 C CG2   . ILE A 1 145 ? 9.575   9.530   11.544  1.00 21.36 ? 235 ILE A CG2   1 
ATOM   1166 C CD1   . ILE A 1 145 ? 12.593  9.355   11.951  1.00 21.22 ? 235 ILE A CD1   1 
ATOM   1167 N N     . TRP A 1 146 ? 7.992   6.718   9.849   1.00 19.60 ? 236 TRP A N     1 
ATOM   1168 C CA    . TRP A 1 146 ? 6.724   6.768   9.126   1.00 19.66 ? 236 TRP A CA    1 
ATOM   1169 C C     . TRP A 1 146 ? 5.737   5.807   9.798   1.00 18.87 ? 236 TRP A C     1 
ATOM   1170 O O     . TRP A 1 146 ? 4.553   6.123   9.958   1.00 19.59 ? 236 TRP A O     1 
ATOM   1171 C CB    . TRP A 1 146 ? 6.958   6.364   7.668   1.00 18.58 ? 236 TRP A CB    1 
ATOM   1172 C CG    . TRP A 1 146 ? 5.728   6.359   6.810   1.00 19.57 ? 236 TRP A CG    1 
ATOM   1173 C CD1   . TRP A 1 146 ? 5.151   7.426   6.186   1.00 18.24 ? 236 TRP A CD1   1 
ATOM   1174 C CD2   . TRP A 1 146 ? 4.944   5.213   6.463   1.00 17.96 ? 236 TRP A CD2   1 
ATOM   1175 N NE1   . TRP A 1 146 ? 4.050   7.013   5.460   1.00 19.31 ? 236 TRP A NE1   1 
ATOM   1176 C CE2   . TRP A 1 146 ? 3.903   5.659   5.615   1.00 18.76 ? 236 TRP A CE2   1 
ATOM   1177 C CE3   . TRP A 1 146 ? 5.021   3.852   6.784   1.00 18.63 ? 236 TRP A CE3   1 
ATOM   1178 C CZ2   . TRP A 1 146 ? 2.946   4.789   5.085   1.00 18.47 ? 236 TRP A CZ2   1 
ATOM   1179 C CZ3   . TRP A 1 146 ? 4.068   2.984   6.256   1.00 19.16 ? 236 TRP A CZ3   1 
ATOM   1180 C CH2   . TRP A 1 146 ? 3.043   3.460   5.413   1.00 16.79 ? 236 TRP A CH2   1 
ATOM   1181 N N     . ILE A 1 147 ? 6.229   4.637   10.198  1.00 18.99 ? 237 ILE A N     1 
ATOM   1182 C CA    . ILE A 1 147 ? 5.390   3.645   10.863  1.00 19.84 ? 237 ILE A CA    1 
ATOM   1183 C C     . ILE A 1 147 ? 4.889   4.201   12.196  1.00 20.39 ? 237 ILE A C     1 
ATOM   1184 O O     . ILE A 1 147 ? 3.699   4.131   12.498  1.00 20.56 ? 237 ILE A O     1 
ATOM   1185 C CB    . ILE A 1 147 ? 6.167   2.325   11.104  1.00 19.65 ? 237 ILE A CB    1 
ATOM   1186 C CG1   . ILE A 1 147 ? 6.388   1.604   9.769   1.00 19.52 ? 237 ILE A CG1   1 
ATOM   1187 C CG2   . ILE A 1 147 ? 5.420   1.444   12.105  1.00 20.31 ? 237 ILE A CG2   1 
ATOM   1188 C CD1   . ILE A 1 147 ? 7.306   0.404   9.867   1.00 21.67 ? 237 ILE A CD1   1 
ATOM   1189 N N     . VAL A 1 148 ? 5.800   4.772   12.979  1.00 20.55 ? 238 VAL A N     1 
ATOM   1190 C CA    . VAL A 1 148 ? 5.456   5.352   14.279  1.00 20.73 ? 238 VAL A CA    1 
ATOM   1191 C C     . VAL A 1 148 ? 4.442   6.487   14.149  1.00 21.14 ? 238 VAL A C     1 
ATOM   1192 O O     . VAL A 1 148 ? 3.533   6.625   14.974  1.00 21.55 ? 238 VAL A O     1 
ATOM   1193 C CB    . VAL A 1 148 ? 6.729   5.893   14.984  1.00 20.49 ? 238 VAL A CB    1 
ATOM   1194 C CG1   . VAL A 1 148 ? 6.353   6.678   16.237  1.00 22.99 ? 238 VAL A CG1   1 
ATOM   1195 C CG2   . VAL A 1 148 ? 7.646   4.735   15.330  1.00 22.26 ? 238 VAL A CG2   1 
ATOM   1196 N N     . ALA A 1 149 ? 4.610   7.302   13.112  1.00 21.70 ? 239 ALA A N     1 
ATOM   1197 C CA    . ALA A 1 149 ? 3.717   8.429   12.873  1.00 21.67 ? 239 ALA A CA    1 
ATOM   1198 C C     . ALA A 1 149 ? 2.275   7.941   12.785  1.00 23.25 ? 239 ALA A C     1 
ATOM   1199 O O     . ALA A 1 149 ? 1.374   8.509   13.402  1.00 22.43 ? 239 ALA A O     1 
ATOM   1200 C CB    . ALA A 1 149 ? 4.111   9.146   11.582  1.00 22.74 ? 239 ALA A CB    1 
ATOM   1201 N N     . GLY A 1 150 ? 2.069   6.872   12.024  1.00 22.60 ? 240 GLY A N     1 
ATOM   1202 C CA    . GLY A 1 150 ? 0.732   6.334   11.875  1.00 23.84 ? 240 GLY A CA    1 
ATOM   1203 C C     . GLY A 1 150 ? 0.264   5.563   13.091  1.00 24.15 ? 240 GLY A C     1 
ATOM   1204 O O     . GLY A 1 150 ? -0.882  5.711   13.516  1.00 24.94 ? 240 GLY A O     1 
ATOM   1205 N N     . TRP A 1 151 ? 1.153   4.761   13.669  1.00 23.91 ? 241 TRP A N     1 
ATOM   1206 C CA    . TRP A 1 151 ? 0.803   3.937   14.820  1.00 24.75 ? 241 TRP A CA    1 
ATOM   1207 C C     . TRP A 1 151 ? 0.231   4.711   15.999  1.00 25.85 ? 241 TRP A C     1 
ATOM   1208 O O     . TRP A 1 151 ? -0.740  4.274   16.621  1.00 25.03 ? 241 TRP A O     1 
ATOM   1209 C CB    . TRP A 1 151 ? 2.023   3.126   15.274  1.00 24.71 ? 241 TRP A CB    1 
ATOM   1210 C CG    . TRP A 1 151 ? 1.668   1.953   16.140  1.00 26.30 ? 241 TRP A CG    1 
ATOM   1211 C CD1   . TRP A 1 151 ? 1.422   1.961   17.486  1.00 26.49 ? 241 TRP A CD1   1 
ATOM   1212 C CD2   . TRP A 1 151 ? 1.474   0.604   15.705  1.00 27.36 ? 241 TRP A CD2   1 
ATOM   1213 N NE1   . TRP A 1 151 ? 1.086   0.696   17.914  1.00 28.55 ? 241 TRP A NE1   1 
ATOM   1214 C CE2   . TRP A 1 151 ? 1.109   -0.155  16.840  1.00 27.35 ? 241 TRP A CE2   1 
ATOM   1215 C CE3   . TRP A 1 151 ? 1.570   -0.039  14.463  1.00 28.40 ? 241 TRP A CE3   1 
ATOM   1216 C CZ2   . TRP A 1 151 ? 0.841   -1.526  16.770  1.00 29.85 ? 241 TRP A CZ2   1 
ATOM   1217 C CZ3   . TRP A 1 151 ? 1.303   -1.402  14.394  1.00 29.52 ? 241 TRP A CZ3   1 
ATOM   1218 C CH2   . TRP A 1 151 ? 0.943   -2.129  15.542  1.00 29.64 ? 241 TRP A CH2   1 
ATOM   1219 N N     . PHE A 1 152 ? 0.824   5.864   16.300  1.00 25.58 ? 242 PHE A N     1 
ATOM   1220 C CA    . PHE A 1 152 ? 0.364   6.673   17.422  1.00 26.35 ? 242 PHE A CA    1 
ATOM   1221 C C     . PHE A 1 152 ? -0.500  7.854   17.002  1.00 27.26 ? 242 PHE A C     1 
ATOM   1222 O O     . PHE A 1 152 ? -0.643  8.828   17.738  1.00 29.00 ? 242 PHE A O     1 
ATOM   1223 C CB    . PHE A 1 152 ? 1.566   7.148   18.242  1.00 24.48 ? 242 PHE A CB    1 
ATOM   1224 C CG    . PHE A 1 152 ? 2.353   6.025   18.849  1.00 23.24 ? 242 PHE A CG    1 
ATOM   1225 C CD1   . PHE A 1 152 ? 3.464   5.498   18.196  1.00 23.08 ? 242 PHE A CD1   1 
ATOM   1226 C CD2   . PHE A 1 152 ? 1.954   5.459   20.058  1.00 24.36 ? 242 PHE A CD2   1 
ATOM   1227 C CE1   . PHE A 1 152 ? 4.166   4.424   18.738  1.00 23.13 ? 242 PHE A CE1   1 
ATOM   1228 C CE2   . PHE A 1 152 ? 2.647   4.386   20.606  1.00 23.26 ? 242 PHE A CE2   1 
ATOM   1229 C CZ    . PHE A 1 152 ? 3.754   3.865   19.950  1.00 24.11 ? 242 PHE A CZ    1 
ATOM   1230 N N     . ASP A 1 153 ? -1.074  7.756   15.809  1.00 29.89 ? 243 ASP A N     1 
ATOM   1231 C CA    . ASP A 1 153 ? -1.954  8.789   15.273  1.00 31.71 ? 243 ASP A CA    1 
ATOM   1232 C C     . ASP A 1 153 ? -1.373  10.194  15.229  1.00 32.22 ? 243 ASP A C     1 
ATOM   1233 O O     . ASP A 1 153 ? -2.071  11.172  15.496  1.00 32.88 ? 243 ASP A O     1 
ATOM   1234 C CB    . ASP A 1 153 ? -3.263  8.808   16.062  1.00 33.71 ? 243 ASP A CB    1 
ATOM   1235 C CG    . ASP A 1 153 ? -3.962  7.468   16.048  1.00 36.88 ? 243 ASP A CG    1 
ATOM   1236 O OD1   . ASP A 1 153 ? -4.124  6.896   14.950  1.00 37.46 ? 243 ASP A OD1   1 
ATOM   1237 O OD2   . ASP A 1 153 ? -4.352  6.989   17.132  1.00 38.87 ? 243 ASP A OD2   1 
ATOM   1238 N N     . LEU A 1 154 ? -0.093  10.295  14.891  1.00 31.17 ? 244 LEU A N     1 
ATOM   1239 C CA    . LEU A 1 154 ? 0.561   11.588  14.788  1.00 30.53 ? 244 LEU A CA    1 
ATOM   1240 C C     . LEU A 1 154 ? 0.399   12.047  13.348  1.00 30.68 ? 244 LEU A C     1 
ATOM   1241 O O     . LEU A 1 154 ? 0.577   13.218  13.026  1.00 30.82 ? 244 LEU A O     1 
ATOM   1242 C CB    . LEU A 1 154 ? 2.054   11.456  15.102  1.00 30.50 ? 244 LEU A CB    1 
ATOM   1243 C CG    . LEU A 1 154 ? 2.441   10.858  16.454  1.00 31.13 ? 244 LEU A CG    1 
ATOM   1244 C CD1   . LEU A 1 154 ? 3.945   10.645  16.499  1.00 31.52 ? 244 LEU A CD1   1 
ATOM   1245 C CD2   . LEU A 1 154 ? 1.986   11.778  17.579  1.00 31.52 ? 244 LEU A CD2   1 
ATOM   1246 N N     . PHE A 1 155 ? 0.045   11.094  12.493  1.00 30.93 ? 245 PHE A N     1 
ATOM   1247 C CA    . PHE A 1 155 ? -0.115  11.321  11.065  1.00 31.02 ? 245 PHE A CA    1 
ATOM   1248 C C     . PHE A 1 155 ? -1.289  10.464  10.588  1.00 30.87 ? 245 PHE A C     1 
ATOM   1249 O O     . PHE A 1 155 ? -1.251  9.235   10.686  1.00 28.28 ? 245 PHE A O     1 
ATOM   1250 C CB    . PHE A 1 155 ? 1.209   10.930  10.386  1.00 31.47 ? 245 PHE A CB    1 
ATOM   1251 C CG    . PHE A 1 155 ? 1.188   10.949  8.882   1.00 33.24 ? 245 PHE A CG    1 
ATOM   1252 C CD1   . PHE A 1 155 ? 0.286   11.735  8.174   1.00 33.26 ? 245 PHE A CD1   1 
ATOM   1253 C CD2   . PHE A 1 155 ? 2.119   10.197  8.173   1.00 33.88 ? 245 PHE A CD2   1 
ATOM   1254 C CE1   . PHE A 1 155 ? 0.314   11.768  6.778   1.00 32.87 ? 245 PHE A CE1   1 
ATOM   1255 C CE2   . PHE A 1 155 ? 2.156   10.225  6.781   1.00 34.50 ? 245 PHE A CE2   1 
ATOM   1256 C CZ    . PHE A 1 155 ? 1.251   11.012  6.082   1.00 32.83 ? 245 PHE A CZ    1 
ATOM   1257 N N     . GLY A 1 156 ? -2.335  11.130  10.096  1.00 30.84 ? 246 GLY A N     1 
ATOM   1258 C CA    . GLY A 1 156 ? -3.528  10.441  9.625   1.00 31.25 ? 246 GLY A CA    1 
ATOM   1259 C C     . GLY A 1 156 ? -3.302  9.697   8.326   1.00 31.82 ? 246 GLY A C     1 
ATOM   1260 O O     . GLY A 1 156 ? -3.011  10.311  7.299   1.00 29.98 ? 246 GLY A O     1 
ATOM   1261 N N     . MET A 1 157 ? -3.446  8.374   8.375   1.00 30.84 ? 247 MET A N     1 
ATOM   1262 C CA    . MET A 1 157 ? -3.236  7.506   7.216   1.00 31.60 ? 247 MET A CA    1 
ATOM   1263 C C     . MET A 1 157 ? -4.465  6.716   6.771   1.00 30.99 ? 247 MET A C     1 
ATOM   1264 O O     . MET A 1 157 ? -4.352  5.796   5.954   1.00 30.69 ? 247 MET A O     1 
ATOM   1265 C CB    . MET A 1 157 ? -2.112  6.517   7.519   1.00 33.76 ? 247 MET A CB    1 
ATOM   1266 C CG    . MET A 1 157 ? -0.776  6.901   6.938   1.00 36.48 ? 247 MET A CG    1 
ATOM   1267 S SD    . MET A 1 157 ? 0.413   5.625   7.351   1.00 35.96 ? 247 MET A SD    1 
ATOM   1268 C CE    . MET A 1 157 ? 1.654   6.570   8.234   1.00 37.56 ? 247 MET A CE    1 
ATOM   1269 N N     . SER A 1 158 ? -5.628  7.065   7.310   1.00 29.72 ? 248 SER A N     1 
ATOM   1270 C CA    . SER A 1 158 ? -6.875  6.386   6.972   1.00 29.17 ? 248 SER A CA    1 
ATOM   1271 C C     . SER A 1 158 ? -7.017  5.016   7.637   1.00 28.65 ? 248 SER A C     1 
ATOM   1272 O O     . SER A 1 158 ? -7.985  4.767   8.354   1.00 29.11 ? 248 SER A O     1 
ATOM   1273 C CB    . SER A 1 158 ? -6.997  6.229   5.454   1.00 29.69 ? 248 SER A CB    1 
ATOM   1274 O OG    . SER A 1 158 ? -8.158  5.495   5.119   1.00 28.92 ? 248 SER A OG    1 
ATOM   1275 N N     . MET A 1 159 ? -6.050  4.131   7.409   1.00 28.84 ? 249 MET A N     1 
ATOM   1276 C CA    . MET A 1 159 ? -6.103  2.782   7.977   1.00 28.28 ? 249 MET A CA    1 
ATOM   1277 C C     . MET A 1 159 ? -5.603  2.656   9.420   1.00 26.57 ? 249 MET A C     1 
ATOM   1278 O O     . MET A 1 159 ? -4.758  3.432   9.869   1.00 27.52 ? 249 MET A O     1 
ATOM   1279 C CB    . MET A 1 159 ? -5.321  1.806   7.091   1.00 31.11 ? 249 MET A CB    1 
ATOM   1280 C CG    . MET A 1 159 ? -5.772  1.778   5.639   1.00 35.18 ? 249 MET A CG    1 
ATOM   1281 S SD    . MET A 1 159 ? -5.052  0.390   4.719   1.00 41.06 ? 249 MET A SD    1 
ATOM   1282 C CE    . MET A 1 159 ? -6.409  -0.728  4.701   1.00 34.80 ? 249 MET A CE    1 
ATOM   1283 N N     . ALA A 1 160 ? -6.122  1.653   10.125  1.00 23.78 ? 250 ALA A N     1 
ATOM   1284 C CA    . ALA A 1 160 ? -5.767  1.388   11.517  1.00 23.24 ? 250 ALA A CA    1 
ATOM   1285 C C     . ALA A 1 160 ? -4.543  0.484   11.659  1.00 22.82 ? 250 ALA A C     1 
ATOM   1286 O O     . ALA A 1 160 ? -4.109  -0.152  10.697  1.00 20.49 ? 250 ALA A O     1 
ATOM   1287 C CB    . ALA A 1 160 ? -6.958  0.770   12.238  1.00 24.46 ? 250 ALA A CB    1 
ATOM   1288 N N     . ASN A 1 161 ? -3.994  0.415   12.870  1.00 22.10 ? 251 ASN A N     1 
ATOM   1289 C CA    . ASN A 1 161 ? -2.806  -0.395  13.113  1.00 22.28 ? 251 ASN A CA    1 
ATOM   1290 C C     . ASN A 1 161 ? -2.968  -1.873  12.756  1.00 21.29 ? 251 ASN A C     1 
ATOM   1291 O O     . ASN A 1 161 ? -2.056  -2.482  12.204  1.00 21.59 ? 251 ASN A O     1 
ATOM   1292 C CB    . ASN A 1 161 ? -2.361  -0.254  14.576  1.00 22.44 ? 251 ASN A CB    1 
ATOM   1293 C CG    . ASN A 1 161 ? -1.965  1.175   14.931  1.00 21.95 ? 251 ASN A CG    1 
ATOM   1294 O OD1   . ASN A 1 161 ? -1.658  1.984   14.056  1.00 22.13 ? 251 ASN A OD1   1 
ATOM   1295 N ND2   . ASN A 1 161 ? -1.957  1.483   16.224  1.00 23.59 ? 251 ASN A ND2   1 
ATOM   1296 N N     . GLY A 1 162 ? -4.125  -2.449  13.073  1.00 21.89 ? 252 GLY A N     1 
ATOM   1297 C CA    . GLY A 1 162 ? -4.352  -3.851  12.763  1.00 20.97 ? 252 GLY A CA    1 
ATOM   1298 C C     . GLY A 1 162 ? -4.295  -4.135  11.272  1.00 19.58 ? 252 GLY A C     1 
ATOM   1299 O O     . GLY A 1 162 ? -3.745  -5.153  10.840  1.00 20.83 ? 252 GLY A O     1 
ATOM   1300 N N     . ALA A 1 163 ? -4.870  -3.236  10.480  1.00 19.18 ? 253 ALA A N     1 
ATOM   1301 C CA    . ALA A 1 163 ? -4.875  -3.381  9.028   1.00 19.41 ? 253 ALA A CA    1 
ATOM   1302 C C     . ALA A 1 163 ? -3.450  -3.305  8.491   1.00 19.09 ? 253 ALA A C     1 
ATOM   1303 O O     . ALA A 1 163 ? -3.068  -4.047  7.584   1.00 18.28 ? 253 ALA A O     1 
ATOM   1304 C CB    . ALA A 1 163 ? -5.730  -2.290  8.402   1.00 20.80 ? 253 ALA A CB    1 
ATOM   1305 N N     . HIS A 1 164 ? -2.660  -2.401  9.057   1.00 18.71 ? 254 HIS A N     1 
ATOM   1306 C CA    . HIS A 1 164 ? -1.276  -2.246  8.637   1.00 17.69 ? 254 HIS A CA    1 
ATOM   1307 C C     . HIS A 1 164 ? -0.446  -3.480  8.984   1.00 17.04 ? 254 HIS A C     1 
ATOM   1308 O O     . HIS A 1 164 ? 0.435   -3.875  8.221   1.00 18.23 ? 254 HIS A O     1 
ATOM   1309 C CB    . HIS A 1 164 ? -0.692  -0.984  9.271   1.00 18.46 ? 254 HIS A CB    1 
ATOM   1310 C CG    . HIS A 1 164 ? -1.161  0.278   8.611   1.00 18.84 ? 254 HIS A CG    1 
ATOM   1311 N ND1   . HIS A 1 164 ? -1.168  1.497   9.254   1.00 19.21 ? 254 HIS A ND1   1 
ATOM   1312 C CD2   . HIS A 1 164 ? -1.613  0.511   7.357   1.00 20.06 ? 254 HIS A CD2   1 
ATOM   1313 C CE1   . HIS A 1 164 ? -1.605  2.427   8.424   1.00 20.26 ? 254 HIS A CE1   1 
ATOM   1314 N NE2   . HIS A 1 164 ? -1.883  1.856   7.266   1.00 21.74 ? 254 HIS A NE2   1 
ATOM   1315 N N     . ILE A 1 165 ? -0.730  -4.097  10.128  1.00 18.61 ? 255 ILE A N     1 
ATOM   1316 C CA    . ILE A 1 165 ? -0.010  -5.303  10.525  1.00 18.99 ? 255 ILE A CA    1 
ATOM   1317 C C     . ILE A 1 165 ? -0.339  -6.420  9.541   1.00 18.89 ? 255 ILE A C     1 
ATOM   1318 O O     . ILE A 1 165 ? 0.520   -7.232  9.194   1.00 18.05 ? 255 ILE A O     1 
ATOM   1319 C CB    . ILE A 1 165 ? -0.396  -5.734  11.958  1.00 21.77 ? 255 ILE A CB    1 
ATOM   1320 C CG1   . ILE A 1 165 ? 0.237   -4.764  12.955  1.00 23.12 ? 255 ILE A CG1   1 
ATOM   1321 C CG2   . ILE A 1 165 ? 0.049   -7.176  12.233  1.00 24.14 ? 255 ILE A CG2   1 
ATOM   1322 C CD1   . ILE A 1 165 ? 0.031   -5.155  14.389  1.00 30.50 ? 255 ILE A CD1   1 
ATOM   1323 N N     . ALA A 1 166 ? -1.588  -6.450  9.078   1.00 18.25 ? 256 ALA A N     1 
ATOM   1324 C CA    . ALA A 1 166 ? -2.001  -7.461  8.112   1.00 18.81 ? 256 ALA A CA    1 
ATOM   1325 C C     . ALA A 1 166 ? -1.186  -7.275  6.834   1.00 18.93 ? 256 ALA A C     1 
ATOM   1326 O O     . ALA A 1 166 ? -0.705  -8.246  6.244   1.00 18.12 ? 256 ALA A O     1 
ATOM   1327 C CB    . ALA A 1 166 ? -3.495  -7.333  7.815   1.00 18.65 ? 256 ALA A CB    1 
ATOM   1328 N N     . GLY A 1 167 ? -1.033  -6.024  6.406   1.00 17.43 ? 257 GLY A N     1 
ATOM   1329 C CA    . GLY A 1 167 ? -0.257  -5.747  5.212   1.00 18.18 ? 257 GLY A CA    1 
ATOM   1330 C C     . GLY A 1 167 ? 1.186   -6.167  5.420   1.00 17.58 ? 257 GLY A C     1 
ATOM   1331 O O     . GLY A 1 167 ? 1.788   -6.811  4.563   1.00 17.44 ? 257 GLY A O     1 
ATOM   1332 N N     . LEU A 1 168 ? 1.746   -5.807  6.568   1.00 19.02 ? 258 LEU A N     1 
ATOM   1333 C CA    . LEU A 1 168 ? 3.128   -6.164  6.875   1.00 19.12 ? 258 LEU A CA    1 
ATOM   1334 C C     . LEU A 1 168 ? 3.318   -7.681  6.826   1.00 18.92 ? 258 LEU A C     1 
ATOM   1335 O O     . LEU A 1 168 ? 4.320   -8.175  6.309   1.00 19.36 ? 258 LEU A O     1 
ATOM   1336 C CB    . LEU A 1 168 ? 3.513   -5.641  8.260   1.00 20.72 ? 258 LEU A CB    1 
ATOM   1337 C CG    . LEU A 1 168 ? 4.923   -5.949  8.772   1.00 22.09 ? 258 LEU A CG    1 
ATOM   1338 C CD1   . LEU A 1 168 ? 5.957   -5.342  7.843   1.00 23.63 ? 258 LEU A CD1   1 
ATOM   1339 C CD2   . LEU A 1 168 ? 5.084   -5.388  10.183  1.00 23.74 ? 258 LEU A CD2   1 
ATOM   1340 N N     . ALA A 1 169 ? 2.353   -8.413  7.373   1.00 20.62 ? 259 ALA A N     1 
ATOM   1341 C CA    . ALA A 1 169 ? 2.415   -9.873  7.398   1.00 21.04 ? 259 ALA A CA    1 
ATOM   1342 C C     . ALA A 1 169 ? 2.539   -10.460 5.991   1.00 21.18 ? 259 ALA A C     1 
ATOM   1343 O O     . ALA A 1 169 ? 3.282   -11.417 5.773   1.00 22.77 ? 259 ALA A O     1 
ATOM   1344 C CB    . ALA A 1 169 ? 1.182   -10.429 8.092   1.00 22.00 ? 259 ALA A CB    1 
ATOM   1345 N N     . VAL A 1 170 ? 1.811   -9.892  5.036   1.00 20.08 ? 260 VAL A N     1 
ATOM   1346 C CA    . VAL A 1 170 ? 1.865   -10.365 3.658   1.00 19.92 ? 260 VAL A CA    1 
ATOM   1347 C C     . VAL A 1 170 ? 3.278   -10.192 3.099   1.00 20.65 ? 260 VAL A C     1 
ATOM   1348 O O     . VAL A 1 170 ? 3.836   -11.109 2.488   1.00 20.20 ? 260 VAL A O     1 
ATOM   1349 C CB    . VAL A 1 170 ? 0.872   -9.583  2.764   1.00 19.94 ? 260 VAL A CB    1 
ATOM   1350 C CG1   . VAL A 1 170 ? 1.098   -9.930  1.298   1.00 19.83 ? 260 VAL A CG1   1 
ATOM   1351 C CG2   . VAL A 1 170 ? -0.564  -9.912  3.172   1.00 20.04 ? 260 VAL A CG2   1 
ATOM   1352 N N     . GLY A 1 171 ? 3.854   -9.013  3.313   1.00 18.19 ? 261 GLY A N     1 
ATOM   1353 C CA    . GLY A 1 171 ? 5.192   -8.751  2.821   1.00 19.83 ? 261 GLY A CA    1 
ATOM   1354 C C     . GLY A 1 171 ? 6.236   -9.660  3.446   1.00 20.71 ? 261 GLY A C     1 
ATOM   1355 O O     . GLY A 1 171 ? 7.111   -10.175 2.747   1.00 21.61 ? 261 GLY A O     1 
ATOM   1356 N N     . LEU A 1 172 ? 6.150   -9.851  4.760   1.00 21.52 ? 262 LEU A N     1 
ATOM   1357 C CA    . LEU A 1 172 ? 7.097   -10.707 5.472   1.00 22.30 ? 262 LEU A CA    1 
ATOM   1358 C C     . LEU A 1 172 ? 6.953   -12.156 5.023   1.00 23.20 ? 262 LEU A C     1 
ATOM   1359 O O     . LEU A 1 172 ? 7.950   -12.843 4.804   1.00 23.66 ? 262 LEU A O     1 
ATOM   1360 C CB    . LEU A 1 172 ? 6.876   -10.613 6.987   1.00 23.48 ? 262 LEU A CB    1 
ATOM   1361 C CG    . LEU A 1 172 ? 7.225   -9.277  7.649   1.00 24.54 ? 262 LEU A CG    1 
ATOM   1362 C CD1   . LEU A 1 172 ? 6.880   -9.318  9.130   1.00 25.28 ? 262 LEU A CD1   1 
ATOM   1363 C CD2   . LEU A 1 172 ? 8.704   -8.985  7.458   1.00 23.92 ? 262 LEU A CD2   1 
ATOM   1364 N N     . ALA A 1 173 ? 5.709   -12.611 4.879   1.00 23.28 ? 263 ALA A N     1 
ATOM   1365 C CA    . ALA A 1 173 ? 5.441   -13.984 4.454   1.00 23.43 ? 263 ALA A CA    1 
ATOM   1366 C C     . ALA A 1 173 ? 6.007   -14.260 3.066   1.00 24.57 ? 263 ALA A C     1 
ATOM   1367 O O     . ALA A 1 173 ? 6.638   -15.297 2.839   1.00 24.68 ? 263 ALA A O     1 
ATOM   1368 C CB    . ALA A 1 173 ? 3.939   -14.253 4.470   1.00 22.54 ? 263 ALA A CB    1 
ATOM   1369 N N     . MET A 1 174 ? 5.777   -13.341 2.134   1.00 22.05 ? 264 MET A N     1 
ATOM   1370 C CA    . MET A 1 174 ? 6.284   -13.508 0.779   1.00 23.87 ? 264 MET A CA    1 
ATOM   1371 C C     . MET A 1 174 ? 7.809   -13.435 0.729   1.00 23.08 ? 264 MET A C     1 
ATOM   1372 O O     . MET A 1 174 ? 8.439   -14.119 -0.078  1.00 23.93 ? 264 MET A O     1 
ATOM   1373 C CB    . MET A 1 174 ? 5.667   -12.462 -0.152  1.00 23.77 ? 264 MET A CB    1 
ATOM   1374 C CG    . MET A 1 174 ? 4.211   -12.767 -0.487  1.00 24.54 ? 264 MET A CG    1 
ATOM   1375 S SD    . MET A 1 174 ? 3.444   -11.570 -1.586  1.00 24.81 ? 264 MET A SD    1 
ATOM   1376 C CE    . MET A 1 174 ? 4.237   -11.975 -3.134  1.00 26.34 ? 264 MET A CE    1 
ATOM   1377 N N     . ALA A 1 175 ? 8.399   -12.617 1.594   1.00 23.23 ? 265 ALA A N     1 
ATOM   1378 C CA    . ALA A 1 175 ? 9.853   -12.487 1.639   1.00 25.07 ? 265 ALA A CA    1 
ATOM   1379 C C     . ALA A 1 175 ? 10.450  -13.775 2.207   1.00 26.42 ? 265 ALA A C     1 
ATOM   1380 O O     . ALA A 1 175 ? 11.498  -14.240 1.756   1.00 26.49 ? 265 ALA A O     1 
ATOM   1381 C CB    . ALA A 1 175 ? 10.248  -11.294 2.498   1.00 24.14 ? 265 ALA A CB    1 
ATOM   1382 N N     . PHE A 1 176 ? 9.771   -14.350 3.195   1.00 28.15 ? 266 PHE A N     1 
ATOM   1383 C CA    . PHE A 1 176 ? 10.224  -15.593 3.814   1.00 30.18 ? 266 PHE A CA    1 
ATOM   1384 C C     . PHE A 1 176 ? 10.222  -16.695 2.764   1.00 29.97 ? 266 PHE A C     1 
ATOM   1385 O O     . PHE A 1 176 ? 11.184  -17.458 2.635   1.00 30.28 ? 266 PHE A O     1 
ATOM   1386 C CB    . PHE A 1 176 ? 9.288   -15.995 4.954   1.00 32.14 ? 266 PHE A CB    1 
ATOM   1387 C CG    . PHE A 1 176 ? 9.758   -17.194 5.726   1.00 36.45 ? 266 PHE A CG    1 
ATOM   1388 C CD1   . PHE A 1 176 ? 10.864  -17.099 6.569   1.00 38.30 ? 266 PHE A CD1   1 
ATOM   1389 C CD2   . PHE A 1 176 ? 9.114   -18.421 5.601   1.00 38.66 ? 266 PHE A CD2   1 
ATOM   1390 C CE1   . PHE A 1 176 ? 11.324  -18.209 7.279   1.00 39.83 ? 266 PHE A CE1   1 
ATOM   1391 C CE2   . PHE A 1 176 ? 9.567   -19.543 6.308   1.00 39.51 ? 266 PHE A CE2   1 
ATOM   1392 C CZ    . PHE A 1 176 ? 10.675  -19.433 7.147   1.00 39.20 ? 266 PHE A CZ    1 
ATOM   1393 N N     . VAL A 1 177 ? 9.123   -16.772 2.022   1.00 28.58 ? 267 VAL A N     1 
ATOM   1394 C CA    . VAL A 1 177 ? 8.954   -17.765 0.971   1.00 29.92 ? 267 VAL A CA    1 
ATOM   1395 C C     . VAL A 1 177 ? 9.986   -17.604 -0.140  1.00 30.47 ? 267 VAL A C     1 
ATOM   1396 O O     . VAL A 1 177 ? 10.510  -18.592 -0.657  1.00 29.93 ? 267 VAL A O     1 
ATOM   1397 C CB    . VAL A 1 177 ? 7.539   -17.676 0.355   1.00 30.30 ? 267 VAL A CB    1 
ATOM   1398 C CG1   . VAL A 1 177 ? 7.504   -18.379 -0.990  1.00 30.79 ? 267 VAL A CG1   1 
ATOM   1399 C CG2   . VAL A 1 177 ? 6.527   -18.307 1.300   1.00 31.96 ? 267 VAL A CG2   1 
ATOM   1400 N N     . ASP A 1 178 ? 10.279  -16.361 -0.504  1.00 30.08 ? 268 ASP A N     1 
ATOM   1401 C CA    . ASP A 1 178 ? 11.239  -16.091 -1.568  1.00 31.68 ? 268 ASP A CA    1 
ATOM   1402 C C     . ASP A 1 178 ? 12.684  -16.373 -1.187  1.00 33.53 ? 268 ASP A C     1 
ATOM   1403 O O     . ASP A 1 178 ? 13.509  -16.643 -2.058  1.00 35.34 ? 268 ASP A O     1 
ATOM   1404 C CB    . ASP A 1 178 ? 11.110  -14.646 -2.044  1.00 29.52 ? 268 ASP A CB    1 
ATOM   1405 C CG    . ASP A 1 178 ? 9.860   -14.419 -2.861  1.00 28.98 ? 268 ASP A CG    1 
ATOM   1406 O OD1   . ASP A 1 178 ? 9.106   -15.391 -3.089  1.00 28.13 ? 268 ASP A OD1   1 
ATOM   1407 O OD2   . ASP A 1 178 ? 9.633   -13.265 -3.281  1.00 25.72 ? 268 ASP A OD2   1 
ATOM   1408 N N     . SER A 1 179 ? 12.993  -16.299 0.102   1.00 36.06 ? 269 SER A N     1 
ATOM   1409 C CA    . SER A 1 179 ? 14.350  -16.568 0.565   1.00 40.32 ? 269 SER A CA    1 
ATOM   1410 C C     . SER A 1 179 ? 14.436  -18.039 0.965   1.00 42.85 ? 269 SER A C     1 
ATOM   1411 O O     . SER A 1 179 ? 15.335  -18.453 1.700   1.00 44.96 ? 269 SER A O     1 
ATOM   1412 C CB    . SER A 1 179 ? 14.692  -15.695 1.770   1.00 40.74 ? 269 SER A CB    1 
ATOM   1413 O OG    . SER A 1 179 ? 14.038  -16.175 2.929   1.00 43.32 ? 269 SER A OG    1 
ATOM   1414 N N     . LEU A 1 180 ? 13.482  -18.813 0.463   1.00 45.02 ? 270 LEU A N     1 
ATOM   1415 C CA    . LEU A 1 180 ? 13.388  -20.240 0.729   1.00 47.32 ? 270 LEU A CA    1 
ATOM   1416 C C     . LEU A 1 180 ? 13.900  -20.991 -0.498  1.00 48.91 ? 270 LEU A C     1 
ATOM   1417 O O     . LEU A 1 180 ? 14.431  -22.112 -0.339  1.00 49.99 ? 270 LEU A O     1 
ATOM   1418 C CB    . LEU A 1 180 ? 11.929  -20.602 1.002   1.00 48.08 ? 270 LEU A CB    1 
ATOM   1419 C CG    . LEU A 1 180 ? 11.593  -21.603 2.106   1.00 47.78 ? 270 LEU A CG    1 
ATOM   1420 C CD1   . LEU A 1 180 ? 12.338  -21.258 3.392   1.00 47.88 ? 270 LEU A CD1   1 
ATOM   1421 C CD2   . LEU A 1 180 ? 10.088  -21.578 2.328   1.00 48.36 ? 270 LEU A CD2   1 
ATOM   1422 O OXT   . LEU A 1 180 ? 13.750  -20.445 -1.612  1.00 50.17 ? 270 LEU A OXT   1 
HETATM 1423 C C1    . BNG B 2 .   ? 14.180  6.603   -7.668  1.00 38.55 ? 501 BNG A C1    1 
HETATM 1424 C C2    . BNG B 2 .   ? 15.406  6.706   -8.597  1.00 39.18 ? 501 BNG A C2    1 
HETATM 1425 C C3    . BNG B 2 .   ? 15.072  6.166   -9.991  1.00 39.13 ? 501 BNG A C3    1 
HETATM 1426 C C4    . BNG B 2 .   ? 14.467  4.764   -9.887  1.00 38.64 ? 501 BNG A C4    1 
HETATM 1427 C C5    . BNG B 2 .   ? 13.250  4.822   -8.963  1.00 38.22 ? 501 BNG A C5    1 
HETATM 1428 C C6    . BNG B 2 .   ? 12.530  3.495   -8.794  1.00 38.10 ? 501 BNG A C6    1 
HETATM 1429 C "C1'" . BNG B 2 .   ? 13.530  7.456   -5.546  1.00 38.28 ? 501 BNG A "C1'" 1 
HETATM 1430 C "C2'" . BNG B 2 .   ? 14.082  7.499   -4.134  1.00 38.50 ? 501 BNG A "C2'" 1 
HETATM 1431 C "C3'" . BNG B 2 .   ? 12.927  7.868   -3.217  1.00 39.99 ? 501 BNG A "C3'" 1 
HETATM 1432 C "C4'" . BNG B 2 .   ? 13.323  7.824   -1.752  1.00 40.22 ? 501 BNG A "C4'" 1 
HETATM 1433 C "C5'" . BNG B 2 .   ? 12.108  7.998   -0.851  1.00 40.58 ? 501 BNG A "C5'" 1 
HETATM 1434 C "C6'" . BNG B 2 .   ? 12.485  7.793   0.607   1.00 42.24 ? 501 BNG A "C6'" 1 
HETATM 1435 C "C7'" . BNG B 2 .   ? 11.252  7.564   1.478   1.00 43.45 ? 501 BNG A "C7'" 1 
HETATM 1436 C "C8'" . BNG B 2 .   ? 10.551  8.857   1.865   1.00 44.60 ? 501 BNG A "C8'" 1 
HETATM 1437 C "C9'" . BNG B 2 .   ? 10.764  9.091   3.358   1.00 45.35 ? 501 BNG A "C9'" 1 
HETATM 1438 O O1    . BNG B 2 .   ? 14.549  6.920   -6.374  1.00 38.55 ? 501 BNG A O1    1 
HETATM 1439 O O2    . BNG B 2 .   ? 15.819  8.064   -8.701  1.00 39.05 ? 501 BNG A O2    1 
HETATM 1440 O O3    . BNG B 2 .   ? 16.249  6.125   -10.785 1.00 40.70 ? 501 BNG A O3    1 
HETATM 1441 O O4    . BNG B 2 .   ? 14.079  4.309   -11.173 1.00 36.91 ? 501 BNG A O4    1 
HETATM 1442 O O5    . BNG B 2 .   ? 13.661  5.263   -7.654  1.00 37.51 ? 501 BNG A O5    1 
HETATM 1443 O O6    . BNG B 2 .   ? 13.402  2.491   -8.302  1.00 39.28 ? 501 BNG A O6    1 
HETATM 1444 C C1    . BNG C 2 .   ? 17.778  7.834   -1.992  1.00 47.06 ? 502 BNG A C1    1 
HETATM 1445 C C2    . BNG C 2 .   ? 18.193  7.986   -3.462  1.00 46.89 ? 502 BNG A C2    1 
HETATM 1446 C C3    . BNG C 2 .   ? 17.868  6.708   -4.249  1.00 46.99 ? 502 BNG A C3    1 
HETATM 1447 C C4    . BNG C 2 .   ? 18.513  5.511   -3.565  1.00 46.99 ? 502 BNG A C4    1 
HETATM 1448 C C5    . BNG C 2 .   ? 18.070  5.460   -2.100  1.00 47.40 ? 502 BNG A C5    1 
HETATM 1449 C C6    . BNG C 2 .   ? 18.726  4.323   -1.344  1.00 47.55 ? 502 BNG A C6    1 
HETATM 1450 C "C1'" . BNG C 2 .   ? 17.491  9.239   -0.073  1.00 48.36 ? 502 BNG A "C1'" 1 
HETATM 1451 C "C2'" . BNG C 2 .   ? 17.975  10.593  0.407   1.00 48.83 ? 502 BNG A "C2'" 1 
HETATM 1452 C "C3'" . BNG C 2 .   ? 16.818  11.577  0.254   1.00 49.04 ? 502 BNG A "C3'" 1 
HETATM 1453 C "C4'" . BNG C 2 .   ? 15.915  11.529  1.495   1.00 49.10 ? 502 BNG A "C4'" 1 
HETATM 1454 C "C5'" . BNG C 2 .   ? 14.666  12.402  1.372   1.00 48.97 ? 502 BNG A "C5'" 1 
HETATM 1455 C "C6'" . BNG C 2 .   ? 13.783  12.248  2.594   1.00 49.30 ? 502 BNG A "C6'" 1 
HETATM 1456 C "C7'" . BNG C 2 .   ? 12.552  13.112  2.494   1.00 49.46 ? 502 BNG A "C7'" 1 
HETATM 1457 C "C8'" . BNG C 2 .   ? 11.722  12.953  3.751   1.00 50.17 ? 502 BNG A "C8'" 1 
HETATM 1458 C "C9'" . BNG C 2 .   ? 10.587  13.948  3.733   1.00 49.87 ? 502 BNG A "C9'" 1 
HETATM 1459 O O1    . BNG C 2 .   ? 18.188  8.951   -1.281  1.00 47.29 ? 502 BNG A O1    1 
HETATM 1460 O O2    . BNG C 2 .   ? 17.509  9.090   -4.041  1.00 47.47 ? 502 BNG A O2    1 
HETATM 1461 O O3    . BNG C 2 .   ? 18.347  6.812   -5.587  1.00 47.12 ? 502 BNG A O3    1 
HETATM 1462 O O4    . BNG C 2 .   ? 18.109  4.320   -4.222  1.00 47.35 ? 502 BNG A O4    1 
HETATM 1463 O O5    . BNG C 2 .   ? 18.419  6.687   -1.419  1.00 46.78 ? 502 BNG A O5    1 
HETATM 1464 O O6    . BNG C 2 .   ? 20.136  4.477   -1.305  1.00 48.94 ? 502 BNG A O6    1 
HETATM 1465 C "C2'" . BNG D 2 .   ? -9.548  1.767   -16.415 1.00 54.56 ? 503 BNG A "C2'" 1 
HETATM 1466 C "C3'" . BNG D 2 .   ? -9.004  1.620   -15.000 1.00 53.35 ? 503 BNG A "C3'" 1 
HETATM 1467 C "C4'" . BNG D 2 .   ? -7.488  1.485   -14.959 1.00 52.40 ? 503 BNG A "C4'" 1 
HETATM 1468 C "C5'" . BNG D 2 .   ? -7.013  1.330   -13.521 1.00 51.32 ? 503 BNG A "C5'" 1 
HETATM 1469 C "C6'" . BNG D 2 .   ? -5.515  1.117   -13.446 1.00 50.79 ? 503 BNG A "C6'" 1 
HETATM 1470 C "C7'" . BNG D 2 .   ? -5.050  0.975   -12.005 1.00 49.51 ? 503 BNG A "C7'" 1 
HETATM 1471 C "C8'" . BNG D 2 .   ? -3.563  0.680   -11.958 1.00 49.77 ? 503 BNG A "C8'" 1 
HETATM 1472 C "C9'" . BNG D 2 .   ? -3.138  0.508   -10.521 1.00 48.76 ? 503 BNG A "C9'" 1 
HETATM 1473 C "C2'" . BNG E 2 .   ? -6.986  -4.035  -14.690 1.00 42.20 ? 504 BNG A "C2'" 1 
HETATM 1474 C "C3'" . BNG E 2 .   ? -6.634  -3.795  -13.231 1.00 41.36 ? 504 BNG A "C3'" 1 
HETATM 1475 C "C4'" . BNG E 2 .   ? -5.160  -4.037  -12.941 1.00 40.21 ? 504 BNG A "C4'" 1 
HETATM 1476 C "C5'" . BNG E 2 .   ? -4.871  -3.780  -11.469 1.00 40.06 ? 504 BNG A "C5'" 1 
HETATM 1477 C "C6'" . BNG E 2 .   ? -3.427  -4.075  -11.094 1.00 39.30 ? 504 BNG A "C6'" 1 
HETATM 1478 C "C7'" . BNG E 2 .   ? -3.214  -3.903  -9.592  1.00 38.92 ? 504 BNG A "C7'" 1 
HETATM 1479 C "C8'" . BNG E 2 .   ? -1.817  -4.322  -9.137  1.00 38.42 ? 504 BNG A "C8'" 1 
HETATM 1480 C "C9'" . BNG E 2 .   ? -0.833  -3.249  -9.512  1.00 39.72 ? 504 BNG A "C9'" 1 
HETATM 1481 C "C1'" . BNG F 2 .   ? -11.422 -1.863  -12.826 1.00 42.25 ? 505 BNG A "C1'" 1 
HETATM 1482 C "C2'" . BNG F 2 .   ? -10.091 -1.206  -12.496 1.00 42.96 ? 505 BNG A "C2'" 1 
HETATM 1483 C "C3'" . BNG F 2 .   ? -9.622  -1.791  -11.177 1.00 41.48 ? 505 BNG A "C3'" 1 
HETATM 1484 C "C4'" . BNG F 2 .   ? -8.249  -1.281  -10.773 1.00 41.48 ? 505 BNG A "C4'" 1 
HETATM 1485 C "C5'" . BNG F 2 .   ? -7.886  -1.820  -9.401  1.00 41.69 ? 505 BNG A "C5'" 1 
HETATM 1486 C "C6'" . BNG F 2 .   ? -6.501  -1.406  -8.950  1.00 41.62 ? 505 BNG A "C6'" 1 
HETATM 1487 C "C7'" . BNG F 2 .   ? -6.268  -1.896  -7.536  1.00 42.23 ? 505 BNG A "C7'" 1 
HETATM 1488 C "C8'" . BNG F 2 .   ? -4.808  -1.862  -7.145  1.00 42.08 ? 505 BNG A "C8'" 1 
HETATM 1489 C "C9'" . BNG F 2 .   ? -4.656  -2.559  -5.805  1.00 41.65 ? 505 BNG A "C9'" 1 
HETATM 1490 C "C3'" . BNG G 2 .   ? 4.236   13.618  8.649   1.00 41.24 ? 506 BNG A "C3'" 1 
HETATM 1491 C "C4'" . BNG G 2 .   ? 5.445   12.816  9.103   1.00 41.92 ? 506 BNG A "C4'" 1 
HETATM 1492 C "C5'" . BNG G 2 .   ? 6.019   11.970  7.974   1.00 40.49 ? 506 BNG A "C5'" 1 
HETATM 1493 C "C6'" . BNG G 2 .   ? 7.292   11.268  8.416   1.00 40.91 ? 506 BNG A "C6'" 1 
HETATM 1494 C "C7'" . BNG G 2 .   ? 7.955   10.544  7.264   1.00 40.79 ? 506 BNG A "C7'" 1 
HETATM 1495 C "C8'" . BNG G 2 .   ? 9.303   9.988   7.683   1.00 40.63 ? 506 BNG A "C8'" 1 
HETATM 1496 C "C9'" . BNG G 2 .   ? 9.959   9.363   6.481   1.00 42.39 ? 506 BNG A "C9'" 1 
HETATM 1497 C C1    . BNG H 2 .   ? -5.540  -2.163  16.910  1.00 41.66 ? 507 BNG A C1    1 
HETATM 1498 C C2    . BNG H 2 .   ? -5.993  -0.718  17.176  1.00 41.99 ? 507 BNG A C2    1 
HETATM 1499 C C3    . BNG H 2 .   ? -7.510  -0.586  16.953  1.00 42.12 ? 507 BNG A C3    1 
HETATM 1500 C C4    . BNG H 2 .   ? -7.883  -1.116  15.566  1.00 41.67 ? 507 BNG A C4    1 
HETATM 1501 C C5    . BNG H 2 .   ? -7.354  -2.547  15.410  1.00 40.28 ? 507 BNG A C5    1 
HETATM 1502 C C6    . BNG H 2 .   ? -7.643  -3.148  14.047  1.00 38.82 ? 507 BNG A C6    1 
HETATM 1503 C "C1'" . BNG H 2 .   ? -3.553  -3.485  16.658  1.00 42.42 ? 507 BNG A "C1'" 1 
HETATM 1504 C "C2'" . BNG H 2 .   ? -2.333  -3.652  17.515  1.00 43.77 ? 507 BNG A "C2'" 1 
HETATM 1505 C "C3'" . BNG H 2 .   ? -1.642  -4.905  17.060  1.00 44.10 ? 507 BNG A "C3'" 1 
HETATM 1506 O O1    . BNG H 2 .   ? -4.158  -2.245  17.009  1.00 41.78 ? 507 BNG A O1    1 
HETATM 1507 O O2    . BNG H 2 .   ? -5.668  -0.346  18.511  1.00 42.56 ? 507 BNG A O2    1 
HETATM 1508 O O3    . BNG H 2 .   ? -7.902  0.779   17.055  1.00 43.07 ? 507 BNG A O3    1 
HETATM 1509 O O4    . BNG H 2 .   ? -9.296  -1.101  15.413  1.00 42.56 ? 507 BNG A O4    1 
HETATM 1510 O O5    . BNG H 2 .   ? -5.922  -2.559  15.586  1.00 40.24 ? 507 BNG A O5    1 
HETATM 1511 O O6    . BNG H 2 .   ? -7.207  -2.287  13.007  1.00 37.02 ? 507 BNG A O6    1 
HETATM 1512 C "C1'" . BNG I 2 .   ? 3.077   -1.227  22.343  1.00 49.25 ? 508 BNG A "C1'" 1 
HETATM 1513 C "C2'" . BNG I 2 .   ? 3.263   -0.102  21.335  1.00 50.05 ? 508 BNG A "C2'" 1 
HETATM 1514 C "C3'" . BNG I 2 .   ? 4.037   -0.675  20.160  1.00 49.30 ? 508 BNG A "C3'" 1 
HETATM 1515 C "C4'" . BNG I 2 .   ? 4.389   0.388   19.132  1.00 49.04 ? 508 BNG A "C4'" 1 
HETATM 1516 C "C5'" . BNG I 2 .   ? 5.168   -0.244  18.002  1.00 48.41 ? 508 BNG A "C5'" 1 
HETATM 1517 C "C6'" . BNG I 2 .   ? 5.746   0.779   17.054  1.00 48.96 ? 508 BNG A "C6'" 1 
HETATM 1518 C "C7'" . BNG I 2 .   ? 6.623   0.079   16.039  1.00 48.97 ? 508 BNG A "C7'" 1 
HETATM 1519 C "C8'" . BNG I 2 .   ? 7.438   1.063   15.224  1.00 48.75 ? 508 BNG A "C8'" 1 
HETATM 1520 C "C9'" . BNG I 2 .   ? 8.423   0.280   14.378  1.00 49.45 ? 508 BNG A "C9'" 1 
HETATM 1521 C C1    . BNG J 2 .   ? 18.309  -3.804  12.856  1.00 74.32 ? 509 BNG A C1    1 
HETATM 1522 C C2    . BNG J 2 .   ? 18.363  -3.334  11.386  1.00 74.64 ? 509 BNG A C2    1 
HETATM 1523 C C3    . BNG J 2 .   ? 19.574  -3.927  10.655  1.00 74.64 ? 509 BNG A C3    1 
HETATM 1524 C C4    . BNG J 2 .   ? 20.850  -3.675  11.451  1.00 74.81 ? 509 BNG A C4    1 
HETATM 1525 C C5    . BNG J 2 .   ? 20.668  -4.241  12.860  1.00 74.71 ? 509 BNG A C5    1 
HETATM 1526 C C6    . BNG J 2 .   ? 21.885  -4.085  13.753  1.00 74.68 ? 509 BNG A C6    1 
HETATM 1527 C "C1'" . BNG J 2 .   ? 16.366  -2.313  12.903  1.00 73.25 ? 509 BNG A "C1'" 1 
HETATM 1528 C "C2'" . BNG J 2 .   ? 14.983  -2.741  13.376  1.00 72.94 ? 509 BNG A "C2'" 1 
HETATM 1529 C "C3'" . BNG J 2 .   ? 14.339  -3.570  12.260  1.00 72.65 ? 509 BNG A "C3'" 1 
HETATM 1530 C "C4'" . BNG J 2 .   ? 14.020  -2.740  11.014  1.00 72.36 ? 509 BNG A "C4'" 1 
HETATM 1531 C "C5'" . BNG J 2 .   ? 12.519  -2.681  10.731  1.00 72.01 ? 509 BNG A "C5'" 1 
HETATM 1532 C "C6'" . BNG J 2 .   ? 12.232  -2.062  9.361   1.00 71.82 ? 509 BNG A "C6'" 1 
HETATM 1533 C "C7'" . BNG J 2 .   ? 10.785  -1.584  9.237   1.00 71.67 ? 509 BNG A "C7'" 1 
HETATM 1534 C "C8'" . BNG J 2 .   ? 10.047  -2.238  8.075   1.00 71.48 ? 509 BNG A "C8'" 1 
HETATM 1535 C "C9'" . BNG J 2 .   ? 9.661   -3.644  8.471   1.00 71.30 ? 509 BNG A "C9'" 1 
HETATM 1536 O O1    . BNG J 2 .   ? 17.324  -3.127  13.581  1.00 73.89 ? 509 BNG A O1    1 
HETATM 1537 O O2    . BNG J 2 .   ? 17.171  -3.729  10.722  1.00 75.00 ? 509 BNG A O2    1 
HETATM 1538 O O3    . BNG J 2 .   ? 19.693  -3.341  9.370   1.00 74.75 ? 509 BNG A O3    1 
HETATM 1539 O O4    . BNG J 2 .   ? 21.949  -4.299  10.806  1.00 75.08 ? 509 BNG A O4    1 
HETATM 1540 O O5    . BNG J 2 .   ? 19.568  -3.570  13.510  1.00 74.61 ? 509 BNG A O5    1 
HETATM 1541 O O6    . BNG J 2 .   ? 22.516  -2.829  13.560  1.00 75.23 ? 509 BNG A O6    1 
HETATM 1542 C "C1'" . BNG K 2 .   ? -5.878  -6.294  16.525  1.00 45.63 ? 510 BNG A "C1'" 1 
HETATM 1543 C "C2'" . BNG K 2 .   ? -6.203  -6.994  15.215  1.00 44.98 ? 510 BNG A "C2'" 1 
HETATM 1544 C "C3'" . BNG K 2 .   ? -4.912  -7.620  14.705  1.00 44.46 ? 510 BNG A "C3'" 1 
HETATM 1545 C "C4'" . BNG K 2 .   ? -5.148  -8.419  13.434  1.00 43.81 ? 510 BNG A "C4'" 1 
HETATM 1546 C "C5'" . BNG K 2 .   ? -3.842  -8.806  12.760  1.00 42.80 ? 510 BNG A "C5'" 1 
HETATM 1547 C "C6'" . BNG K 2 .   ? -4.087  -9.709  11.562  1.00 43.16 ? 510 BNG A "C6'" 1 
HETATM 1548 C "C7'" . BNG K 2 .   ? -2.826  -9.876  10.734  1.00 44.14 ? 510 BNG A "C7'" 1 
HETATM 1549 C "C8'" . BNG K 2 .   ? -2.991  -10.933 9.656   1.00 44.06 ? 510 BNG A "C8'" 1 
HETATM 1550 C "C9'" . BNG K 2 .   ? -2.359  -12.225 10.141  1.00 45.72 ? 510 BNG A "C9'" 1 
HETATM 1551 C "C4'" . BNG L 2 .   ? -22.856 5.105   -8.521  1.00 55.43 ? 511 BNG A "C4'" 1 
HETATM 1552 C "C5'" . BNG L 2 .   ? -22.871 4.049   -7.431  1.00 54.92 ? 511 BNG A "C5'" 1 
HETATM 1553 C "C6'" . BNG L 2 .   ? -23.362 4.618   -6.113  1.00 54.09 ? 511 BNG A "C6'" 1 
HETATM 1554 C "C7'" . BNG L 2 .   ? -23.937 3.525   -5.231  1.00 53.60 ? 511 BNG A "C7'" 1 
HETATM 1555 C "C8'" . BNG L 2 .   ? -24.493 4.104   -3.942  1.00 53.15 ? 511 BNG A "C8'" 1 
HETATM 1556 C "C9'" . BNG L 2 .   ? -25.280 3.029   -3.218  1.00 52.24 ? 511 BNG A "C9'" 1 
HETATM 1557 C "C2'" . BNG M 2 .   ? 1.551   -1.831  -20.906 1.00 51.33 ? 512 BNG A "C2'" 1 
HETATM 1558 C "C3'" . BNG M 2 .   ? 0.490   -2.102  -19.851 1.00 50.25 ? 512 BNG A "C3'" 1 
HETATM 1559 C "C4'" . BNG M 2 .   ? 0.970   -1.787  -18.440 1.00 49.06 ? 512 BNG A "C4'" 1 
HETATM 1560 C "C5'" . BNG M 2 .   ? -0.136  -2.056  -17.429 1.00 48.02 ? 512 BNG A "C5'" 1 
HETATM 1561 C "C6'" . BNG M 2 .   ? 0.347   -1.829  -16.015 1.00 46.57 ? 512 BNG A "C6'" 1 
HETATM 1562 C "C7'" . BNG M 2 .   ? -0.741  -2.109  -14.993 1.00 46.67 ? 512 BNG A "C7'" 1 
HETATM 1563 C "C8'" . BNG M 2 .   ? -0.188  -1.909  -13.598 1.00 46.01 ? 512 BNG A "C8'" 1 
HETATM 1564 C "C9'" . BNG M 2 .   ? -1.263  -2.180  -12.597 1.00 46.76 ? 512 BNG A "C9'" 1 
HETATM 1565 C "C2'" . BNG N 2 .   ? -17.147 9.891   -10.270 1.00 49.85 ? 513 BNG A "C2'" 1 
HETATM 1566 C "C3'" . BNG N 2 .   ? -16.235 9.067   -9.386  1.00 49.67 ? 513 BNG A "C3'" 1 
HETATM 1567 C "C4'" . BNG N 2 .   ? -14.987 8.679   -10.116 1.00 50.19 ? 513 BNG A "C4'" 1 
HETATM 1568 C "C5'" . BNG N 2 .   ? -14.108 7.832   -9.245  1.00 50.41 ? 513 BNG A "C5'" 1 
HETATM 1569 C "C6'" . BNG N 2 .   ? -12.930 7.394   -10.057 1.00 50.83 ? 513 BNG A "C6'" 1 
HETATM 1570 C "C7'" . BNG N 2 .   ? -12.066 8.568   -10.450 1.00 50.61 ? 513 BNG A "C7'" 1 
HETATM 1571 C "C8'" . BNG N 2 .   ? -11.387 8.286   -11.767 1.00 51.52 ? 513 BNG A "C8'" 1 
HETATM 1572 C "C9'" . BNG N 2 .   ? -10.695 9.513   -12.202 1.00 51.25 ? 513 BNG A "C9'" 1 
HETATM 1573 C "C5'" . BNG O 2 .   ? -7.541  6.304   -12.925 1.00 49.06 ? 514 BNG A "C5'" 1 
HETATM 1574 C "C6'" . BNG O 2 .   ? -7.798  5.086   -12.055 1.00 49.17 ? 514 BNG A "C6'" 1 
HETATM 1575 C "C7'" . BNG O 2 .   ? -9.279  4.749   -11.975 1.00 49.03 ? 514 BNG A "C7'" 1 
HETATM 1576 C "C8'" . BNG O 2 .   ? -9.481  3.468   -11.171 1.00 49.38 ? 514 BNG A "C8'" 1 
HETATM 1577 C "C9'" . BNG O 2 .   ? -10.965 3.156   -11.076 1.00 48.51 ? 514 BNG A "C9'" 1 
HETATM 1578 C "C2'" . BNG P 2 .   ? -13.941 -6.868  -12.613 1.00 50.92 ? 515 BNG A "C2'" 1 
HETATM 1579 C "C3'" . BNG P 2 .   ? -12.700 -6.011  -12.365 1.00 50.81 ? 515 BNG A "C3'" 1 
HETATM 1580 C "C4'" . BNG P 2 .   ? -12.091 -6.429  -11.015 1.00 50.48 ? 515 BNG A "C4'" 1 
HETATM 1581 C "C5'" . BNG P 2 .   ? -10.734 -5.806  -10.670 1.00 50.46 ? 515 BNG A "C5'" 1 
HETATM 1582 C "C6'" . BNG P 2 .   ? -9.800  -6.635  -9.784  1.00 50.84 ? 515 BNG A "C6'" 1 
HETATM 1583 C "C7'" . BNG P 2 .   ? -8.371  -6.279  -10.089 1.00 49.77 ? 515 BNG A "C7'" 1 
HETATM 1584 C "C8'" . BNG P 2 .   ? -7.308  -7.327  -9.753  1.00 50.31 ? 515 BNG A "C8'" 1 
HETATM 1585 C "C9'" . BNG P 2 .   ? -6.138  -7.259  -10.763 1.00 50.65 ? 515 BNG A "C9'" 1 
HETATM 1586 C "C3'" . BNG Q 2 .   ? 3.496   -5.018  18.350  1.00 49.37 ? 516 BNG A "C3'" 1 
HETATM 1587 C "C4'" . BNG Q 2 .   ? 3.576   -3.896  17.327  1.00 49.50 ? 516 BNG A "C4'" 1 
HETATM 1588 C "C5'" . BNG Q 2 .   ? 4.344   -4.338  16.094  1.00 49.42 ? 516 BNG A "C5'" 1 
HETATM 1589 C "C6'" . BNG Q 2 .   ? 4.590   -3.178  15.146  1.00 49.58 ? 516 BNG A "C6'" 1 
HETATM 1590 C "C7'" . BNG Q 2 .   ? 5.519   -3.588  14.016  1.00 50.20 ? 516 BNG A "C7'" 1 
HETATM 1591 C "C8'" . BNG Q 2 .   ? 6.019   -2.383  13.239  1.00 50.66 ? 516 BNG A "C8'" 1 
HETATM 1592 C "C9'" . BNG Q 2 .   ? 7.122   -2.836  12.310  1.00 51.09 ? 516 BNG A "C9'" 1 
HETATM 1593 C "C5'" . BNG R 2 .   ? -13.405 14.724  -13.133 1.00 47.49 ? 517 BNG A "C5'" 1 
HETATM 1594 C "C6'" . BNG R 2 .   ? -12.235 13.823  -12.803 1.00 47.40 ? 517 BNG A "C6'" 1 
HETATM 1595 C "C7'" . BNG R 2 .   ? -10.920 14.416  -13.285 1.00 47.08 ? 517 BNG A "C7'" 1 
HETATM 1596 C "C8'" . BNG R 2 .   ? -9.761  13.476  -12.997 1.00 46.89 ? 517 BNG A "C8'" 1 
HETATM 1597 C "C9'" . BNG R 2 .   ? -8.485  14.094  -13.533 1.00 46.56 ? 517 BNG A "C9'" 1 
HETATM 1598 O O     . HOH S 3 .   ? 22.634  4.525   5.068   1.00 14.98 ? 518 HOH A O     1 
HETATM 1599 O O     . HOH S 3 .   ? -3.567  4.441   3.144   1.00 17.23 ? 519 HOH A O     1 
HETATM 1600 O O     . HOH S 3 .   ? -6.758  0.858   1.419   1.00 17.91 ? 520 HOH A O     1 
HETATM 1601 O O     . HOH S 3 .   ? -4.057  18.280  2.710   1.00 19.33 ? 521 HOH A O     1 
HETATM 1602 O O     . HOH S 3 .   ? -5.300  2.110   15.227  1.00 20.54 ? 522 HOH A O     1 
HETATM 1603 O O     . HOH S 3 .   ? -5.236  9.082   -4.386  1.00 17.08 ? 523 HOH A O     1 
HETATM 1604 O O     . HOH S 3 .   ? -12.960 1.668   1.212   1.00 18.30 ? 524 HOH A O     1 
HETATM 1605 O O     . HOH S 3 .   ? -2.927  -0.152  1.149   1.00 19.66 ? 525 HOH A O     1 
HETATM 1606 O O     . HOH S 3 .   ? -8.571  13.855  -0.609  1.00 20.86 ? 526 HOH A O     1 
HETATM 1607 O O     . HOH S 3 .   ? 7.415   -10.392 -14.214 1.00 23.09 ? 527 HOH A O     1 
HETATM 1608 O O     . HOH S 3 .   ? -14.703 0.453   -7.590  1.00 19.14 ? 528 HOH A O     1 
HETATM 1609 O O     . HOH S 3 .   ? -5.396  -1.738  1.466   1.00 20.11 ? 529 HOH A O     1 
HETATM 1610 O O     . HOH S 3 .   ? -12.468 2.226   8.027   1.00 21.69 ? 530 HOH A O     1 
HETATM 1611 O O     . HOH S 3 .   ? 1.538   8.239   4.110   1.00 23.23 ? 531 HOH A O     1 
HETATM 1612 O O     . HOH S 3 .   ? 11.636  -1.829  -13.907 1.00 26.41 ? 532 HOH A O     1 
HETATM 1613 O O     . HOH S 3 .   ? 12.371  -14.025 -6.190  1.00 26.64 ? 533 HOH A O     1 
HETATM 1614 O O     . HOH S 3 .   ? -16.986 -7.109  2.975   1.00 23.26 ? 534 HOH A O     1 
HETATM 1615 O O     . HOH S 3 .   ? -15.593 3.319   7.972   1.00 23.22 ? 535 HOH A O     1 
HETATM 1616 O O     . HOH S 3 .   ? 7.148   -13.227 -8.971  1.00 33.85 ? 536 HOH A O     1 
HETATM 1617 O O     . HOH S 3 .   ? 14.034  2.085   -5.921  1.00 28.15 ? 537 HOH A O     1 
HETATM 1618 O O     . HOH S 3 .   ? -18.698 -7.211  0.546   1.00 26.49 ? 538 HOH A O     1 
HETATM 1619 O O     . HOH S 3 .   ? -1.582  17.028  4.332   1.00 25.26 ? 539 HOH A O     1 
HETATM 1620 O O     . HOH S 3 .   ? -0.484  2.467   11.695  1.00 31.63 ? 540 HOH A O     1 
HETATM 1621 O O     . HOH S 3 .   ? 17.107  -5.273  4.022   1.00 28.28 ? 541 HOH A O     1 
HETATM 1622 O O     . HOH S 3 .   ? -16.682 -3.703  -9.981  1.00 28.98 ? 542 HOH A O     1 
HETATM 1623 O O     . HOH S 3 .   ? 28.232  -0.774  11.697  1.00 33.12 ? 543 HOH A O     1 
HETATM 1624 O O     . HOH S 3 .   ? 8.153   -11.192 -11.190 1.00 28.12 ? 544 HOH A O     1 
HETATM 1625 O O     . HOH S 3 .   ? 8.486   -15.611 -8.094  1.00 30.90 ? 545 HOH A O     1 
HETATM 1626 O O     . HOH S 3 .   ? -23.381 -6.140  -6.041  1.00 26.21 ? 546 HOH A O     1 
HETATM 1627 O O     . HOH S 3 .   ? 2.109   4.124   9.879   1.00 39.89 ? 547 HOH A O     1 
HETATM 1628 O O     . HOH S 3 .   ? 11.097  0.049   -11.461 1.00 28.06 ? 548 HOH A O     1 
HETATM 1629 O O     . HOH S 3 .   ? -14.009 16.219  0.830   1.00 38.33 ? 549 HOH A O     1 
HETATM 1630 O O     . HOH S 3 .   ? -24.355 11.570  -5.732  1.00 39.51 ? 550 HOH A O     1 
HETATM 1631 O O     . HOH S 3 .   ? -7.231  16.365  0.150   1.00 30.34 ? 551 HOH A O     1 
HETATM 1632 O O     . HOH S 3 .   ? -2.930  4.316   11.542  1.00 33.74 ? 552 HOH A O     1 
HETATM 1633 O O     . HOH S 3 .   ? -6.742  9.427   8.638   1.00 37.10 ? 553 HOH A O     1 
HETATM 1634 O O     . HOH S 3 .   ? -18.143 14.499  -2.387  1.00 31.34 ? 554 HOH A O     1 
HETATM 1635 O O     . HOH S 3 .   ? -24.701 -12.385 1.706   1.00 34.86 ? 555 HOH A O     1 
HETATM 1636 O O     . HOH S 3 .   ? -17.631 -2.999  6.689   1.00 34.97 ? 556 HOH A O     1 
HETATM 1637 O O     . HOH S 3 .   ? 4.165   -13.061 -8.814  1.00 33.16 ? 557 HOH A O     1 
HETATM 1638 O O     . HOH S 3 .   ? -21.433 -7.009  1.724   1.00 34.11 ? 558 HOH A O     1 
HETATM 1639 O O     . HOH S 3 .   ? 6.694   -4.446  -19.614 1.00 41.65 ? 559 HOH A O     1 
HETATM 1640 O O     . HOH S 3 .   ? 0.871   2.824   23.428  1.00 34.10 ? 560 HOH A O     1 
HETATM 1641 O O     . HOH S 3 .   ? -19.600 -3.243  4.328   1.00 42.64 ? 561 HOH A O     1 
HETATM 1642 O O     . HOH S 3 .   ? -10.187 7.347   6.034   1.00 37.20 ? 562 HOH A O     1 
HETATM 1643 O O     . HOH S 3 .   ? -9.305  3.502   11.398  1.00 39.18 ? 563 HOH A O     1 
HETATM 1644 O O     . HOH S 3 .   ? -3.314  4.401   14.591  1.00 35.45 ? 564 HOH A O     1 
HETATM 1645 O O     . HOH S 3 .   ? 7.913   -5.096  -16.880 1.00 43.65 ? 565 HOH A O     1 
HETATM 1646 O O     . HOH S 3 .   ? -2.512  13.849  9.672   1.00 39.68 ? 566 HOH A O     1 
HETATM 1647 O O     . HOH S 3 .   ? -16.973 -11.735 14.166  1.00 53.02 ? 567 HOH A O     1 
HETATM 1648 O O     . HOH S 3 .   ? -9.710  15.055  2.598   1.00 35.43 ? 568 HOH A O     1 
HETATM 1649 O O     . HOH S 3 .   ? -17.002 -1.097  -8.592  1.00 32.15 ? 569 HOH A O     1 
HETATM 1650 O O     . HOH S 3 .   ? -2.676  -0.359  18.407  1.00 36.21 ? 570 HOH A O     1 
HETATM 1651 O O     . HOH S 3 .   ? 17.178  -20.808 -1.477  1.00 56.14 ? 571 HOH A O     1 
HETATM 1652 O O     . HOH S 3 .   ? -2.685  7.385   11.929  1.00 42.77 ? 572 HOH A O     1 
HETATM 1653 O O     . HOH S 3 .   ? -20.046 15.881  -4.459  1.00 40.11 ? 573 HOH A O     1 
HETATM 1654 O O     . HOH S 3 .   ? -0.038  1.271   20.883  1.00 47.26 ? 574 HOH A O     1 
HETATM 1655 O O     . HOH S 3 .   ? 20.675  -6.946  -1.397  1.00 52.61 ? 575 HOH A O     1 
HETATM 1656 O O     . HOH S 3 .   ? -3.374  12.930  6.694   1.00 41.24 ? 576 HOH A O     1 
HETATM 1657 O O     . HOH S 3 .   ? -15.219 -7.086  14.738  1.00 51.86 ? 577 HOH A O     1 
HETATM 1658 O O     . HOH S 3 .   ? -9.320  -1.718  11.467  1.00 38.02 ? 578 HOH A O     1 
HETATM 1659 O O     . HOH S 3 .   ? -18.325 1.612   -9.021  1.00 45.20 ? 579 HOH A O     1 
HETATM 1660 O O     . HOH S 3 .   ? -9.648  20.127  -2.024  1.00 36.09 ? 580 HOH A O     1 
HETATM 1661 O O     . HOH S 3 .   ? -28.832 -6.808  -4.095  1.00 52.15 ? 581 HOH A O     1 
HETATM 1662 O O     . HOH S 3 .   ? -6.934  17.698  2.724   1.00 36.50 ? 582 HOH A O     1 
HETATM 1663 O O     . HOH S 3 .   ? -10.345 5.856   8.695   1.00 44.93 ? 583 HOH A O     1 
HETATM 1664 O O     . HOH S 3 .   ? 17.060  -2.730  -3.135  1.00 48.70 ? 584 HOH A O     1 
HETATM 1665 O O     . HOH S 3 .   ? -25.213 0.125   4.134   1.00 41.02 ? 585 HOH A O     1 
HETATM 1666 O O     . HOH S 3 .   ? 21.517  -7.092  1.744   1.00 53.73 ? 586 HOH A O     1 
HETATM 1667 O O     . HOH S 3 .   ? -29.968 -1.477  -0.102  1.00 60.41 ? 587 HOH A O     1 
HETATM 1668 O O     . HOH S 3 .   ? -12.234 12.777  4.221   1.00 55.17 ? 588 HOH A O     1 
HETATM 1669 O O     . HOH S 3 .   ? -19.517 -4.046  -11.159 1.00 48.26 ? 589 HOH A O     1 
HETATM 1670 O O     . HOH S 3 .   ? -23.679 -6.278  -9.161  1.00 47.10 ? 590 HOH A O     1 
HETATM 1671 O O     . HOH S 3 .   ? -4.603  6.251   9.777   1.00 48.78 ? 591 HOH A O     1 
HETATM 1672 O O     . HOH S 3 .   ? 11.144  8.633   -18.845 1.00 56.57 ? 592 HOH A O     1 
HETATM 1673 O O     . HOH S 3 .   ? -28.502 -7.465  -1.067  1.00 47.30 ? 593 HOH A O     1 
HETATM 1674 O O     . HOH S 3 .   ? -11.144 16.555  -0.848  1.00 33.64 ? 594 HOH A O     1 
HETATM 1675 O O     . HOH S 3 .   ? 15.135  1.862   -15.771 1.00 53.15 ? 595 HOH A O     1 
HETATM 1676 O O     . HOH S 3 .   ? -8.654  20.103  2.903   1.00 46.98 ? 596 HOH A O     1 
HETATM 1677 O O     . HOH S 3 .   ? -13.417 6.473   8.072   1.00 47.37 ? 597 HOH A O     1 
HETATM 1678 O O     . HOH S 3 .   ? 15.792  4.566   -5.546  1.00 38.81 ? 598 HOH A O     1 
HETATM 1679 O O     . HOH S 3 .   ? -12.606 18.994  -2.111  1.00 49.64 ? 599 HOH A O     1 
HETATM 1680 O O     . HOH S 3 .   ? 29.400  0.394   7.851   1.00 49.54 ? 600 HOH A O     1 
HETATM 1681 O O     . HOH S 3 .   ? -17.629 -6.580  -11.117 1.00 41.25 ? 601 HOH A O     1 
HETATM 1682 O O     . HOH S 3 .   ? 20.052  -2.541  5.724   1.00 41.80 ? 602 HOH A O     1 
HETATM 1683 O O     . HOH S 3 .   ? -22.780 -3.712  3.690   1.00 54.18 ? 603 HOH A O     1 
HETATM 1684 O O     . HOH S 3 .   ? 14.274  -18.382 5.156   1.00 55.07 ? 604 HOH A O     1 
HETATM 1685 O O     . HOH S 3 .   ? 14.034  -20.477 7.773   1.00 51.65 ? 605 HOH A O     1 
HETATM 1686 O O     . HOH S 3 .   ? 1.214   15.178  14.928  1.00 47.59 ? 606 HOH A O     1 
HETATM 1687 O O     . HOH S 3 .   ? -17.847 -6.383  8.853   1.00 53.06 ? 607 HOH A O     1 
HETATM 1688 O O     . HOH S 3 .   ? -1.562  3.692   19.230  1.00 46.39 ? 608 HOH A O     1 
HETATM 1689 O O     . HOH S 3 .   ? -5.031  8.952   13.158  1.00 55.64 ? 609 HOH A O     1 
HETATM 1690 O O     . HOH S 3 .   ? 14.153  1.396   -10.746 1.00 41.79 ? 610 HOH A O     1 
HETATM 1691 O O     . HOH S 3 .   ? -25.729 -7.652  -4.533  1.00 44.43 ? 611 HOH A O     1 
HETATM 1692 O O     . HOH S 3 .   ? 12.064  -12.675 -9.849  1.00 59.05 ? 612 HOH A O     1 
HETATM 1693 O O     . HOH S 3 .   ? 18.927  -7.604  -7.940  1.00 60.63 ? 613 HOH A O     1 
HETATM 1694 O O     . HOH S 3 .   ? -24.540 -3.289  -8.568  1.00 51.88 ? 614 HOH A O     1 
HETATM 1695 O O     . HOH S 3 .   ? -12.450 4.260   10.288  1.00 49.31 ? 615 HOH A O     1 
HETATM 1696 O O     . HOH S 3 .   ? 1.090   19.282  6.472   1.00 56.42 ? 616 HOH A O     1 
HETATM 1697 O O     . HOH S 3 .   ? -13.980 15.512  4.285   1.00 59.63 ? 617 HOH A O     1 
HETATM 1698 O O     . HOH S 3 .   ? 19.930  6.265   0.985   1.00 44.15 ? 618 HOH A O     1 
HETATM 1699 O O     . HOH S 3 .   ? -23.641 0.773   -8.196  1.00 49.28 ? 619 HOH A O     1 
HETATM 1700 O O     . HOH S 3 .   ? -6.522  13.388  6.778   1.00 54.86 ? 620 HOH A O     1 
HETATM 1701 O O     . HOH S 3 .   ? -0.988  19.118  8.945   1.00 61.09 ? 621 HOH A O     1 
HETATM 1702 O O     . HOH S 3 .   ? 32.346  1.114   8.832   1.00 57.23 ? 622 HOH A O     1 
HETATM 1703 O O     . HOH S 3 .   ? -2.353  15.874  7.075   1.00 51.81 ? 623 HOH A O     1 
HETATM 1704 O O     . HOH S 3 .   ? 17.075  -1.102  -7.267  1.00 57.86 ? 624 HOH A O     1 
HETATM 1705 O O     . HOH S 3 .   ? 19.732  -5.599  5.601   1.00 51.11 ? 625 HOH A O     1 
HETATM 1706 O O     . HOH S 3 .   ? -15.496 1.624   13.846  1.00 59.64 ? 626 HOH A O     1 
HETATM 1707 O O     . HOH S 3 .   ? -22.632 9.780   -8.118  1.00 45.11 ? 627 HOH A O     1 
HETATM 1708 O O     . HOH S 3 .   ? 23.602  -4.217  0.747   1.00 58.71 ? 628 HOH A O     1 
HETATM 1709 O O     . HOH S 3 .   ? 25.609  -1.923  13.866  1.00 62.23 ? 629 HOH A O     1 
HETATM 1710 O O     . HOH S 3 .   ? -25.588 -12.044 4.649   1.00 58.55 ? 630 HOH A O     1 
HETATM 1711 O O     . HOH S 3 .   ? -7.475  16.028  5.119   1.00 49.14 ? 631 HOH A O     1 
HETATM 1712 O O     . HOH S 3 .   ? -17.816 21.569  -9.248  1.00 58.24 ? 632 HOH A O     1 
HETATM 1713 O O     . HOH S 3 .   ? 22.044  -9.919  7.015   1.00 58.27 ? 633 HOH A O     1 
HETATM 1714 O O     . HOH S 3 .   ? 11.454  -5.256  -14.624 1.00 45.52 ? 634 HOH A O     1 
HETATM 1715 O O     . HOH S 3 .   ? 28.552  -15.381 -2.885  1.00 54.77 ? 635 HOH A O     1 
HETATM 1716 O O     . HOH S 3 .   ? -2.906  16.216  11.640  1.00 61.94 ? 636 HOH A O     1 
HETATM 1717 O O     . HOH S 3 .   ? -19.177 -6.338  4.851   1.00 57.09 ? 637 HOH A O     1 
HETATM 1718 O O     . HOH S 3 .   ? -21.736 15.823  -6.973  1.00 56.37 ? 638 HOH A O     1 
HETATM 1719 O O     . HOH S 3 .   ? 14.765  -11.532 -11.239 1.00 57.17 ? 639 HOH A O     1 
HETATM 1720 O O     . HOH S 3 .   ? 18.031  -0.230  -1.078  1.00 47.68 ? 640 HOH A O     1 
HETATM 1721 O O     . HOH S 3 .   ? 17.787  -16.425 1.527   1.00 58.34 ? 641 HOH A O     1 
HETATM 1722 O O     . HOH S 3 .   ? 16.844  9.591   -6.592  1.00 50.23 ? 642 HOH A O     1 
HETATM 1723 O O     . HOH S 3 .   ? -10.653 17.930  2.058   1.00 59.39 ? 643 HOH A O     1 
HETATM 1724 O O     . HOH S 3 .   ? 28.468  -2.534  8.989   1.00 58.94 ? 644 HOH A O     1 
# 
loop_
_pdbx_poly_seq_scheme.asym_id 
_pdbx_poly_seq_scheme.entity_id 
_pdbx_poly_seq_scheme.seq_id 
_pdbx_poly_seq_scheme.mon_id 
_pdbx_poly_seq_scheme.ndb_seq_num 
_pdbx_poly_seq_scheme.pdb_seq_num 
_pdbx_poly_seq_scheme.auth_seq_num 
_pdbx_poly_seq_scheme.pdb_mon_id 
_pdbx_poly_seq_scheme.auth_mon_id 
_pdbx_poly_seq_scheme.pdb_strand_id 
_pdbx_poly_seq_scheme.pdb_ins_code 
_pdbx_poly_seq_scheme.hetero 
A 1 1   GLU 1   91  91  GLU GLU A . n 
A 1 2   ARG 2   92  92  ARG ARG A . n 
A 1 3   ALA 3   93  93  ALA ALA A . n 
A 1 4   GLY 4   94  94  GLY GLY A . n 
A 1 5   PRO 5   95  95  PRO PRO A . n 
A 1 6   VAL 6   96  96  VAL VAL A . n 
A 1 7   THR 7   97  97  THR THR A . n 
A 1 8   TRP 8   98  98  TRP TRP A . n 
A 1 9   VAL 9   99  99  VAL VAL A . n 
A 1 10  MET 10  100 100 MET MET A . n 
A 1 11  MET 11  101 101 MET MET A . n 
A 1 12  ILE 12  102 102 ILE ILE A . n 
A 1 13  ALA 13  103 103 ALA ALA A . n 
A 1 14  CYS 14  104 104 CYS CYS A . n 
A 1 15  VAL 15  105 105 VAL VAL A . n 
A 1 16  VAL 16  106 106 VAL VAL A . n 
A 1 17  VAL 17  107 107 VAL VAL A . n 
A 1 18  PHE 18  108 108 PHE PHE A . n 
A 1 19  ILE 19  109 109 ILE ILE A . n 
A 1 20  ALA 20  110 110 ALA ALA A . n 
A 1 21  MET 21  111 111 MET MET A . n 
A 1 22  GLN 22  112 112 GLN GLN A . n 
A 1 23  ILE 23  113 113 ILE ILE A . n 
A 1 24  LEU 24  114 114 LEU LEU A . n 
A 1 25  GLY 25  115 115 GLY GLY A . n 
A 1 26  ASP 26  116 116 ASP ASP A . n 
A 1 27  GLN 27  117 117 GLN GLN A . n 
A 1 28  GLU 28  118 118 GLU GLU A . n 
A 1 29  VAL 29  119 119 VAL VAL A . n 
A 1 30  MET 30  120 120 MET MET A . n 
A 1 31  LEU 31  121 121 LEU LEU A . n 
A 1 32  TRP 32  122 122 TRP TRP A . n 
A 1 33  LEU 33  123 123 LEU LEU A . n 
A 1 34  ALA 34  124 124 ALA ALA A . n 
A 1 35  TRP 35  125 125 TRP TRP A . n 
A 1 36  PRO 36  126 126 PRO PRO A . n 
A 1 37  PHE 37  127 127 PHE PHE A . n 
A 1 38  ASP 38  128 128 ASP ASP A . n 
A 1 39  PRO 39  129 129 PRO PRO A . n 
A 1 40  THR 40  130 130 THR THR A . n 
A 1 41  LEU 41  131 131 LEU LEU A . n 
A 1 42  LYS 42  132 132 LYS LYS A . n 
A 1 43  PHE 43  133 133 PHE PHE A . n 
A 1 44  GLU 44  134 134 GLU GLU A . n 
A 1 45  PHE 45  135 135 PHE PHE A . n 
A 1 46  ALA 46  136 136 ALA ALA A . n 
A 1 47  ARG 47  137 137 ARG ARG A . n 
A 1 48  TYR 48  138 138 TYR TYR A . n 
A 1 49  PHE 49  139 139 PHE PHE A . n 
A 1 50  THR 50  140 140 THR THR A . n 
A 1 51  HIS 51  141 141 HIS HIS A . n 
A 1 52  ALA 52  142 142 ALA ALA A . n 
A 1 53  LEU 53  143 143 LEU LEU A . n 
A 1 54  MET 54  144 144 MET MET A . n 
A 1 55  HIS 55  145 145 HIS HIS A . n 
A 1 56  PHE 56  146 146 PHE PHE A . n 
A 1 57  SER 57  147 147 SER SER A . n 
A 1 58  LEU 58  148 148 LEU LEU A . n 
A 1 59  MET 59  149 149 MET MET A . n 
A 1 60  HIS 60  150 150 HIS HIS A . n 
A 1 61  ILE 61  151 151 ILE ILE A . n 
A 1 62  LEU 62  152 152 LEU LEU A . n 
A 1 63  PHE 63  153 153 PHE PHE A . n 
A 1 64  ASN 64  154 154 ASN ASN A . n 
A 1 65  LEU 65  155 155 LEU LEU A . n 
A 1 66  LEU 66  156 156 LEU LEU A . n 
A 1 67  TRP 67  157 157 TRP TRP A . n 
A 1 68  TRP 68  158 158 TRP TRP A . n 
A 1 69  TRP 69  159 159 TRP TRP A . n 
A 1 70  TYR 70  160 160 TYR TYR A . n 
A 1 71  LEU 71  161 161 LEU LEU A . n 
A 1 72  GLY 72  162 162 GLY GLY A . n 
A 1 73  GLY 73  163 163 GLY GLY A . n 
A 1 74  ALA 74  164 164 ALA ALA A . n 
A 1 75  VAL 75  165 165 VAL VAL A . n 
A 1 76  GLU 76  166 166 GLU GLU A . n 
A 1 77  LYS 77  167 167 LYS LYS A . n 
A 1 78  ARG 78  168 168 ARG ARG A . n 
A 1 79  LEU 79  169 169 LEU LEU A . n 
A 1 80  GLY 80  170 170 GLY GLY A . n 
A 1 81  SER 81  171 171 SER SER A . n 
A 1 82  GLY 82  172 172 GLY GLY A . n 
A 1 83  LYS 83  173 173 LYS LYS A . n 
A 1 84  LEU 84  174 174 LEU LEU A . n 
A 1 85  ILE 85  175 175 ILE ILE A . n 
A 1 86  VAL 86  176 176 VAL VAL A . n 
A 1 87  ILE 87  177 177 ILE ILE A . n 
A 1 88  THR 88  178 178 THR THR A . n 
A 1 89  LEU 89  179 179 LEU LEU A . n 
A 1 90  ILE 90  180 180 ILE ILE A . n 
A 1 91  SER 91  181 181 SER SER A . n 
A 1 92  ALA 92  182 182 ALA ALA A . n 
A 1 93  LEU 93  183 183 LEU LEU A . n 
A 1 94  LEU 94  184 184 LEU LEU A . n 
A 1 95  SER 95  185 185 SER SER A . n 
A 1 96  GLY 96  186 186 GLY GLY A . n 
A 1 97  TYR 97  187 187 TYR TYR A . n 
A 1 98  VAL 98  188 188 VAL VAL A . n 
A 1 99  GLN 99  189 189 GLN GLN A . n 
A 1 100 GLN 100 190 190 GLN GLN A . n 
A 1 101 LYS 101 191 191 LYS LYS A . n 
A 1 102 PHE 102 192 192 PHE PHE A . n 
A 1 103 SER 103 193 193 SER SER A . n 
A 1 104 GLY 104 194 194 GLY GLY A . n 
A 1 105 PRO 105 195 195 PRO PRO A . n 
A 1 106 TRP 106 196 196 TRP TRP A . n 
A 1 107 PHE 107 197 197 PHE PHE A . n 
A 1 108 GLY 108 198 198 GLY GLY A . n 
A 1 109 GLY 109 199 199 GLY GLY A . n 
A 1 110 LEU 110 200 200 LEU LEU A . n 
A 1 111 SER 111 201 201 SER SER A . n 
A 1 112 GLY 112 202 202 GLY GLY A . n 
A 1 113 VAL 113 203 203 VAL VAL A . n 
A 1 114 VAL 114 204 204 VAL VAL A . n 
A 1 115 TYR 115 205 205 TYR TYR A . n 
A 1 116 ALA 116 206 206 ALA ALA A . n 
A 1 117 LEU 117 207 207 LEU LEU A . n 
A 1 118 MET 118 208 208 MET MET A . n 
A 1 119 GLY 119 209 209 GLY GLY A . n 
A 1 120 TYR 120 210 210 TYR TYR A . n 
A 1 121 VAL 121 211 211 VAL VAL A . n 
A 1 122 TRP 122 212 212 TRP TRP A . n 
A 1 123 LEU 123 213 213 LEU LEU A . n 
A 1 124 ARG 124 214 214 ARG ARG A . n 
A 1 125 GLY 125 215 215 GLY GLY A . n 
A 1 126 GLU 126 216 216 GLU GLU A . n 
A 1 127 ARG 127 217 217 ARG ARG A . n 
A 1 128 ASP 128 218 218 ASP ASP A . n 
A 1 129 PRO 129 219 219 PRO PRO A . n 
A 1 130 GLN 130 220 220 GLN GLN A . n 
A 1 131 SER 131 221 221 SER SER A . n 
A 1 132 GLY 132 222 222 GLY GLY A . n 
A 1 133 ILE 133 223 223 ILE ILE A . n 
A 1 134 TYR 134 224 224 TYR TYR A . n 
A 1 135 LEU 135 225 225 LEU LEU A . n 
A 1 136 GLN 136 226 226 GLN GLN A . n 
A 1 137 ARG 137 227 227 ARG ARG A . n 
A 1 138 GLY 138 228 228 GLY GLY A . n 
A 1 139 LEU 139 229 229 LEU LEU A . n 
A 1 140 ILE 140 230 230 ILE ILE A . n 
A 1 141 ILE 141 231 231 ILE ILE A . n 
A 1 142 PHE 142 232 232 PHE PHE A . n 
A 1 143 ALA 143 233 233 ALA ALA A . n 
A 1 144 LEU 144 234 234 LEU LEU A . n 
A 1 145 ILE 145 235 235 ILE ILE A . n 
A 1 146 TRP 146 236 236 TRP TRP A . n 
A 1 147 ILE 147 237 237 ILE ILE A . n 
A 1 148 VAL 148 238 238 VAL VAL A . n 
A 1 149 ALA 149 239 239 ALA ALA A . n 
A 1 150 GLY 150 240 240 GLY GLY A . n 
A 1 151 TRP 151 241 241 TRP TRP A . n 
A 1 152 PHE 152 242 242 PHE PHE A . n 
A 1 153 ASP 153 243 243 ASP ASP A . n 
A 1 154 LEU 154 244 244 LEU LEU A . n 
A 1 155 PHE 155 245 245 PHE PHE A . n 
A 1 156 GLY 156 246 246 GLY GLY A . n 
A 1 157 MET 157 247 247 MET MET A . n 
A 1 158 SER 158 248 248 SER SER A . n 
A 1 159 MET 159 249 249 MET MET A . n 
A 1 160 ALA 160 250 250 ALA ALA A . n 
A 1 161 ASN 161 251 251 ASN ASN A . n 
A 1 162 GLY 162 252 252 GLY GLY A . n 
A 1 163 ALA 163 253 253 ALA ALA A . n 
A 1 164 HIS 164 254 254 HIS HIS A . n 
A 1 165 ILE 165 255 255 ILE ILE A . n 
A 1 166 ALA 166 256 256 ALA ALA A . n 
A 1 167 GLY 167 257 257 GLY GLY A . n 
A 1 168 LEU 168 258 258 LEU LEU A . n 
A 1 169 ALA 169 259 259 ALA ALA A . n 
A 1 170 VAL 170 260 260 VAL VAL A . n 
A 1 171 GLY 171 261 261 GLY GLY A . n 
A 1 172 LEU 172 262 262 LEU LEU A . n 
A 1 173 ALA 173 263 263 ALA ALA A . n 
A 1 174 MET 174 264 264 MET MET A . n 
A 1 175 ALA 175 265 265 ALA ALA A . n 
A 1 176 PHE 176 266 266 PHE PHE A . n 
A 1 177 VAL 177 267 267 VAL VAL A . n 
A 1 178 ASP 178 268 268 ASP ASP A . n 
A 1 179 SER 179 269 269 SER SER A . n 
A 1 180 LEU 180 270 270 LEU LEU A . n 
# 
loop_
_pdbx_nonpoly_scheme.asym_id 
_pdbx_nonpoly_scheme.entity_id 
_pdbx_nonpoly_scheme.mon_id 
_pdbx_nonpoly_scheme.ndb_seq_num 
_pdbx_nonpoly_scheme.pdb_seq_num 
_pdbx_nonpoly_scheme.auth_seq_num 
_pdbx_nonpoly_scheme.pdb_mon_id 
_pdbx_nonpoly_scheme.auth_mon_id 
_pdbx_nonpoly_scheme.pdb_strand_id 
_pdbx_nonpoly_scheme.pdb_ins_code 
B 2 BNG 1   501 501 BNG BNG A . 
C 2 BNG 1   502 502 BNG BNG A . 
D 2 BNG 1   503 503 BNG BNG A . 
E 2 BNG 1   504 504 BNG BNG A . 
F 2 BNG 1   505 505 BNG BNG A . 
G 2 BNG 1   506 506 BNG BNG A . 
H 2 BNG 1   507 507 BNG BNG A . 
I 2 BNG 1   508 508 BNG BNG A . 
J 2 BNG 1   509 509 BNG BNG A . 
K 2 BNG 1   510 510 BNG BNG A . 
L 2 BNG 1   511 511 BNG BNG A . 
M 2 BNG 1   512 512 BNG BNG A . 
N 2 BNG 1   513 513 BNG BNG A . 
O 2 BNG 1   514 514 BNG BNG A . 
P 2 BNG 1   515 515 BNG BNG A . 
Q 2 BNG 1   516 516 BNG BNG A . 
R 2 BNG 1   517 517 BNG BNG A . 
S 3 HOH 1   518 1   HOH TIP A . 
S 3 HOH 2   519 2   HOH TIP A . 
S 3 HOH 3   520 3   HOH TIP A . 
S 3 HOH 4   521 4   HOH TIP A . 
S 3 HOH 5   522 5   HOH TIP A . 
S 3 HOH 6   523 6   HOH TIP A . 
S 3 HOH 7   524 7   HOH TIP A . 
S 3 HOH 8   525 8   HOH TIP A . 
S 3 HOH 9   526 9   HOH TIP A . 
S 3 HOH 10  527 10  HOH TIP A . 
S 3 HOH 11  528 11  HOH TIP A . 
S 3 HOH 12  529 12  HOH TIP A . 
S 3 HOH 13  530 13  HOH TIP A . 
S 3 HOH 14  531 14  HOH TIP A . 
S 3 HOH 15  532 15  HOH TIP A . 
S 3 HOH 16  533 16  HOH TIP A . 
S 3 HOH 17  534 17  HOH TIP A . 
S 3 HOH 18  535 18  HOH TIP A . 
S 3 HOH 19  536 19  HOH TIP A . 
S 3 HOH 20  537 20  HOH TIP A . 
S 3 HOH 21  538 21  HOH TIP A . 
S 3 HOH 22  539 22  HOH TIP A . 
S 3 HOH 23  540 23  HOH TIP A . 
S 3 HOH 24  541 24  HOH TIP A . 
S 3 HOH 25  542 25  HOH TIP A . 
S 3 HOH 26  543 26  HOH TIP A . 
S 3 HOH 27  544 27  HOH TIP A . 
S 3 HOH 28  545 28  HOH TIP A . 
S 3 HOH 29  546 29  HOH TIP A . 
S 3 HOH 30  547 30  HOH TIP A . 
S 3 HOH 31  548 31  HOH TIP A . 
S 3 HOH 32  549 32  HOH TIP A . 
S 3 HOH 33  550 33  HOH TIP A . 
S 3 HOH 34  551 34  HOH TIP A . 
S 3 HOH 35  552 35  HOH TIP A . 
S 3 HOH 36  553 36  HOH TIP A . 
S 3 HOH 37  554 37  HOH TIP A . 
S 3 HOH 38  555 38  HOH TIP A . 
S 3 HOH 39  556 39  HOH TIP A . 
S 3 HOH 40  557 40  HOH TIP A . 
S 3 HOH 41  558 41  HOH TIP A . 
S 3 HOH 42  559 42  HOH TIP A . 
S 3 HOH 43  560 43  HOH TIP A . 
S 3 HOH 44  561 44  HOH TIP A . 
S 3 HOH 45  562 45  HOH TIP A . 
S 3 HOH 46  563 46  HOH TIP A . 
S 3 HOH 47  564 47  HOH TIP A . 
S 3 HOH 48  565 48  HOH TIP A . 
S 3 HOH 49  566 49  HOH TIP A . 
S 3 HOH 50  567 50  HOH TIP A . 
S 3 HOH 51  568 51  HOH TIP A . 
S 3 HOH 52  569 52  HOH TIP A . 
S 3 HOH 53  570 53  HOH TIP A . 
S 3 HOH 54  571 54  HOH TIP A . 
S 3 HOH 55  572 55  HOH TIP A . 
S 3 HOH 56  573 56  HOH TIP A . 
S 3 HOH 57  574 57  HOH TIP A . 
S 3 HOH 58  575 58  HOH TIP A . 
S 3 HOH 59  576 59  HOH TIP A . 
S 3 HOH 60  577 60  HOH TIP A . 
S 3 HOH 61  578 61  HOH TIP A . 
S 3 HOH 62  579 62  HOH TIP A . 
S 3 HOH 63  580 63  HOH TIP A . 
S 3 HOH 64  581 65  HOH TIP A . 
S 3 HOH 65  582 66  HOH TIP A . 
S 3 HOH 66  583 67  HOH TIP A . 
S 3 HOH 67  584 68  HOH TIP A . 
S 3 HOH 68  585 69  HOH TIP A . 
S 3 HOH 69  586 70  HOH TIP A . 
S 3 HOH 70  587 71  HOH TIP A . 
S 3 HOH 71  588 72  HOH TIP A . 
S 3 HOH 72  589 73  HOH TIP A . 
S 3 HOH 73  590 74  HOH TIP A . 
S 3 HOH 74  591 75  HOH TIP A . 
S 3 HOH 75  592 76  HOH TIP A . 
S 3 HOH 76  593 77  HOH TIP A . 
S 3 HOH 77  594 78  HOH TIP A . 
S 3 HOH 78  595 79  HOH TIP A . 
S 3 HOH 79  596 80  HOH TIP A . 
S 3 HOH 80  597 81  HOH TIP A . 
S 3 HOH 81  598 82  HOH TIP A . 
S 3 HOH 82  599 84  HOH TIP A . 
S 3 HOH 83  600 85  HOH TIP A . 
S 3 HOH 84  601 86  HOH TIP A . 
S 3 HOH 85  602 87  HOH TIP A . 
S 3 HOH 86  603 88  HOH TIP A . 
S 3 HOH 87  604 89  HOH TIP A . 
S 3 HOH 88  605 90  HOH TIP A . 
S 3 HOH 89  606 91  HOH TIP A . 
S 3 HOH 90  607 92  HOH TIP A . 
S 3 HOH 91  608 93  HOH TIP A . 
S 3 HOH 92  609 94  HOH TIP A . 
S 3 HOH 93  610 95  HOH TIP A . 
S 3 HOH 94  611 96  HOH TIP A . 
S 3 HOH 95  612 98  HOH TIP A . 
S 3 HOH 96  613 99  HOH TIP A . 
S 3 HOH 97  614 102 HOH TIP A . 
S 3 HOH 98  615 103 HOH TIP A . 
S 3 HOH 99  616 104 HOH TIP A . 
S 3 HOH 100 617 105 HOH TIP A . 
S 3 HOH 101 618 106 HOH TIP A . 
S 3 HOH 102 619 107 HOH TIP A . 
S 3 HOH 103 620 108 HOH TIP A . 
S 3 HOH 104 621 110 HOH TIP A . 
S 3 HOH 105 622 112 HOH TIP A . 
S 3 HOH 106 623 113 HOH TIP A . 
S 3 HOH 107 624 114 HOH TIP A . 
S 3 HOH 108 625 115 HOH TIP A . 
S 3 HOH 109 626 116 HOH TIP A . 
S 3 HOH 110 627 117 HOH TIP A . 
S 3 HOH 111 628 118 HOH TIP A . 
S 3 HOH 112 629 119 HOH TIP A . 
S 3 HOH 113 630 120 HOH TIP A . 
S 3 HOH 114 631 121 HOH TIP A . 
S 3 HOH 115 632 122 HOH TIP A . 
S 3 HOH 116 633 124 HOH TIP A . 
S 3 HOH 117 634 125 HOH TIP A . 
S 3 HOH 118 635 128 HOH TIP A . 
S 3 HOH 119 636 129 HOH TIP A . 
S 3 HOH 120 637 131 HOH TIP A . 
S 3 HOH 121 638 133 HOH TIP A . 
S 3 HOH 122 639 134 HOH TIP A . 
S 3 HOH 123 640 135 HOH TIP A . 
S 3 HOH 124 641 136 HOH TIP A . 
S 3 HOH 125 642 137 HOH TIP A . 
S 3 HOH 126 643 138 HOH TIP A . 
S 3 HOH 127 644 139 HOH TIP A . 
# 
_pdbx_struct_assembly.id                   1 
_pdbx_struct_assembly.details              author_defined_assembly 
_pdbx_struct_assembly.method_details       ? 
_pdbx_struct_assembly.oligomeric_details   monomeric 
_pdbx_struct_assembly.oligomeric_count     1 
# 
_pdbx_struct_assembly_gen.assembly_id       1 
_pdbx_struct_assembly_gen.oper_expression   1 
_pdbx_struct_assembly_gen.asym_id_list      A,B,C,D,E,F,G,H,I,J,K,L,M,N,O,P,Q,R,S 
# 
_pdbx_struct_oper_list.id                   1 
_pdbx_struct_oper_list.type                 'identity operation' 
_pdbx_struct_oper_list.name                 1_555 
_pdbx_struct_oper_list.symmetry_operation   x,y,z 
_pdbx_struct_oper_list.matrix[1][1]         1.0000000000 
_pdbx_struct_oper_list.matrix[1][2]         0.0000000000 
_pdbx_struct_oper_list.matrix[1][3]         0.0000000000 
_pdbx_struct_oper_list.vector[1]            0.0000000000 
_pdbx_struct_oper_list.matrix[2][1]         0.0000000000 
_pdbx_struct_oper_list.matrix[2][2]         1.0000000000 
_pdbx_struct_oper_list.matrix[2][3]         0.0000000000 
_pdbx_struct_oper_list.vector[2]            0.0000000000 
_pdbx_struct_oper_list.matrix[3][1]         0.0000000000 
_pdbx_struct_oper_list.matrix[3][2]         0.0000000000 
_pdbx_struct_oper_list.matrix[3][3]         1.0000000000 
_pdbx_struct_oper_list.vector[3]            0.0000000000 
# 
loop_
_pdbx_audit_revision_history.ordinal 
_pdbx_audit_revision_history.data_content_type 
_pdbx_audit_revision_history.major_revision 
_pdbx_audit_revision_history.minor_revision 
_pdbx_audit_revision_history.revision_date 
1 'Structure model' 1 0 2008-01-22 
2 'Structure model' 1 1 2011-07-13 
3 'Structure model' 1 2 2020-07-29 
4 'Structure model' 1 3 2021-10-20 
5 'Structure model' 1 4 2023-08-30 
# 
loop_
_pdbx_audit_revision_details.ordinal 
_pdbx_audit_revision_details.revision_ordinal 
_pdbx_audit_revision_details.data_content_type 
_pdbx_audit_revision_details.provider 
_pdbx_audit_revision_details.type 
_pdbx_audit_revision_details.description 
_pdbx_audit_revision_details.details 
1 1 'Structure model' repository 'Initial release' ?                          ? 
2 3 'Structure model' repository Remediation       'Carbohydrate remediation' ? 
# 
loop_
_pdbx_audit_revision_group.ordinal 
_pdbx_audit_revision_group.revision_ordinal 
_pdbx_audit_revision_group.data_content_type 
_pdbx_audit_revision_group.group 
1 2 'Structure model' 'Version format compliance' 
2 3 'Structure model' 'Data collection'           
3 3 'Structure model' 'Derived calculations'      
4 3 'Structure model' 'Structure summary'         
5 4 'Structure model' 'Database references'       
6 4 'Structure model' 'Structure summary'         
7 5 'Structure model' 'Data collection'           
8 5 'Structure model' 'Refinement description'    
# 
loop_
_pdbx_audit_revision_category.ordinal 
_pdbx_audit_revision_category.revision_ordinal 
_pdbx_audit_revision_category.data_content_type 
_pdbx_audit_revision_category.category 
1  3 'Structure model' chem_comp                     
2  3 'Structure model' entity                        
3  3 'Structure model' pdbx_chem_comp_identifier     
4  3 'Structure model' pdbx_entity_nonpoly           
5  3 'Structure model' struct_site                   
6  3 'Structure model' struct_site_gen               
7  4 'Structure model' chem_comp                     
8  4 'Structure model' database_2                    
9  4 'Structure model' struct_ref_seq_dif            
10 5 'Structure model' chem_comp_atom                
11 5 'Structure model' chem_comp_bond                
12 5 'Structure model' pdbx_initial_refinement_model 
# 
loop_
_pdbx_audit_revision_item.ordinal 
_pdbx_audit_revision_item.revision_ordinal 
_pdbx_audit_revision_item.data_content_type 
_pdbx_audit_revision_item.item 
1 3 'Structure model' '_chem_comp.mon_nstd_flag'            
2 3 'Structure model' '_chem_comp.name'                     
3 3 'Structure model' '_chem_comp.type'                     
4 3 'Structure model' '_entity.pdbx_description'            
5 3 'Structure model' '_pdbx_entity_nonpoly.name'           
6 4 'Structure model' '_chem_comp.pdbx_synonyms'            
7 4 'Structure model' '_database_2.pdbx_DOI'                
8 4 'Structure model' '_database_2.pdbx_database_accession' 
9 4 'Structure model' '_struct_ref_seq_dif.details'         
# 
loop_
_software.name 
_software.version 
_software.date 
_software.type 
_software.contact_author 
_software.contact_author_email 
_software.classification 
_software.location 
_software.language 
_software.citation_id 
_software.pdbx_ordinal 
CNS         .     ?              package 'Axel T. Brunger' axel.brunger@yale.edu    refinement        
http://cns.csb.yale.edu/v1.1/    Fortran_77 ? 1 
PDB_EXTRACT 3.000 'July 2, 2007' package PDB               sw-help@rcsb.rutgers.edu 'data extraction' 
http://pdb.rutgers.edu/software/ C++        ? 2 
HKL-2000    .     ?              ?       ?                 ?                        'data collection' ? ?          ? 3 
HKL-2000    .     ?              ?       ?                 ?                        'data reduction'  ? ?          ? 4 
SCALEPACK   .     ?              ?       ?                 ?                        'data scaling'    ? ?          ? 5 
CNS         .     ?              ?       ?                 ?                        phasing           ? ?          ? 6 
# 
loop_
_pdbx_validate_torsion.id 
_pdbx_validate_torsion.PDB_model_num 
_pdbx_validate_torsion.auth_comp_id 
_pdbx_validate_torsion.auth_asym_id 
_pdbx_validate_torsion.auth_seq_id 
_pdbx_validate_torsion.PDB_ins_code 
_pdbx_validate_torsion.label_alt_id 
_pdbx_validate_torsion.phi 
_pdbx_validate_torsion.psi 
1 1 GLN A 220 ? ? -60.47 0.62   
2 1 SER A 248 ? ? 75.99  -56.53 
# 
loop_
_pdbx_unobs_or_zero_occ_atoms.id 
_pdbx_unobs_or_zero_occ_atoms.PDB_model_num 
_pdbx_unobs_or_zero_occ_atoms.polymer_flag 
_pdbx_unobs_or_zero_occ_atoms.occupancy_flag 
_pdbx_unobs_or_zero_occ_atoms.auth_asym_id 
_pdbx_unobs_or_zero_occ_atoms.auth_comp_id 
_pdbx_unobs_or_zero_occ_atoms.auth_seq_id 
_pdbx_unobs_or_zero_occ_atoms.PDB_ins_code 
_pdbx_unobs_or_zero_occ_atoms.auth_atom_id 
_pdbx_unobs_or_zero_occ_atoms.label_alt_id 
_pdbx_unobs_or_zero_occ_atoms.label_asym_id 
_pdbx_unobs_or_zero_occ_atoms.label_comp_id 
_pdbx_unobs_or_zero_occ_atoms.label_seq_id 
_pdbx_unobs_or_zero_occ_atoms.label_atom_id 
1   1 Y 1 A GLU 91  ? CG    ? A GLU 1   CG    
2   1 Y 1 A GLU 91  ? CD    ? A GLU 1   CD    
3   1 Y 1 A GLU 91  ? OE1   ? A GLU 1   OE1   
4   1 Y 1 A GLU 91  ? OE2   ? A GLU 1   OE2   
5   1 Y 1 A GLN 220 ? CG    ? A GLN 130 CG    
6   1 Y 1 A GLN 220 ? CD    ? A GLN 130 CD    
7   1 Y 1 A GLN 220 ? OE1   ? A GLN 130 OE1   
8   1 Y 1 A GLN 220 ? NE2   ? A GLN 130 NE2   
9   1 N 1 A BNG 503 ? C1    ? D BNG 1   C1    
10  1 N 1 A BNG 503 ? C2    ? D BNG 1   C2    
11  1 N 1 A BNG 503 ? C3    ? D BNG 1   C3    
12  1 N 1 A BNG 503 ? C4    ? D BNG 1   C4    
13  1 N 1 A BNG 503 ? C5    ? D BNG 1   C5    
14  1 N 1 A BNG 503 ? C6    ? D BNG 1   C6    
15  1 N 1 A BNG 503 ? "C1'" ? D BNG 1   "C1'" 
16  1 N 1 A BNG 503 ? O1    ? D BNG 1   O1    
17  1 N 1 A BNG 503 ? O2    ? D BNG 1   O2    
18  1 N 1 A BNG 503 ? O3    ? D BNG 1   O3    
19  1 N 1 A BNG 503 ? O4    ? D BNG 1   O4    
20  1 N 1 A BNG 503 ? O5    ? D BNG 1   O5    
21  1 N 1 A BNG 503 ? O6    ? D BNG 1   O6    
22  1 N 1 A BNG 504 ? C1    ? E BNG 1   C1    
23  1 N 1 A BNG 504 ? C2    ? E BNG 1   C2    
24  1 N 1 A BNG 504 ? C3    ? E BNG 1   C3    
25  1 N 1 A BNG 504 ? C4    ? E BNG 1   C4    
26  1 N 1 A BNG 504 ? C5    ? E BNG 1   C5    
27  1 N 1 A BNG 504 ? C6    ? E BNG 1   C6    
28  1 N 1 A BNG 504 ? "C1'" ? E BNG 1   "C1'" 
29  1 N 1 A BNG 504 ? O1    ? E BNG 1   O1    
30  1 N 1 A BNG 504 ? O2    ? E BNG 1   O2    
31  1 N 1 A BNG 504 ? O3    ? E BNG 1   O3    
32  1 N 1 A BNG 504 ? O4    ? E BNG 1   O4    
33  1 N 1 A BNG 504 ? O5    ? E BNG 1   O5    
34  1 N 1 A BNG 504 ? O6    ? E BNG 1   O6    
35  1 N 1 A BNG 505 ? C1    ? F BNG 1   C1    
36  1 N 1 A BNG 505 ? C2    ? F BNG 1   C2    
37  1 N 1 A BNG 505 ? C3    ? F BNG 1   C3    
38  1 N 1 A BNG 505 ? C4    ? F BNG 1   C4    
39  1 N 1 A BNG 505 ? C5    ? F BNG 1   C5    
40  1 N 1 A BNG 505 ? C6    ? F BNG 1   C6    
41  1 N 1 A BNG 505 ? O1    ? F BNG 1   O1    
42  1 N 1 A BNG 505 ? O2    ? F BNG 1   O2    
43  1 N 1 A BNG 505 ? O3    ? F BNG 1   O3    
44  1 N 1 A BNG 505 ? O4    ? F BNG 1   O4    
45  1 N 1 A BNG 505 ? O5    ? F BNG 1   O5    
46  1 N 1 A BNG 505 ? O6    ? F BNG 1   O6    
47  1 N 1 A BNG 506 ? C1    ? G BNG 1   C1    
48  1 N 1 A BNG 506 ? C2    ? G BNG 1   C2    
49  1 N 1 A BNG 506 ? C3    ? G BNG 1   C3    
50  1 N 1 A BNG 506 ? C4    ? G BNG 1   C4    
51  1 N 1 A BNG 506 ? C5    ? G BNG 1   C5    
52  1 N 1 A BNG 506 ? C6    ? G BNG 1   C6    
53  1 N 1 A BNG 506 ? "C1'" ? G BNG 1   "C1'" 
54  1 N 1 A BNG 506 ? "C2'" ? G BNG 1   "C2'" 
55  1 N 1 A BNG 506 ? O1    ? G BNG 1   O1    
56  1 N 1 A BNG 506 ? O2    ? G BNG 1   O2    
57  1 N 1 A BNG 506 ? O3    ? G BNG 1   O3    
58  1 N 1 A BNG 506 ? O4    ? G BNG 1   O4    
59  1 N 1 A BNG 506 ? O5    ? G BNG 1   O5    
60  1 N 1 A BNG 506 ? O6    ? G BNG 1   O6    
61  1 N 1 A BNG 507 ? "C4'" ? H BNG 1   "C4'" 
62  1 N 1 A BNG 507 ? "C5'" ? H BNG 1   "C5'" 
63  1 N 1 A BNG 507 ? "C6'" ? H BNG 1   "C6'" 
64  1 N 1 A BNG 507 ? "C7'" ? H BNG 1   "C7'" 
65  1 N 1 A BNG 507 ? "C8'" ? H BNG 1   "C8'" 
66  1 N 1 A BNG 507 ? "C9'" ? H BNG 1   "C9'" 
67  1 N 1 A BNG 508 ? C1    ? I BNG 1   C1    
68  1 N 1 A BNG 508 ? C2    ? I BNG 1   C2    
69  1 N 1 A BNG 508 ? C3    ? I BNG 1   C3    
70  1 N 1 A BNG 508 ? C4    ? I BNG 1   C4    
71  1 N 1 A BNG 508 ? C5    ? I BNG 1   C5    
72  1 N 1 A BNG 508 ? C6    ? I BNG 1   C6    
73  1 N 1 A BNG 508 ? O1    ? I BNG 1   O1    
74  1 N 1 A BNG 508 ? O2    ? I BNG 1   O2    
75  1 N 1 A BNG 508 ? O3    ? I BNG 1   O3    
76  1 N 1 A BNG 508 ? O4    ? I BNG 1   O4    
77  1 N 1 A BNG 508 ? O5    ? I BNG 1   O5    
78  1 N 1 A BNG 508 ? O6    ? I BNG 1   O6    
79  1 N 1 A BNG 510 ? C1    ? K BNG 1   C1    
80  1 N 1 A BNG 510 ? C2    ? K BNG 1   C2    
81  1 N 1 A BNG 510 ? C3    ? K BNG 1   C3    
82  1 N 1 A BNG 510 ? C4    ? K BNG 1   C4    
83  1 N 1 A BNG 510 ? C5    ? K BNG 1   C5    
84  1 N 1 A BNG 510 ? C6    ? K BNG 1   C6    
85  1 N 1 A BNG 510 ? O1    ? K BNG 1   O1    
86  1 N 1 A BNG 510 ? O2    ? K BNG 1   O2    
87  1 N 1 A BNG 510 ? O3    ? K BNG 1   O3    
88  1 N 1 A BNG 510 ? O4    ? K BNG 1   O4    
89  1 N 1 A BNG 510 ? O5    ? K BNG 1   O5    
90  1 N 1 A BNG 510 ? O6    ? K BNG 1   O6    
91  1 N 1 A BNG 511 ? C1    ? L BNG 1   C1    
92  1 N 1 A BNG 511 ? C2    ? L BNG 1   C2    
93  1 N 1 A BNG 511 ? C3    ? L BNG 1   C3    
94  1 N 1 A BNG 511 ? C4    ? L BNG 1   C4    
95  1 N 1 A BNG 511 ? C5    ? L BNG 1   C5    
96  1 N 1 A BNG 511 ? C6    ? L BNG 1   C6    
97  1 N 1 A BNG 511 ? "C1'" ? L BNG 1   "C1'" 
98  1 N 1 A BNG 511 ? "C2'" ? L BNG 1   "C2'" 
99  1 N 1 A BNG 511 ? "C3'" ? L BNG 1   "C3'" 
100 1 N 1 A BNG 511 ? O1    ? L BNG 1   O1    
101 1 N 1 A BNG 511 ? O2    ? L BNG 1   O2    
102 1 N 1 A BNG 511 ? O3    ? L BNG 1   O3    
103 1 N 1 A BNG 511 ? O4    ? L BNG 1   O4    
104 1 N 1 A BNG 511 ? O5    ? L BNG 1   O5    
105 1 N 1 A BNG 511 ? O6    ? L BNG 1   O6    
106 1 N 1 A BNG 512 ? C1    ? M BNG 1   C1    
107 1 N 1 A BNG 512 ? C2    ? M BNG 1   C2    
108 1 N 1 A BNG 512 ? C3    ? M BNG 1   C3    
109 1 N 1 A BNG 512 ? C4    ? M BNG 1   C4    
110 1 N 1 A BNG 512 ? C5    ? M BNG 1   C5    
111 1 N 1 A BNG 512 ? C6    ? M BNG 1   C6    
112 1 N 1 A BNG 512 ? "C1'" ? M BNG 1   "C1'" 
113 1 N 1 A BNG 512 ? O1    ? M BNG 1   O1    
114 1 N 1 A BNG 512 ? O2    ? M BNG 1   O2    
115 1 N 1 A BNG 512 ? O3    ? M BNG 1   O3    
116 1 N 1 A BNG 512 ? O4    ? M BNG 1   O4    
117 1 N 1 A BNG 512 ? O5    ? M BNG 1   O5    
118 1 N 1 A BNG 512 ? O6    ? M BNG 1   O6    
119 1 N 1 A BNG 513 ? C1    ? N BNG 1   C1    
120 1 N 1 A BNG 513 ? C2    ? N BNG 1   C2    
121 1 N 1 A BNG 513 ? C3    ? N BNG 1   C3    
122 1 N 1 A BNG 513 ? C4    ? N BNG 1   C4    
123 1 N 1 A BNG 513 ? C5    ? N BNG 1   C5    
124 1 N 1 A BNG 513 ? C6    ? N BNG 1   C6    
125 1 N 1 A BNG 513 ? "C1'" ? N BNG 1   "C1'" 
126 1 N 1 A BNG 513 ? O1    ? N BNG 1   O1    
127 1 N 1 A BNG 513 ? O2    ? N BNG 1   O2    
128 1 N 1 A BNG 513 ? O3    ? N BNG 1   O3    
129 1 N 1 A BNG 513 ? O4    ? N BNG 1   O4    
130 1 N 1 A BNG 513 ? O5    ? N BNG 1   O5    
131 1 N 1 A BNG 513 ? O6    ? N BNG 1   O6    
132 1 N 1 A BNG 514 ? C1    ? O BNG 1   C1    
133 1 N 1 A BNG 514 ? C2    ? O BNG 1   C2    
134 1 N 1 A BNG 514 ? C3    ? O BNG 1   C3    
135 1 N 1 A BNG 514 ? C4    ? O BNG 1   C4    
136 1 N 1 A BNG 514 ? C5    ? O BNG 1   C5    
137 1 N 1 A BNG 514 ? C6    ? O BNG 1   C6    
138 1 N 1 A BNG 514 ? "C1'" ? O BNG 1   "C1'" 
139 1 N 1 A BNG 514 ? "C2'" ? O BNG 1   "C2'" 
140 1 N 1 A BNG 514 ? "C3'" ? O BNG 1   "C3'" 
141 1 N 1 A BNG 514 ? "C4'" ? O BNG 1   "C4'" 
142 1 N 1 A BNG 514 ? O1    ? O BNG 1   O1    
143 1 N 1 A BNG 514 ? O2    ? O BNG 1   O2    
144 1 N 1 A BNG 514 ? O3    ? O BNG 1   O3    
145 1 N 1 A BNG 514 ? O4    ? O BNG 1   O4    
146 1 N 1 A BNG 514 ? O5    ? O BNG 1   O5    
147 1 N 1 A BNG 514 ? O6    ? O BNG 1   O6    
148 1 N 1 A BNG 515 ? C1    ? P BNG 1   C1    
149 1 N 1 A BNG 515 ? C2    ? P BNG 1   C2    
150 1 N 1 A BNG 515 ? C3    ? P BNG 1   C3    
151 1 N 1 A BNG 515 ? C4    ? P BNG 1   C4    
152 1 N 1 A BNG 515 ? C5    ? P BNG 1   C5    
153 1 N 1 A BNG 515 ? C6    ? P BNG 1   C6    
154 1 N 1 A BNG 515 ? "C1'" ? P BNG 1   "C1'" 
155 1 N 1 A BNG 515 ? O1    ? P BNG 1   O1    
156 1 N 1 A BNG 515 ? O2    ? P BNG 1   O2    
157 1 N 1 A BNG 515 ? O3    ? P BNG 1   O3    
158 1 N 1 A BNG 515 ? O4    ? P BNG 1   O4    
159 1 N 1 A BNG 515 ? O5    ? P BNG 1   O5    
160 1 N 1 A BNG 515 ? O6    ? P BNG 1   O6    
161 1 N 1 A BNG 516 ? C1    ? Q BNG 1   C1    
162 1 N 1 A BNG 516 ? C2    ? Q BNG 1   C2    
163 1 N 1 A BNG 516 ? C3    ? Q BNG 1   C3    
164 1 N 1 A BNG 516 ? C4    ? Q BNG 1   C4    
165 1 N 1 A BNG 516 ? C5    ? Q BNG 1   C5    
166 1 N 1 A BNG 516 ? C6    ? Q BNG 1   C6    
167 1 N 1 A BNG 516 ? "C1'" ? Q BNG 1   "C1'" 
168 1 N 1 A BNG 516 ? "C2'" ? Q BNG 1   "C2'" 
169 1 N 1 A BNG 516 ? O1    ? Q BNG 1   O1    
170 1 N 1 A BNG 516 ? O2    ? Q BNG 1   O2    
171 1 N 1 A BNG 516 ? O3    ? Q BNG 1   O3    
172 1 N 1 A BNG 516 ? O4    ? Q BNG 1   O4    
173 1 N 1 A BNG 516 ? O5    ? Q BNG 1   O5    
174 1 N 1 A BNG 516 ? O6    ? Q BNG 1   O6    
175 1 N 1 A BNG 517 ? C1    ? R BNG 1   C1    
176 1 N 1 A BNG 517 ? C2    ? R BNG 1   C2    
177 1 N 1 A BNG 517 ? C3    ? R BNG 1   C3    
178 1 N 1 A BNG 517 ? C4    ? R BNG 1   C4    
179 1 N 1 A BNG 517 ? C5    ? R BNG 1   C5    
180 1 N 1 A BNG 517 ? C6    ? R BNG 1   C6    
181 1 N 1 A BNG 517 ? "C1'" ? R BNG 1   "C1'" 
182 1 N 1 A BNG 517 ? "C2'" ? R BNG 1   "C2'" 
183 1 N 1 A BNG 517 ? "C3'" ? R BNG 1   "C3'" 
184 1 N 1 A BNG 517 ? "C4'" ? R BNG 1   "C4'" 
185 1 N 1 A BNG 517 ? O1    ? R BNG 1   O1    
186 1 N 1 A BNG 517 ? O2    ? R BNG 1   O2    
187 1 N 1 A BNG 517 ? O3    ? R BNG 1   O3    
188 1 N 1 A BNG 517 ? O4    ? R BNG 1   O4    
189 1 N 1 A BNG 517 ? O5    ? R BNG 1   O5    
190 1 N 1 A BNG 517 ? O6    ? R BNG 1   O6    
# 
loop_
_chem_comp_atom.comp_id 
_chem_comp_atom.atom_id 
_chem_comp_atom.type_symbol 
_chem_comp_atom.pdbx_aromatic_flag 
_chem_comp_atom.pdbx_stereo_config 
_chem_comp_atom.pdbx_ordinal 
ALA N      N N N 1   
ALA CA     C N S 2   
ALA C      C N N 3   
ALA O      O N N 4   
ALA CB     C N N 5   
ALA OXT    O N N 6   
ALA H      H N N 7   
ALA H2     H N N 8   
ALA HA     H N N 9   
ALA HB1    H N N 10  
ALA HB2    H N N 11  
ALA HB3    H N N 12  
ALA HXT    H N N 13  
ARG N      N N N 14  
ARG CA     C N S 15  
ARG C      C N N 16  
ARG O      O N N 17  
ARG CB     C N N 18  
ARG CG     C N N 19  
ARG CD     C N N 20  
ARG NE     N N N 21  
ARG CZ     C N N 22  
ARG NH1    N N N 23  
ARG NH2    N N N 24  
ARG OXT    O N N 25  
ARG H      H N N 26  
ARG H2     H N N 27  
ARG HA     H N N 28  
ARG HB2    H N N 29  
ARG HB3    H N N 30  
ARG HG2    H N N 31  
ARG HG3    H N N 32  
ARG HD2    H N N 33  
ARG HD3    H N N 34  
ARG HE     H N N 35  
ARG HH11   H N N 36  
ARG HH12   H N N 37  
ARG HH21   H N N 38  
ARG HH22   H N N 39  
ARG HXT    H N N 40  
ASN N      N N N 41  
ASN CA     C N S 42  
ASN C      C N N 43  
ASN O      O N N 44  
ASN CB     C N N 45  
ASN CG     C N N 46  
ASN OD1    O N N 47  
ASN ND2    N N N 48  
ASN OXT    O N N 49  
ASN H      H N N 50  
ASN H2     H N N 51  
ASN HA     H N N 52  
ASN HB2    H N N 53  
ASN HB3    H N N 54  
ASN HD21   H N N 55  
ASN HD22   H N N 56  
ASN HXT    H N N 57  
ASP N      N N N 58  
ASP CA     C N S 59  
ASP C      C N N 60  
ASP O      O N N 61  
ASP CB     C N N 62  
ASP CG     C N N 63  
ASP OD1    O N N 64  
ASP OD2    O N N 65  
ASP OXT    O N N 66  
ASP H      H N N 67  
ASP H2     H N N 68  
ASP HA     H N N 69  
ASP HB2    H N N 70  
ASP HB3    H N N 71  
ASP HD2    H N N 72  
ASP HXT    H N N 73  
BNG C1     C N R 74  
BNG C2     C N R 75  
BNG C3     C N S 76  
BNG C4     C N S 77  
BNG C5     C N R 78  
BNG C6     C N N 79  
BNG "C1'"  C N N 80  
BNG "C2'"  C N N 81  
BNG "C3'"  C N N 82  
BNG "C4'"  C N N 83  
BNG "C5'"  C N N 84  
BNG "C6'"  C N N 85  
BNG "C7'"  C N N 86  
BNG "C8'"  C N N 87  
BNG "C9'"  C N N 88  
BNG O1     O N N 89  
BNG O2     O N N 90  
BNG O3     O N N 91  
BNG O4     O N N 92  
BNG O5     O N N 93  
BNG O6     O N N 94  
BNG H1     H N N 95  
BNG H2     H N N 96  
BNG H3     H N N 97  
BNG H4     H N N 98  
BNG H5     H N N 99  
BNG H61    H N N 100 
BNG H62    H N N 101 
BNG "H1'1" H N N 102 
BNG "H1'2" H N N 103 
BNG "H2'1" H N N 104 
BNG "H2'2" H N N 105 
BNG "H3'1" H N N 106 
BNG "H3'2" H N N 107 
BNG "H4'1" H N N 108 
BNG "H4'2" H N N 109 
BNG "H5'1" H N N 110 
BNG "H5'2" H N N 111 
BNG "H6'1" H N N 112 
BNG "H6'2" H N N 113 
BNG "H7'1" H N N 114 
BNG "H7'2" H N N 115 
BNG "H8'1" H N N 116 
BNG "H8'2" H N N 117 
BNG "H9'1" H N N 118 
BNG "H9'2" H N N 119 
BNG "H9'3" H N N 120 
BNG HO2    H N N 121 
BNG HO3    H N N 122 
BNG HO4    H N N 123 
BNG HO6    H N N 124 
CYS N      N N N 125 
CYS CA     C N R 126 
CYS C      C N N 127 
CYS O      O N N 128 
CYS CB     C N N 129 
CYS SG     S N N 130 
CYS OXT    O N N 131 
CYS H      H N N 132 
CYS H2     H N N 133 
CYS HA     H N N 134 
CYS HB2    H N N 135 
CYS HB3    H N N 136 
CYS HG     H N N 137 
CYS HXT    H N N 138 
GLN N      N N N 139 
GLN CA     C N S 140 
GLN C      C N N 141 
GLN O      O N N 142 
GLN CB     C N N 143 
GLN CG     C N N 144 
GLN CD     C N N 145 
GLN OE1    O N N 146 
GLN NE2    N N N 147 
GLN OXT    O N N 148 
GLN H      H N N 149 
GLN H2     H N N 150 
GLN HA     H N N 151 
GLN HB2    H N N 152 
GLN HB3    H N N 153 
GLN HG2    H N N 154 
GLN HG3    H N N 155 
GLN HE21   H N N 156 
GLN HE22   H N N 157 
GLN HXT    H N N 158 
GLU N      N N N 159 
GLU CA     C N S 160 
GLU C      C N N 161 
GLU O      O N N 162 
GLU CB     C N N 163 
GLU CG     C N N 164 
GLU CD     C N N 165 
GLU OE1    O N N 166 
GLU OE2    O N N 167 
GLU OXT    O N N 168 
GLU H      H N N 169 
GLU H2     H N N 170 
GLU HA     H N N 171 
GLU HB2    H N N 172 
GLU HB3    H N N 173 
GLU HG2    H N N 174 
GLU HG3    H N N 175 
GLU HE2    H N N 176 
GLU HXT    H N N 177 
GLY N      N N N 178 
GLY CA     C N N 179 
GLY C      C N N 180 
GLY O      O N N 181 
GLY OXT    O N N 182 
GLY H      H N N 183 
GLY H2     H N N 184 
GLY HA2    H N N 185 
GLY HA3    H N N 186 
GLY HXT    H N N 187 
HIS N      N N N 188 
HIS CA     C N S 189 
HIS C      C N N 190 
HIS O      O N N 191 
HIS CB     C N N 192 
HIS CG     C Y N 193 
HIS ND1    N Y N 194 
HIS CD2    C Y N 195 
HIS CE1    C Y N 196 
HIS NE2    N Y N 197 
HIS OXT    O N N 198 
HIS H      H N N 199 
HIS H2     H N N 200 
HIS HA     H N N 201 
HIS HB2    H N N 202 
HIS HB3    H N N 203 
HIS HD1    H N N 204 
HIS HD2    H N N 205 
HIS HE1    H N N 206 
HIS HE2    H N N 207 
HIS HXT    H N N 208 
HOH O      O N N 209 
HOH H1     H N N 210 
HOH H2     H N N 211 
ILE N      N N N 212 
ILE CA     C N S 213 
ILE C      C N N 214 
ILE O      O N N 215 
ILE CB     C N S 216 
ILE CG1    C N N 217 
ILE CG2    C N N 218 
ILE CD1    C N N 219 
ILE OXT    O N N 220 
ILE H      H N N 221 
ILE H2     H N N 222 
ILE HA     H N N 223 
ILE HB     H N N 224 
ILE HG12   H N N 225 
ILE HG13   H N N 226 
ILE HG21   H N N 227 
ILE HG22   H N N 228 
ILE HG23   H N N 229 
ILE HD11   H N N 230 
ILE HD12   H N N 231 
ILE HD13   H N N 232 
ILE HXT    H N N 233 
LEU N      N N N 234 
LEU CA     C N S 235 
LEU C      C N N 236 
LEU O      O N N 237 
LEU CB     C N N 238 
LEU CG     C N N 239 
LEU CD1    C N N 240 
LEU CD2    C N N 241 
LEU OXT    O N N 242 
LEU H      H N N 243 
LEU H2     H N N 244 
LEU HA     H N N 245 
LEU HB2    H N N 246 
LEU HB3    H N N 247 
LEU HG     H N N 248 
LEU HD11   H N N 249 
LEU HD12   H N N 250 
LEU HD13   H N N 251 
LEU HD21   H N N 252 
LEU HD22   H N N 253 
LEU HD23   H N N 254 
LEU HXT    H N N 255 
LYS N      N N N 256 
LYS CA     C N S 257 
LYS C      C N N 258 
LYS O      O N N 259 
LYS CB     C N N 260 
LYS CG     C N N 261 
LYS CD     C N N 262 
LYS CE     C N N 263 
LYS NZ     N N N 264 
LYS OXT    O N N 265 
LYS H      H N N 266 
LYS H2     H N N 267 
LYS HA     H N N 268 
LYS HB2    H N N 269 
LYS HB3    H N N 270 
LYS HG2    H N N 271 
LYS HG3    H N N 272 
LYS HD2    H N N 273 
LYS HD3    H N N 274 
LYS HE2    H N N 275 
LYS HE3    H N N 276 
LYS HZ1    H N N 277 
LYS HZ2    H N N 278 
LYS HZ3    H N N 279 
LYS HXT    H N N 280 
MET N      N N N 281 
MET CA     C N S 282 
MET C      C N N 283 
MET O      O N N 284 
MET CB     C N N 285 
MET CG     C N N 286 
MET SD     S N N 287 
MET CE     C N N 288 
MET OXT    O N N 289 
MET H      H N N 290 
MET H2     H N N 291 
MET HA     H N N 292 
MET HB2    H N N 293 
MET HB3    H N N 294 
MET HG2    H N N 295 
MET HG3    H N N 296 
MET HE1    H N N 297 
MET HE2    H N N 298 
MET HE3    H N N 299 
MET HXT    H N N 300 
PHE N      N N N 301 
PHE CA     C N S 302 
PHE C      C N N 303 
PHE O      O N N 304 
PHE CB     C N N 305 
PHE CG     C Y N 306 
PHE CD1    C Y N 307 
PHE CD2    C Y N 308 
PHE CE1    C Y N 309 
PHE CE2    C Y N 310 
PHE CZ     C Y N 311 
PHE OXT    O N N 312 
PHE H      H N N 313 
PHE H2     H N N 314 
PHE HA     H N N 315 
PHE HB2    H N N 316 
PHE HB3    H N N 317 
PHE HD1    H N N 318 
PHE HD2    H N N 319 
PHE HE1    H N N 320 
PHE HE2    H N N 321 
PHE HZ     H N N 322 
PHE HXT    H N N 323 
PRO N      N N N 324 
PRO CA     C N S 325 
PRO C      C N N 326 
PRO O      O N N 327 
PRO CB     C N N 328 
PRO CG     C N N 329 
PRO CD     C N N 330 
PRO OXT    O N N 331 
PRO H      H N N 332 
PRO HA     H N N 333 
PRO HB2    H N N 334 
PRO HB3    H N N 335 
PRO HG2    H N N 336 
PRO HG3    H N N 337 
PRO HD2    H N N 338 
PRO HD3    H N N 339 
PRO HXT    H N N 340 
SER N      N N N 341 
SER CA     C N S 342 
SER C      C N N 343 
SER O      O N N 344 
SER CB     C N N 345 
SER OG     O N N 346 
SER OXT    O N N 347 
SER H      H N N 348 
SER H2     H N N 349 
SER HA     H N N 350 
SER HB2    H N N 351 
SER HB3    H N N 352 
SER HG     H N N 353 
SER HXT    H N N 354 
THR N      N N N 355 
THR CA     C N S 356 
THR C      C N N 357 
THR O      O N N 358 
THR CB     C N R 359 
THR OG1    O N N 360 
THR CG2    C N N 361 
THR OXT    O N N 362 
THR H      H N N 363 
THR H2     H N N 364 
THR HA     H N N 365 
THR HB     H N N 366 
THR HG1    H N N 367 
THR HG21   H N N 368 
THR HG22   H N N 369 
THR HG23   H N N 370 
THR HXT    H N N 371 
TRP N      N N N 372 
TRP CA     C N S 373 
TRP C      C N N 374 
TRP O      O N N 375 
TRP CB     C N N 376 
TRP CG     C Y N 377 
TRP CD1    C Y N 378 
TRP CD2    C Y N 379 
TRP NE1    N Y N 380 
TRP CE2    C Y N 381 
TRP CE3    C Y N 382 
TRP CZ2    C Y N 383 
TRP CZ3    C Y N 384 
TRP CH2    C Y N 385 
TRP OXT    O N N 386 
TRP H      H N N 387 
TRP H2     H N N 388 
TRP HA     H N N 389 
TRP HB2    H N N 390 
TRP HB3    H N N 391 
TRP HD1    H N N 392 
TRP HE1    H N N 393 
TRP HE3    H N N 394 
TRP HZ2    H N N 395 
TRP HZ3    H N N 396 
TRP HH2    H N N 397 
TRP HXT    H N N 398 
TYR N      N N N 399 
TYR CA     C N S 400 
TYR C      C N N 401 
TYR O      O N N 402 
TYR CB     C N N 403 
TYR CG     C Y N 404 
TYR CD1    C Y N 405 
TYR CD2    C Y N 406 
TYR CE1    C Y N 407 
TYR CE2    C Y N 408 
TYR CZ     C Y N 409 
TYR OH     O N N 410 
TYR OXT    O N N 411 
TYR H      H N N 412 
TYR H2     H N N 413 
TYR HA     H N N 414 
TYR HB2    H N N 415 
TYR HB3    H N N 416 
TYR HD1    H N N 417 
TYR HD2    H N N 418 
TYR HE1    H N N 419 
TYR HE2    H N N 420 
TYR HH     H N N 421 
TYR HXT    H N N 422 
VAL N      N N N 423 
VAL CA     C N S 424 
VAL C      C N N 425 
VAL O      O N N 426 
VAL CB     C N N 427 
VAL CG1    C N N 428 
VAL CG2    C N N 429 
VAL OXT    O N N 430 
VAL H      H N N 431 
VAL H2     H N N 432 
VAL HA     H N N 433 
VAL HB     H N N 434 
VAL HG11   H N N 435 
VAL HG12   H N N 436 
VAL HG13   H N N 437 
VAL HG21   H N N 438 
VAL HG22   H N N 439 
VAL HG23   H N N 440 
VAL HXT    H N N 441 
# 
loop_
_chem_comp_bond.comp_id 
_chem_comp_bond.atom_id_1 
_chem_comp_bond.atom_id_2 
_chem_comp_bond.value_order 
_chem_comp_bond.pdbx_aromatic_flag 
_chem_comp_bond.pdbx_stereo_config 
_chem_comp_bond.pdbx_ordinal 
ALA N     CA     sing N N 1   
ALA N     H      sing N N 2   
ALA N     H2     sing N N 3   
ALA CA    C      sing N N 4   
ALA CA    CB     sing N N 5   
ALA CA    HA     sing N N 6   
ALA C     O      doub N N 7   
ALA C     OXT    sing N N 8   
ALA CB    HB1    sing N N 9   
ALA CB    HB2    sing N N 10  
ALA CB    HB3    sing N N 11  
ALA OXT   HXT    sing N N 12  
ARG N     CA     sing N N 13  
ARG N     H      sing N N 14  
ARG N     H2     sing N N 15  
ARG CA    C      sing N N 16  
ARG CA    CB     sing N N 17  
ARG CA    HA     sing N N 18  
ARG C     O      doub N N 19  
ARG C     OXT    sing N N 20  
ARG CB    CG     sing N N 21  
ARG CB    HB2    sing N N 22  
ARG CB    HB3    sing N N 23  
ARG CG    CD     sing N N 24  
ARG CG    HG2    sing N N 25  
ARG CG    HG3    sing N N 26  
ARG CD    NE     sing N N 27  
ARG CD    HD2    sing N N 28  
ARG CD    HD3    sing N N 29  
ARG NE    CZ     sing N N 30  
ARG NE    HE     sing N N 31  
ARG CZ    NH1    sing N N 32  
ARG CZ    NH2    doub N N 33  
ARG NH1   HH11   sing N N 34  
ARG NH1   HH12   sing N N 35  
ARG NH2   HH21   sing N N 36  
ARG NH2   HH22   sing N N 37  
ARG OXT   HXT    sing N N 38  
ASN N     CA     sing N N 39  
ASN N     H      sing N N 40  
ASN N     H2     sing N N 41  
ASN CA    C      sing N N 42  
ASN CA    CB     sing N N 43  
ASN CA    HA     sing N N 44  
ASN C     O      doub N N 45  
ASN C     OXT    sing N N 46  
ASN CB    CG     sing N N 47  
ASN CB    HB2    sing N N 48  
ASN CB    HB3    sing N N 49  
ASN CG    OD1    doub N N 50  
ASN CG    ND2    sing N N 51  
ASN ND2   HD21   sing N N 52  
ASN ND2   HD22   sing N N 53  
ASN OXT   HXT    sing N N 54  
ASP N     CA     sing N N 55  
ASP N     H      sing N N 56  
ASP N     H2     sing N N 57  
ASP CA    C      sing N N 58  
ASP CA    CB     sing N N 59  
ASP CA    HA     sing N N 60  
ASP C     O      doub N N 61  
ASP C     OXT    sing N N 62  
ASP CB    CG     sing N N 63  
ASP CB    HB2    sing N N 64  
ASP CB    HB3    sing N N 65  
ASP CG    OD1    doub N N 66  
ASP CG    OD2    sing N N 67  
ASP OD2   HD2    sing N N 68  
ASP OXT   HXT    sing N N 69  
BNG C1    C2     sing N N 70  
BNG C1    O1     sing N N 71  
BNG C1    O5     sing N N 72  
BNG C1    H1     sing N N 73  
BNG C2    C3     sing N N 74  
BNG C2    O2     sing N N 75  
BNG C2    H2     sing N N 76  
BNG C3    C4     sing N N 77  
BNG C3    O3     sing N N 78  
BNG C3    H3     sing N N 79  
BNG C4    C5     sing N N 80  
BNG C4    O4     sing N N 81  
BNG C4    H4     sing N N 82  
BNG C5    C6     sing N N 83  
BNG C5    O5     sing N N 84  
BNG C5    H5     sing N N 85  
BNG C6    O6     sing N N 86  
BNG C6    H61    sing N N 87  
BNG C6    H62    sing N N 88  
BNG "C1'" "C2'"  sing N N 89  
BNG "C1'" O1     sing N N 90  
BNG "C1'" "H1'1" sing N N 91  
BNG "C1'" "H1'2" sing N N 92  
BNG "C2'" "C3'"  sing N N 93  
BNG "C2'" "H2'1" sing N N 94  
BNG "C2'" "H2'2" sing N N 95  
BNG "C3'" "C4'"  sing N N 96  
BNG "C3'" "H3'1" sing N N 97  
BNG "C3'" "H3'2" sing N N 98  
BNG "C4'" "C5'"  sing N N 99  
BNG "C4'" "H4'1" sing N N 100 
BNG "C4'" "H4'2" sing N N 101 
BNG "C5'" "C6'"  sing N N 102 
BNG "C5'" "H5'1" sing N N 103 
BNG "C5'" "H5'2" sing N N 104 
BNG "C6'" "C7'"  sing N N 105 
BNG "C6'" "H6'1" sing N N 106 
BNG "C6'" "H6'2" sing N N 107 
BNG "C7'" "C8'"  sing N N 108 
BNG "C7'" "H7'1" sing N N 109 
BNG "C7'" "H7'2" sing N N 110 
BNG "C8'" "C9'"  sing N N 111 
BNG "C8'" "H8'1" sing N N 112 
BNG "C8'" "H8'2" sing N N 113 
BNG "C9'" "H9'1" sing N N 114 
BNG "C9'" "H9'2" sing N N 115 
BNG "C9'" "H9'3" sing N N 116 
BNG O2    HO2    sing N N 117 
BNG O3    HO3    sing N N 118 
BNG O4    HO4    sing N N 119 
BNG O6    HO6    sing N N 120 
CYS N     CA     sing N N 121 
CYS N     H      sing N N 122 
CYS N     H2     sing N N 123 
CYS CA    C      sing N N 124 
CYS CA    CB     sing N N 125 
CYS CA    HA     sing N N 126 
CYS C     O      doub N N 127 
CYS C     OXT    sing N N 128 
CYS CB    SG     sing N N 129 
CYS CB    HB2    sing N N 130 
CYS CB    HB3    sing N N 131 
CYS SG    HG     sing N N 132 
CYS OXT   HXT    sing N N 133 
GLN N     CA     sing N N 134 
GLN N     H      sing N N 135 
GLN N     H2     sing N N 136 
GLN CA    C      sing N N 137 
GLN CA    CB     sing N N 138 
GLN CA    HA     sing N N 139 
GLN C     O      doub N N 140 
GLN C     OXT    sing N N 141 
GLN CB    CG     sing N N 142 
GLN CB    HB2    sing N N 143 
GLN CB    HB3    sing N N 144 
GLN CG    CD     sing N N 145 
GLN CG    HG2    sing N N 146 
GLN CG    HG3    sing N N 147 
GLN CD    OE1    doub N N 148 
GLN CD    NE2    sing N N 149 
GLN NE2   HE21   sing N N 150 
GLN NE2   HE22   sing N N 151 
GLN OXT   HXT    sing N N 152 
GLU N     CA     sing N N 153 
GLU N     H      sing N N 154 
GLU N     H2     sing N N 155 
GLU CA    C      sing N N 156 
GLU CA    CB     sing N N 157 
GLU CA    HA     sing N N 158 
GLU C     O      doub N N 159 
GLU C     OXT    sing N N 160 
GLU CB    CG     sing N N 161 
GLU CB    HB2    sing N N 162 
GLU CB    HB3    sing N N 163 
GLU CG    CD     sing N N 164 
GLU CG    HG2    sing N N 165 
GLU CG    HG3    sing N N 166 
GLU CD    OE1    doub N N 167 
GLU CD    OE2    sing N N 168 
GLU OE2   HE2    sing N N 169 
GLU OXT   HXT    sing N N 170 
GLY N     CA     sing N N 171 
GLY N     H      sing N N 172 
GLY N     H2     sing N N 173 
GLY CA    C      sing N N 174 
GLY CA    HA2    sing N N 175 
GLY CA    HA3    sing N N 176 
GLY C     O      doub N N 177 
GLY C     OXT    sing N N 178 
GLY OXT   HXT    sing N N 179 
HIS N     CA     sing N N 180 
HIS N     H      sing N N 181 
HIS N     H2     sing N N 182 
HIS CA    C      sing N N 183 
HIS CA    CB     sing N N 184 
HIS CA    HA     sing N N 185 
HIS C     O      doub N N 186 
HIS C     OXT    sing N N 187 
HIS CB    CG     sing N N 188 
HIS CB    HB2    sing N N 189 
HIS CB    HB3    sing N N 190 
HIS CG    ND1    sing Y N 191 
HIS CG    CD2    doub Y N 192 
HIS ND1   CE1    doub Y N 193 
HIS ND1   HD1    sing N N 194 
HIS CD2   NE2    sing Y N 195 
HIS CD2   HD2    sing N N 196 
HIS CE1   NE2    sing Y N 197 
HIS CE1   HE1    sing N N 198 
HIS NE2   HE2    sing N N 199 
HIS OXT   HXT    sing N N 200 
HOH O     H1     sing N N 201 
HOH O     H2     sing N N 202 
ILE N     CA     sing N N 203 
ILE N     H      sing N N 204 
ILE N     H2     sing N N 205 
ILE CA    C      sing N N 206 
ILE CA    CB     sing N N 207 
ILE CA    HA     sing N N 208 
ILE C     O      doub N N 209 
ILE C     OXT    sing N N 210 
ILE CB    CG1    sing N N 211 
ILE CB    CG2    sing N N 212 
ILE CB    HB     sing N N 213 
ILE CG1   CD1    sing N N 214 
ILE CG1   HG12   sing N N 215 
ILE CG1   HG13   sing N N 216 
ILE CG2   HG21   sing N N 217 
ILE CG2   HG22   sing N N 218 
ILE CG2   HG23   sing N N 219 
ILE CD1   HD11   sing N N 220 
ILE CD1   HD12   sing N N 221 
ILE CD1   HD13   sing N N 222 
ILE OXT   HXT    sing N N 223 
LEU N     CA     sing N N 224 
LEU N     H      sing N N 225 
LEU N     H2     sing N N 226 
LEU CA    C      sing N N 227 
LEU CA    CB     sing N N 228 
LEU CA    HA     sing N N 229 
LEU C     O      doub N N 230 
LEU C     OXT    sing N N 231 
LEU CB    CG     sing N N 232 
LEU CB    HB2    sing N N 233 
LEU CB    HB3    sing N N 234 
LEU CG    CD1    sing N N 235 
LEU CG    CD2    sing N N 236 
LEU CG    HG     sing N N 237 
LEU CD1   HD11   sing N N 238 
LEU CD1   HD12   sing N N 239 
LEU CD1   HD13   sing N N 240 
LEU CD2   HD21   sing N N 241 
LEU CD2   HD22   sing N N 242 
LEU CD2   HD23   sing N N 243 
LEU OXT   HXT    sing N N 244 
LYS N     CA     sing N N 245 
LYS N     H      sing N N 246 
LYS N     H2     sing N N 247 
LYS CA    C      sing N N 248 
LYS CA    CB     sing N N 249 
LYS CA    HA     sing N N 250 
LYS C     O      doub N N 251 
LYS C     OXT    sing N N 252 
LYS CB    CG     sing N N 253 
LYS CB    HB2    sing N N 254 
LYS CB    HB3    sing N N 255 
LYS CG    CD     sing N N 256 
LYS CG    HG2    sing N N 257 
LYS CG    HG3    sing N N 258 
LYS CD    CE     sing N N 259 
LYS CD    HD2    sing N N 260 
LYS CD    HD3    sing N N 261 
LYS CE    NZ     sing N N 262 
LYS CE    HE2    sing N N 263 
LYS CE    HE3    sing N N 264 
LYS NZ    HZ1    sing N N 265 
LYS NZ    HZ2    sing N N 266 
LYS NZ    HZ3    sing N N 267 
LYS OXT   HXT    sing N N 268 
MET N     CA     sing N N 269 
MET N     H      sing N N 270 
MET N     H2     sing N N 271 
MET CA    C      sing N N 272 
MET CA    CB     sing N N 273 
MET CA    HA     sing N N 274 
MET C     O      doub N N 275 
MET C     OXT    sing N N 276 
MET CB    CG     sing N N 277 
MET CB    HB2    sing N N 278 
MET CB    HB3    sing N N 279 
MET CG    SD     sing N N 280 
MET CG    HG2    sing N N 281 
MET CG    HG3    sing N N 282 
MET SD    CE     sing N N 283 
MET CE    HE1    sing N N 284 
MET CE    HE2    sing N N 285 
MET CE    HE3    sing N N 286 
MET OXT   HXT    sing N N 287 
PHE N     CA     sing N N 288 
PHE N     H      sing N N 289 
PHE N     H2     sing N N 290 
PHE CA    C      sing N N 291 
PHE CA    CB     sing N N 292 
PHE CA    HA     sing N N 293 
PHE C     O      doub N N 294 
PHE C     OXT    sing N N 295 
PHE CB    CG     sing N N 296 
PHE CB    HB2    sing N N 297 
PHE CB    HB3    sing N N 298 
PHE CG    CD1    doub Y N 299 
PHE CG    CD2    sing Y N 300 
PHE CD1   CE1    sing Y N 301 
PHE CD1   HD1    sing N N 302 
PHE CD2   CE2    doub Y N 303 
PHE CD2   HD2    sing N N 304 
PHE CE1   CZ     doub Y N 305 
PHE CE1   HE1    sing N N 306 
PHE CE2   CZ     sing Y N 307 
PHE CE2   HE2    sing N N 308 
PHE CZ    HZ     sing N N 309 
PHE OXT   HXT    sing N N 310 
PRO N     CA     sing N N 311 
PRO N     CD     sing N N 312 
PRO N     H      sing N N 313 
PRO CA    C      sing N N 314 
PRO CA    CB     sing N N 315 
PRO CA    HA     sing N N 316 
PRO C     O      doub N N 317 
PRO C     OXT    sing N N 318 
PRO CB    CG     sing N N 319 
PRO CB    HB2    sing N N 320 
PRO CB    HB3    sing N N 321 
PRO CG    CD     sing N N 322 
PRO CG    HG2    sing N N 323 
PRO CG    HG3    sing N N 324 
PRO CD    HD2    sing N N 325 
PRO CD    HD3    sing N N 326 
PRO OXT   HXT    sing N N 327 
SER N     CA     sing N N 328 
SER N     H      sing N N 329 
SER N     H2     sing N N 330 
SER CA    C      sing N N 331 
SER CA    CB     sing N N 332 
SER CA    HA     sing N N 333 
SER C     O      doub N N 334 
SER C     OXT    sing N N 335 
SER CB    OG     sing N N 336 
SER CB    HB2    sing N N 337 
SER CB    HB3    sing N N 338 
SER OG    HG     sing N N 339 
SER OXT   HXT    sing N N 340 
THR N     CA     sing N N 341 
THR N     H      sing N N 342 
THR N     H2     sing N N 343 
THR CA    C      sing N N 344 
THR CA    CB     sing N N 345 
THR CA    HA     sing N N 346 
THR C     O      doub N N 347 
THR C     OXT    sing N N 348 
THR CB    OG1    sing N N 349 
THR CB    CG2    sing N N 350 
THR CB    HB     sing N N 351 
THR OG1   HG1    sing N N 352 
THR CG2   HG21   sing N N 353 
THR CG2   HG22   sing N N 354 
THR CG2   HG23   sing N N 355 
THR OXT   HXT    sing N N 356 
TRP N     CA     sing N N 357 
TRP N     H      sing N N 358 
TRP N     H2     sing N N 359 
TRP CA    C      sing N N 360 
TRP CA    CB     sing N N 361 
TRP CA    HA     sing N N 362 
TRP C     O      doub N N 363 
TRP C     OXT    sing N N 364 
TRP CB    CG     sing N N 365 
TRP CB    HB2    sing N N 366 
TRP CB    HB3    sing N N 367 
TRP CG    CD1    doub Y N 368 
TRP CG    CD2    sing Y N 369 
TRP CD1   NE1    sing Y N 370 
TRP CD1   HD1    sing N N 371 
TRP CD2   CE2    doub Y N 372 
TRP CD2   CE3    sing Y N 373 
TRP NE1   CE2    sing Y N 374 
TRP NE1   HE1    sing N N 375 
TRP CE2   CZ2    sing Y N 376 
TRP CE3   CZ3    doub Y N 377 
TRP CE3   HE3    sing N N 378 
TRP CZ2   CH2    doub Y N 379 
TRP CZ2   HZ2    sing N N 380 
TRP CZ3   CH2    sing Y N 381 
TRP CZ3   HZ3    sing N N 382 
TRP CH2   HH2    sing N N 383 
TRP OXT   HXT    sing N N 384 
TYR N     CA     sing N N 385 
TYR N     H      sing N N 386 
TYR N     H2     sing N N 387 
TYR CA    C      sing N N 388 
TYR CA    CB     sing N N 389 
TYR CA    HA     sing N N 390 
TYR C     O      doub N N 391 
TYR C     OXT    sing N N 392 
TYR CB    CG     sing N N 393 
TYR CB    HB2    sing N N 394 
TYR CB    HB3    sing N N 395 
TYR CG    CD1    doub Y N 396 
TYR CG    CD2    sing Y N 397 
TYR CD1   CE1    sing Y N 398 
TYR CD1   HD1    sing N N 399 
TYR CD2   CE2    doub Y N 400 
TYR CD2   HD2    sing N N 401 
TYR CE1   CZ     doub Y N 402 
TYR CE1   HE1    sing N N 403 
TYR CE2   CZ     sing Y N 404 
TYR CE2   HE2    sing N N 405 
TYR CZ    OH     sing N N 406 
TYR OH    HH     sing N N 407 
TYR OXT   HXT    sing N N 408 
VAL N     CA     sing N N 409 
VAL N     H      sing N N 410 
VAL N     H2     sing N N 411 
VAL CA    C      sing N N 412 
VAL CA    CB     sing N N 413 
VAL CA    HA     sing N N 414 
VAL C     O      doub N N 415 
VAL C     OXT    sing N N 416 
VAL CB    CG1    sing N N 417 
VAL CB    CG2    sing N N 418 
VAL CB    HB     sing N N 419 
VAL CG1   HG11   sing N N 420 
VAL CG1   HG12   sing N N 421 
VAL CG1   HG13   sing N N 422 
VAL CG2   HG21   sing N N 423 
VAL CG2   HG22   sing N N 424 
VAL CG2   HG23   sing N N 425 
VAL OXT   HXT    sing N N 426 
# 
_pdbx_chem_comp_identifier.comp_id           BNG 
_pdbx_chem_comp_identifier.type              'IUPAC CARBOHYDRATE SYMBOL' 
_pdbx_chem_comp_identifier.program           PDB-CARE 
_pdbx_chem_comp_identifier.program_version   1.0 
_pdbx_chem_comp_identifier.identifier        b-nonylglucoside 
# 
loop_
_pdbx_entity_nonpoly.entity_id 
_pdbx_entity_nonpoly.name 
_pdbx_entity_nonpoly.comp_id 
2 'nonyl beta-D-glucopyranoside' BNG 
3 water                          HOH 
# 
_pdbx_initial_refinement_model.id               1 
_pdbx_initial_refinement_model.entity_id_list   ? 
_pdbx_initial_refinement_model.type             'experimental model' 
_pdbx_initial_refinement_model.source_name      PDB 
_pdbx_initial_refinement_model.accession_code   2IC8 
_pdbx_initial_refinement_model.details          ? 
# 
